data_5VXQ
# 
_entry.id   5VXQ 
# 
_audit_conform.dict_name       mmcif_pdbx.dic 
_audit_conform.dict_version    5.387 
_audit_conform.dict_location   http://mmcif.pdb.org/dictionaries/ascii/mmcif_pdbx.dic 
# 
loop_
_database_2.database_id 
_database_2.database_code 
_database_2.pdbx_database_accession 
_database_2.pdbx_DOI 
PDB   5VXQ         pdb_00005vxq 10.2210/pdb5vxq/pdb 
WWPDB D_1000227261 ?            ?                   
# 
loop_
_pdbx_audit_revision_history.ordinal 
_pdbx_audit_revision_history.data_content_type 
_pdbx_audit_revision_history.major_revision 
_pdbx_audit_revision_history.minor_revision 
_pdbx_audit_revision_history.revision_date 
1 'Structure model' 1 0 2017-08-16 
2 'Structure model' 1 1 2017-08-23 
3 'Structure model' 1 2 2017-10-11 
4 'Structure model' 1 3 2024-03-13 
# 
_pdbx_audit_revision_details.ordinal             1 
_pdbx_audit_revision_details.revision_ordinal    1 
_pdbx_audit_revision_details.data_content_type   'Structure model' 
_pdbx_audit_revision_details.provider            repository 
_pdbx_audit_revision_details.type                'Initial release' 
_pdbx_audit_revision_details.description         ? 
_pdbx_audit_revision_details.details             ? 
# 
loop_
_pdbx_audit_revision_group.ordinal 
_pdbx_audit_revision_group.revision_ordinal 
_pdbx_audit_revision_group.data_content_type 
_pdbx_audit_revision_group.group 
1 2 'Structure model' 'Database references' 
2 3 'Structure model' 'Database references' 
3 4 'Structure model' 'Data collection'     
4 4 'Structure model' 'Database references' 
# 
loop_
_pdbx_audit_revision_category.ordinal 
_pdbx_audit_revision_category.revision_ordinal 
_pdbx_audit_revision_category.data_content_type 
_pdbx_audit_revision_category.category 
1 2 'Structure model' citation        
2 2 'Structure model' citation_author 
3 3 'Structure model' citation        
4 3 'Structure model' citation_author 
5 4 'Structure model' chem_comp_atom  
6 4 'Structure model' chem_comp_bond  
7 4 'Structure model' database_2      
# 
loop_
_pdbx_audit_revision_item.ordinal 
_pdbx_audit_revision_item.revision_ordinal 
_pdbx_audit_revision_item.data_content_type 
_pdbx_audit_revision_item.item 
1  2 'Structure model' '_citation.country'                   
2  2 'Structure model' '_citation.journal_abbrev'            
3  2 'Structure model' '_citation.journal_id_ASTM'           
4  2 'Structure model' '_citation.journal_id_CSD'            
5  2 'Structure model' '_citation.journal_id_ISSN'           
6  2 'Structure model' '_citation.pdbx_database_id_DOI'      
7  2 'Structure model' '_citation.title'                     
8  2 'Structure model' '_citation.year'                      
9  3 'Structure model' '_citation.journal_volume'            
10 3 'Structure model' '_citation.page_first'                
11 3 'Structure model' '_citation.page_last'                 
12 3 'Structure model' '_citation.pdbx_database_id_PubMed'   
13 3 'Structure model' '_citation.title'                     
14 3 'Structure model' '_citation_author.name'               
15 4 'Structure model' '_database_2.pdbx_DOI'                
16 4 'Structure model' '_database_2.pdbx_database_accession' 
# 
_pdbx_database_status.status_code                     REL 
_pdbx_database_status.status_code_sf                  REL 
_pdbx_database_status.status_code_mr                  ? 
_pdbx_database_status.entry_id                        5VXQ 
_pdbx_database_status.recvd_initial_deposition_date   2017-05-23 
_pdbx_database_status.SG_entry                        N 
_pdbx_database_status.deposit_site                    RCSB 
_pdbx_database_status.process_site                    RCSB 
_pdbx_database_status.status_code_cs                  ? 
_pdbx_database_status.methods_development_category    ? 
_pdbx_database_status.pdb_format_compatible           Y 
_pdbx_database_status.status_code_nmr_data            ? 
# 
loop_
_audit_author.name 
_audit_author.pdbx_ordinal 
_audit_author.identifier_ORCID 
'Xie, J.'     1 ? 
'Chen, Y.'    2 ? 
'Wei, X.'     3 ? 
'Kozlov, G.'  4 ? 
'Gehring, K.' 5 ? 
# 
_citation.abstract                  ? 
_citation.abstract_id_CAS           ? 
_citation.book_id_ISBN              ? 
_citation.book_publisher            ? 
_citation.book_publisher_city       ? 
_citation.book_title                ? 
_citation.coordinate_linkage        ? 
_citation.country                   UK 
_citation.database_id_Medline       ? 
_citation.details                   ? 
_citation.id                        primary 
_citation.journal_abbrev            'Nucleic Acids Res.' 
_citation.journal_id_ASTM           NARHAD 
_citation.journal_id_CSD            0389 
_citation.journal_id_ISSN           1362-4962 
_citation.journal_full              ? 
_citation.journal_issue             ? 
_citation.journal_volume            45 
_citation.language                  ? 
_citation.page_first                10321 
_citation.page_last                 10331 
_citation.title                     
;Influence of nucleotide modifications at the C2' position on the Hoogsteen base-paired parallel-stranded duplex of poly(A) RNA.
;
_citation.year                      2017 
_citation.database_id_CSD           ? 
_citation.pdbx_database_id_DOI      10.1093/nar/gkx713 
_citation.pdbx_database_id_PubMed   28973475 
_citation.unpublished_flag          ? 
# 
loop_
_citation_author.citation_id 
_citation_author.name 
_citation_author.ordinal 
_citation_author.identifier_ORCID 
primary 'Copp, W.'      1 ? 
primary 'Denisov, A.Y.' 2 ? 
primary 'Xie, J.'       3 ? 
primary 'Noronha, A.M.' 4 ? 
primary 'Liczner, C.'   5 ? 
primary 'Safaee, N.'    6 ? 
primary 'Wilds, C.J.'   7 ? 
primary 'Gehring, K.'   8 ? 
# 
loop_
_entity.id 
_entity.type 
_entity.src_method 
_entity.pdbx_description 
_entity.formula_weight 
_entity.pdbx_number_of_molecules 
_entity.pdbx_ec 
_entity.pdbx_mutation 
_entity.pdbx_fragment 
_entity.details 
1 polymer     syn 
;DNA/RNA (5'-R(*AP*AP*AP*AP*A)-D(P*A)-R(P*AP*AP*AP*AP*A)-3')
;
3560.307 2  ? ? ? 'modified RNA duplex' 
2 non-polymer syn 'AMMONIUM ION'                                                18.038   18 ? ? ? ?                     
3 water       nat water                                                         18.015   71 ? ? ? ?                     
# 
_entity_poly.entity_id                      1 
_entity_poly.type                           'polydeoxyribonucleotide/polyribonucleotide hybrid' 
_entity_poly.nstd_linkage                   no 
_entity_poly.nstd_monomer                   no 
_entity_poly.pdbx_seq_one_letter_code       'AAAAA(DA)AAAAA' 
_entity_poly.pdbx_seq_one_letter_code_can   AAAAAAAAAAA 
_entity_poly.pdbx_strand_id                 A,B 
_entity_poly.pdbx_target_identifier         ? 
# 
loop_
_pdbx_entity_nonpoly.entity_id 
_pdbx_entity_nonpoly.name 
_pdbx_entity_nonpoly.comp_id 
2 'AMMONIUM ION' NH4 
3 water          HOH 
# 
loop_
_entity_poly_seq.entity_id 
_entity_poly_seq.num 
_entity_poly_seq.mon_id 
_entity_poly_seq.hetero 
1 1  A  n 
1 2  A  n 
1 3  A  n 
1 4  A  n 
1 5  A  n 
1 6  DA n 
1 7  A  n 
1 8  A  n 
1 9  A  n 
1 10 A  n 
1 11 A  n 
# 
_pdbx_entity_src_syn.entity_id              1 
_pdbx_entity_src_syn.pdbx_src_id            1 
_pdbx_entity_src_syn.pdbx_alt_source_flag   sample 
_pdbx_entity_src_syn.pdbx_beg_seq_num       1 
_pdbx_entity_src_syn.pdbx_end_seq_num       11 
_pdbx_entity_src_syn.organism_scientific    'synthetic construct' 
_pdbx_entity_src_syn.organism_common_name   ? 
_pdbx_entity_src_syn.ncbi_taxonomy_id       32630 
_pdbx_entity_src_syn.details                ? 
# 
loop_
_chem_comp.id 
_chem_comp.type 
_chem_comp.mon_nstd_flag 
_chem_comp.name 
_chem_comp.pdbx_synonyms 
_chem_comp.formula 
_chem_comp.formula_weight 
A   'RNA linking' y "ADENOSINE-5'-MONOPHOSPHATE"         ? 'C10 H14 N5 O7 P' 347.221 
DA  'DNA linking' y "2'-DEOXYADENOSINE-5'-MONOPHOSPHATE" ? 'C10 H14 N5 O6 P' 331.222 
HOH non-polymer   . WATER                                ? 'H2 O'            18.015  
NH4 non-polymer   . 'AMMONIUM ION'                       ? 'H4 N 1'          18.038  
# 
loop_
_pdbx_poly_seq_scheme.asym_id 
_pdbx_poly_seq_scheme.entity_id 
_pdbx_poly_seq_scheme.seq_id 
_pdbx_poly_seq_scheme.mon_id 
_pdbx_poly_seq_scheme.ndb_seq_num 
_pdbx_poly_seq_scheme.pdb_seq_num 
_pdbx_poly_seq_scheme.auth_seq_num 
_pdbx_poly_seq_scheme.pdb_mon_id 
_pdbx_poly_seq_scheme.auth_mon_id 
_pdbx_poly_seq_scheme.pdb_strand_id 
_pdbx_poly_seq_scheme.pdb_ins_code 
_pdbx_poly_seq_scheme.hetero 
A 1 1  A  1  1  1  A  A  A . n 
A 1 2  A  2  2  2  A  A  A . n 
A 1 3  A  3  3  3  A  A  A . n 
A 1 4  A  4  4  4  A  A  A . n 
A 1 5  A  5  5  5  A  A  A . n 
A 1 6  DA 6  6  6  DA DA A . n 
A 1 7  A  7  7  7  A  A  A . n 
A 1 8  A  8  8  8  A  A  A . n 
A 1 9  A  9  9  9  A  A  A . n 
A 1 10 A  10 10 10 A  A  A . n 
A 1 11 A  11 11 11 A  A  A . n 
B 1 1  A  1  12 12 A  A  B . n 
B 1 2  A  2  13 13 A  A  B . n 
B 1 3  A  3  14 14 A  A  B . n 
B 1 4  A  4  15 15 A  A  B . n 
B 1 5  A  5  16 16 A  A  B . n 
B 1 6  DA 6  17 17 DA DA B . n 
B 1 7  A  7  18 18 A  A  B . n 
B 1 8  A  8  19 19 A  A  B . n 
B 1 9  A  9  20 20 A  A  B . n 
B 1 10 A  10 21 21 A  A  B . n 
B 1 11 A  11 22 22 A  A  B . n 
# 
loop_
_pdbx_nonpoly_scheme.asym_id 
_pdbx_nonpoly_scheme.entity_id 
_pdbx_nonpoly_scheme.mon_id 
_pdbx_nonpoly_scheme.ndb_seq_num 
_pdbx_nonpoly_scheme.pdb_seq_num 
_pdbx_nonpoly_scheme.auth_seq_num 
_pdbx_nonpoly_scheme.pdb_mon_id 
_pdbx_nonpoly_scheme.auth_mon_id 
_pdbx_nonpoly_scheme.pdb_strand_id 
_pdbx_nonpoly_scheme.pdb_ins_code 
C 2 NH4 1  101 25  NH4 NH4 A . 
D 2 NH4 1  102 30  NH4 NH4 A . 
E 2 NH4 1  103 31  NH4 NH4 A . 
F 2 NH4 1  104 32  NH4 NH4 A . 
G 2 NH4 1  105 33  NH4 NH4 A . 
H 2 NH4 1  106 34  NH4 NH4 A . 
I 2 NH4 1  107 36  NH4 NH4 A . 
J 2 NH4 1  108 37  NH4 NH4 A . 
K 2 NH4 1  109 38  NH4 NH4 A . 
L 2 NH4 1  110 39  NH4 NH4 A . 
M 2 NH4 1  111 40  NH4 NH4 A . 
N 2 NH4 1  112 41  NH4 NH4 A . 
O 2 NH4 1  101 23  NH4 NH4 B . 
P 2 NH4 1  102 24  NH4 NH4 B . 
Q 2 NH4 1  103 26  NH4 NH4 B . 
R 2 NH4 1  104 27  NH4 NH4 B . 
S 2 NH4 1  105 28  NH4 NH4 B . 
T 2 NH4 1  106 29  NH4 NH4 B . 
U 3 HOH 1  201 88  HOH HOH A . 
U 3 HOH 2  202 53  HOH HOH A . 
U 3 HOH 3  203 87  HOH HOH A . 
U 3 HOH 4  204 47  HOH HOH A . 
U 3 HOH 5  205 43  HOH HOH A . 
U 3 HOH 6  206 106 HOH HOH A . 
U 3 HOH 7  207 92  HOH HOH A . 
U 3 HOH 8  208 64  HOH HOH A . 
U 3 HOH 9  209 80  HOH HOH A . 
U 3 HOH 10 210 45  HOH HOH A . 
U 3 HOH 11 211 66  HOH HOH A . 
U 3 HOH 12 212 55  HOH HOH A . 
U 3 HOH 13 213 83  HOH HOH A . 
U 3 HOH 14 214 85  HOH HOH A . 
U 3 HOH 15 215 65  HOH HOH A . 
U 3 HOH 16 216 82  HOH HOH A . 
U 3 HOH 17 217 81  HOH HOH A . 
U 3 HOH 18 218 49  HOH HOH A . 
U 3 HOH 19 219 107 HOH HOH A . 
U 3 HOH 20 220 73  HOH HOH A . 
U 3 HOH 21 221 79  HOH HOH A . 
U 3 HOH 22 222 67  HOH HOH A . 
U 3 HOH 23 223 51  HOH HOH A . 
U 3 HOH 24 224 93  HOH HOH A . 
U 3 HOH 25 225 99  HOH HOH A . 
U 3 HOH 26 226 101 HOH HOH A . 
U 3 HOH 27 227 61  HOH HOH A . 
U 3 HOH 28 228 56  HOH HOH A . 
U 3 HOH 29 229 77  HOH HOH A . 
U 3 HOH 30 230 98  HOH HOH A . 
U 3 HOH 31 231 70  HOH HOH A . 
U 3 HOH 32 232 75  HOH HOH A . 
U 3 HOH 33 233 95  HOH HOH A . 
U 3 HOH 34 234 111 HOH HOH A . 
U 3 HOH 35 235 104 HOH HOH A . 
U 3 HOH 36 236 76  HOH HOH A . 
U 3 HOH 37 237 78  HOH HOH A . 
U 3 HOH 38 238 42  HOH HOH A . 
V 3 HOH 1  201 109 HOH HOH B . 
V 3 HOH 2  202 69  HOH HOH B . 
V 3 HOH 3  203 46  HOH HOH B . 
V 3 HOH 4  204 72  HOH HOH B . 
V 3 HOH 5  205 54  HOH HOH B . 
V 3 HOH 6  206 112 HOH HOH B . 
V 3 HOH 7  207 108 HOH HOH B . 
V 3 HOH 8  208 60  HOH HOH B . 
V 3 HOH 9  209 100 HOH HOH B . 
V 3 HOH 10 210 74  HOH HOH B . 
V 3 HOH 11 211 62  HOH HOH B . 
V 3 HOH 12 212 90  HOH HOH B . 
V 3 HOH 13 213 48  HOH HOH B . 
V 3 HOH 14 214 84  HOH HOH B . 
V 3 HOH 15 215 63  HOH HOH B . 
V 3 HOH 16 216 97  HOH HOH B . 
V 3 HOH 17 217 71  HOH HOH B . 
V 3 HOH 18 218 44  HOH HOH B . 
V 3 HOH 19 219 57  HOH HOH B . 
V 3 HOH 20 220 68  HOH HOH B . 
V 3 HOH 21 221 58  HOH HOH B . 
V 3 HOH 22 222 102 HOH HOH B . 
V 3 HOH 23 223 110 HOH HOH B . 
V 3 HOH 24 224 59  HOH HOH B . 
V 3 HOH 25 225 86  HOH HOH B . 
V 3 HOH 26 226 52  HOH HOH B . 
V 3 HOH 27 227 105 HOH HOH B . 
V 3 HOH 28 228 94  HOH HOH B . 
V 3 HOH 29 229 89  HOH HOH B . 
V 3 HOH 30 230 103 HOH HOH B . 
V 3 HOH 31 231 91  HOH HOH B . 
V 3 HOH 32 232 96  HOH HOH B . 
V 3 HOH 33 233 50  HOH HOH B . 
# 
loop_
_software.citation_id 
_software.classification 
_software.compiler_name 
_software.compiler_version 
_software.contact_author 
_software.contact_author_email 
_software.date 
_software.description 
_software.dependencies 
_software.hardware 
_software.language 
_software.location 
_software.mods 
_software.name 
_software.os 
_software.os_version 
_software.type 
_software.version 
_software.pdbx_ordinal 
? refinement       ? ? ? ? ? ? ? ? ? ? ? PHENIX ? ? ? 1.9 1 
? 'model building' ? ? ? ? ? ? ? ? ? ? ? PHENIX ? ? ? 1.9 2 
# 
_cell.angle_alpha                  90.00 
_cell.angle_alpha_esd              ? 
_cell.angle_beta                   90.00 
_cell.angle_beta_esd               ? 
_cell.angle_gamma                  90.00 
_cell.angle_gamma_esd              ? 
_cell.entry_id                     5VXQ 
_cell.details                      ? 
_cell.formula_units_Z              ? 
_cell.length_a                     22.799 
_cell.length_a_esd                 ? 
_cell.length_b                     22.799 
_cell.length_b_esd                 ? 
_cell.length_c                     164.071 
_cell.length_c_esd                 ? 
_cell.volume                       ? 
_cell.volume_esd                   ? 
_cell.Z_PDB                        16 
_cell.reciprocal_angle_alpha       ? 
_cell.reciprocal_angle_beta        ? 
_cell.reciprocal_angle_gamma       ? 
_cell.reciprocal_angle_alpha_esd   ? 
_cell.reciprocal_angle_beta_esd    ? 
_cell.reciprocal_angle_gamma_esd   ? 
_cell.reciprocal_length_a          ? 
_cell.reciprocal_length_b          ? 
_cell.reciprocal_length_c          ? 
_cell.reciprocal_length_a_esd      ? 
_cell.reciprocal_length_b_esd      ? 
_cell.reciprocal_length_c_esd      ? 
_cell.pdbx_unique_axis             ? 
# 
_symmetry.entry_id                         5VXQ 
_symmetry.cell_setting                     ? 
_symmetry.Int_Tables_number                92 
_symmetry.space_group_name_Hall            ? 
_symmetry.space_group_name_H-M             'P 41 21 2' 
_symmetry.pdbx_full_space_group_name_H-M   ? 
# 
_exptl.absorpt_coefficient_mu     ? 
_exptl.absorpt_correction_T_max   ? 
_exptl.absorpt_correction_T_min   ? 
_exptl.absorpt_correction_type    ? 
_exptl.absorpt_process_details    ? 
_exptl.entry_id                   5VXQ 
_exptl.crystals_number            1 
_exptl.details                    ? 
_exptl.method                     'X-RAY DIFFRACTION' 
_exptl.method_details             ? 
# 
_exptl_crystal.colour                      ? 
_exptl_crystal.density_diffrn              ? 
_exptl_crystal.density_Matthews            1.50 
_exptl_crystal.density_method              ? 
_exptl_crystal.density_percent_sol         17.84 
_exptl_crystal.description                 ? 
_exptl_crystal.F_000                       ? 
_exptl_crystal.id                          1 
_exptl_crystal.preparation                 ? 
_exptl_crystal.size_max                    ? 
_exptl_crystal.size_mid                    ? 
_exptl_crystal.size_min                    ? 
_exptl_crystal.size_rad                    ? 
_exptl_crystal.colour_lustre               ? 
_exptl_crystal.colour_modifier             ? 
_exptl_crystal.colour_primary              ? 
_exptl_crystal.density_meas                ? 
_exptl_crystal.density_meas_esd            ? 
_exptl_crystal.density_meas_gt             ? 
_exptl_crystal.density_meas_lt             ? 
_exptl_crystal.density_meas_temp           ? 
_exptl_crystal.density_meas_temp_esd       ? 
_exptl_crystal.density_meas_temp_gt        ? 
_exptl_crystal.density_meas_temp_lt        ? 
_exptl_crystal.pdbx_crystal_image_url      ? 
_exptl_crystal.pdbx_crystal_image_format   ? 
_exptl_crystal.pdbx_mosaicity              ? 
_exptl_crystal.pdbx_mosaicity_esd          ? 
# 
_exptl_crystal_grow.apparatus       ? 
_exptl_crystal_grow.atmosphere      ? 
_exptl_crystal_grow.crystal_id      1 
_exptl_crystal_grow.details         ? 
_exptl_crystal_grow.method          'HANGING DROP, VAPOR DIFFUSION' 
_exptl_crystal_grow.method_ref      ? 
_exptl_crystal_grow.pH              5.0 
_exptl_crystal_grow.pressure        ? 
_exptl_crystal_grow.pressure_esd    ? 
_exptl_crystal_grow.seeding         ? 
_exptl_crystal_grow.seeding_ref     ? 
_exptl_crystal_grow.temp            295 
_exptl_crystal_grow.temp_details    ? 
_exptl_crystal_grow.temp_esd        ? 
_exptl_crystal_grow.time            ? 
_exptl_crystal_grow.pdbx_details    
;0.5 uL 5-rA5-dA-rA5 and RRM23 (98-269) in 10 mM HEPES, 100 mM sodium chloride, 2 mM DTT, pH 7.0 + 0.5 uL 1.6 M ammonium sulfate, 0.1 M citric acid, pH 5.0
;
_exptl_crystal_grow.pdbx_pH_range   ? 
# 
_diffrn.ambient_environment    ? 
_diffrn.ambient_temp           77 
_diffrn.ambient_temp_details   ? 
_diffrn.ambient_temp_esd       ? 
_diffrn.crystal_id             1 
_diffrn.crystal_support        ? 
_diffrn.crystal_treatment      ? 
_diffrn.details                ? 
_diffrn.id                     1 
_diffrn.ambient_pressure       ? 
_diffrn.ambient_pressure_esd   ? 
_diffrn.ambient_pressure_gt    ? 
_diffrn.ambient_pressure_lt    ? 
_diffrn.ambient_temp_gt        ? 
_diffrn.ambient_temp_lt        ? 
# 
_diffrn_detector.details                      ? 
_diffrn_detector.detector                     CCD 
_diffrn_detector.diffrn_id                    1 
_diffrn_detector.type                         'RAYONIX MX-300' 
_diffrn_detector.area_resol_mean              ? 
_diffrn_detector.dtime                        ? 
_diffrn_detector.pdbx_frames_total            ? 
_diffrn_detector.pdbx_collection_time_total   ? 
_diffrn_detector.pdbx_collection_date         2015-05-01 
# 
_diffrn_radiation.collimation                      ? 
_diffrn_radiation.diffrn_id                        1 
_diffrn_radiation.filter_edge                      ? 
_diffrn_radiation.inhomogeneity                    ? 
_diffrn_radiation.monochromator                    'double crystal Si(111)' 
_diffrn_radiation.polarisn_norm                    ? 
_diffrn_radiation.polarisn_ratio                   ? 
_diffrn_radiation.probe                            ? 
_diffrn_radiation.type                             ? 
_diffrn_radiation.xray_symbol                      ? 
_diffrn_radiation.wavelength_id                    1 
_diffrn_radiation.pdbx_monochromatic_or_laue_m_l   M 
_diffrn_radiation.pdbx_wavelength_list             ? 
_diffrn_radiation.pdbx_wavelength                  ? 
_diffrn_radiation.pdbx_diffrn_protocol             'SINGLE WAVELENGTH' 
_diffrn_radiation.pdbx_analyzer                    ? 
_diffrn_radiation.pdbx_scattering_type             x-ray 
# 
_diffrn_radiation_wavelength.id           1 
_diffrn_radiation_wavelength.wavelength   1.28206 
_diffrn_radiation_wavelength.wt           1.0 
# 
_diffrn_source.current                     ? 
_diffrn_source.details                     ? 
_diffrn_source.diffrn_id                   1 
_diffrn_source.power                       ? 
_diffrn_source.size                        ? 
_diffrn_source.source                      SYNCHROTRON 
_diffrn_source.target                      ? 
_diffrn_source.type                        'CLSI BEAMLINE 08ID-1' 
_diffrn_source.voltage                     ? 
_diffrn_source.take-off_angle              ? 
_diffrn_source.pdbx_wavelength_list        1.28206 
_diffrn_source.pdbx_wavelength             ? 
_diffrn_source.pdbx_synchrotron_beamline   08ID-1 
_diffrn_source.pdbx_synchrotron_site       CLSI 
# 
_reflns.B_iso_Wilson_estimate            ? 
_reflns.entry_id                         5VXQ 
_reflns.data_reduction_details           ? 
_reflns.data_reduction_method            ? 
_reflns.d_resolution_high                1.002 
_reflns.d_resolution_low                 22.58 
_reflns.details                          ? 
_reflns.limit_h_max                      ? 
_reflns.limit_h_min                      ? 
_reflns.limit_k_max                      ? 
_reflns.limit_k_min                      ? 
_reflns.limit_l_max                      ? 
_reflns.limit_l_min                      ? 
_reflns.number_all                       ? 
_reflns.number_obs                       23843 
_reflns.observed_criterion               ? 
_reflns.observed_criterion_F_max         ? 
_reflns.observed_criterion_F_min         ? 
_reflns.observed_criterion_I_max         ? 
_reflns.observed_criterion_I_min         ? 
_reflns.observed_criterion_sigma_F       ? 
_reflns.observed_criterion_sigma_I       ? 
_reflns.percent_possible_obs             96.4 
_reflns.R_free_details                   ? 
_reflns.Rmerge_F_all                     ? 
_reflns.Rmerge_F_obs                     ? 
_reflns.Friedel_coverage                 ? 
_reflns.number_gt                        ? 
_reflns.threshold_expression             ? 
_reflns.pdbx_redundancy                  1 
_reflns.pdbx_Rmerge_I_obs                ? 
_reflns.pdbx_Rmerge_I_all                ? 
_reflns.pdbx_Rsym_value                  ? 
_reflns.pdbx_netI_over_av_sigmaI         ? 
_reflns.pdbx_netI_over_sigmaI            17.65 
_reflns.pdbx_res_netI_over_av_sigmaI_2   ? 
_reflns.pdbx_res_netI_over_sigmaI_2      ? 
_reflns.pdbx_chi_squared                 ? 
_reflns.pdbx_scaling_rejects             ? 
_reflns.pdbx_d_res_high_opt              ? 
_reflns.pdbx_d_res_low_opt               ? 
_reflns.pdbx_d_res_opt_method            ? 
_reflns.phase_calculation_details        ? 
_reflns.pdbx_Rrim_I_all                  ? 
_reflns.pdbx_Rpim_I_all                  ? 
_reflns.pdbx_d_opt                       ? 
_reflns.pdbx_number_measured_all         ? 
_reflns.pdbx_diffrn_id                   1 
_reflns.pdbx_ordinal                     1 
_reflns.pdbx_CC_half                     ? 
_reflns.pdbx_R_split                     ? 
# 
_reflns_shell.d_res_high                  1.002 
_reflns_shell.d_res_low                   ? 
_reflns_shell.meanI_over_sigI_all         ? 
_reflns_shell.meanI_over_sigI_obs         ? 
_reflns_shell.number_measured_all         ? 
_reflns_shell.number_measured_obs         ? 
_reflns_shell.number_possible             ? 
_reflns_shell.number_unique_all           ? 
_reflns_shell.number_unique_obs           ? 
_reflns_shell.percent_possible_all        ? 
_reflns_shell.percent_possible_obs        ? 
_reflns_shell.Rmerge_F_all                ? 
_reflns_shell.Rmerge_F_obs                ? 
_reflns_shell.Rmerge_I_all                ? 
_reflns_shell.Rmerge_I_obs                ? 
_reflns_shell.meanI_over_sigI_gt          ? 
_reflns_shell.meanI_over_uI_all           ? 
_reflns_shell.meanI_over_uI_gt            ? 
_reflns_shell.number_measured_gt          ? 
_reflns_shell.number_unique_gt            ? 
_reflns_shell.percent_possible_gt         ? 
_reflns_shell.Rmerge_F_gt                 ? 
_reflns_shell.Rmerge_I_gt                 ? 
_reflns_shell.pdbx_redundancy             ? 
_reflns_shell.pdbx_Rsym_value             ? 
_reflns_shell.pdbx_chi_squared            ? 
_reflns_shell.pdbx_netI_over_sigmaI_all   ? 
_reflns_shell.pdbx_netI_over_sigmaI_obs   ? 
_reflns_shell.pdbx_Rrim_I_all             ? 
_reflns_shell.pdbx_Rpim_I_all             ? 
_reflns_shell.pdbx_rejects                ? 
_reflns_shell.pdbx_ordinal                1 
_reflns_shell.pdbx_diffrn_id              1 
_reflns_shell.pdbx_CC_half                ? 
_reflns_shell.pdbx_R_split                ? 
# 
_refine.aniso_B[1][1]                            ? 
_refine.aniso_B[1][2]                            ? 
_refine.aniso_B[1][3]                            ? 
_refine.aniso_B[2][2]                            ? 
_refine.aniso_B[2][3]                            ? 
_refine.aniso_B[3][3]                            ? 
_refine.B_iso_max                                ? 
_refine.B_iso_mean                               ? 
_refine.B_iso_min                                ? 
_refine.correlation_coeff_Fo_to_Fc               ? 
_refine.correlation_coeff_Fo_to_Fc_free          ? 
_refine.details                                  ? 
_refine.diff_density_max                         ? 
_refine.diff_density_max_esd                     ? 
_refine.diff_density_min                         ? 
_refine.diff_density_min_esd                     ? 
_refine.diff_density_rms                         ? 
_refine.diff_density_rms_esd                     ? 
_refine.entry_id                                 5VXQ 
_refine.pdbx_refine_id                           'X-RAY DIFFRACTION' 
_refine.ls_abs_structure_details                 ? 
_refine.ls_abs_structure_Flack                   ? 
_refine.ls_abs_structure_Flack_esd               ? 
_refine.ls_abs_structure_Rogers                  ? 
_refine.ls_abs_structure_Rogers_esd              ? 
_refine.ls_d_res_high                            1.002 
_refine.ls_d_res_low                             22.58 
_refine.ls_extinction_coef                       ? 
_refine.ls_extinction_coef_esd                   ? 
_refine.ls_extinction_expression                 ? 
_refine.ls_extinction_method                     ? 
_refine.ls_goodness_of_fit_all                   ? 
_refine.ls_goodness_of_fit_all_esd               ? 
_refine.ls_goodness_of_fit_obs                   ? 
_refine.ls_goodness_of_fit_obs_esd               ? 
_refine.ls_hydrogen_treatment                    ? 
_refine.ls_matrix_type                           ? 
_refine.ls_number_constraints                    ? 
_refine.ls_number_parameters                     ? 
_refine.ls_number_reflns_all                     ? 
_refine.ls_number_reflns_obs                     23843 
_refine.ls_number_reflns_R_free                  ? 
_refine.ls_number_reflns_R_work                  ? 
_refine.ls_number_restraints                     ? 
_refine.ls_percent_reflns_obs                    96.4 
_refine.ls_percent_reflns_R_free                 ? 
_refine.ls_R_factor_all                          ? 
_refine.ls_R_factor_obs                          ? 
_refine.ls_R_factor_R_free                       0.1598 
_refine.ls_R_factor_R_free_error                 ? 
_refine.ls_R_factor_R_free_error_details         ? 
_refine.ls_R_factor_R_work                       0.1285 
_refine.ls_R_Fsqd_factor_obs                     ? 
_refine.ls_R_I_factor_obs                        ? 
_refine.ls_redundancy_reflns_all                 ? 
_refine.ls_redundancy_reflns_obs                 ? 
_refine.ls_restrained_S_all                      ? 
_refine.ls_restrained_S_obs                      ? 
_refine.ls_shift_over_esd_max                    ? 
_refine.ls_shift_over_esd_mean                   ? 
_refine.ls_structure_factor_coef                 ? 
_refine.ls_weighting_details                     ? 
_refine.ls_weighting_scheme                      ? 
_refine.ls_wR_factor_all                         ? 
_refine.ls_wR_factor_obs                         ? 
_refine.ls_wR_factor_R_free                      ? 
_refine.ls_wR_factor_R_work                      ? 
_refine.occupancy_max                            ? 
_refine.occupancy_min                            ? 
_refine.solvent_model_details                    ? 
_refine.solvent_model_param_bsol                 ? 
_refine.solvent_model_param_ksol                 ? 
_refine.ls_R_factor_gt                           ? 
_refine.ls_goodness_of_fit_gt                    ? 
_refine.ls_goodness_of_fit_ref                   ? 
_refine.ls_shift_over_su_max                     ? 
_refine.ls_shift_over_su_max_lt                  ? 
_refine.ls_shift_over_su_mean                    ? 
_refine.ls_shift_over_su_mean_lt                 ? 
_refine.pdbx_ls_sigma_I                          ? 
_refine.pdbx_ls_sigma_F                          ? 
_refine.pdbx_ls_sigma_Fsqd                       ? 
_refine.pdbx_data_cutoff_high_absF               ? 
_refine.pdbx_data_cutoff_high_rms_absF           ? 
_refine.pdbx_data_cutoff_low_absF                ? 
_refine.pdbx_isotropic_thermal_model             ? 
_refine.pdbx_ls_cross_valid_method               'FREE R-VALUE' 
_refine.pdbx_method_to_determine_struct          'MOLECULAR REPLACEMENT' 
_refine.pdbx_starting_model                      ? 
_refine.pdbx_stereochemistry_target_values       ? 
_refine.pdbx_R_Free_selection_details            ? 
_refine.pdbx_stereochem_target_val_spec_case     ? 
_refine.pdbx_overall_ESU_R                       ? 
_refine.pdbx_overall_ESU_R_Free                  ? 
_refine.pdbx_solvent_vdw_probe_radii             ? 
_refine.pdbx_solvent_ion_probe_radii             ? 
_refine.pdbx_solvent_shrinkage_radii             ? 
_refine.pdbx_real_space_R                        ? 
_refine.pdbx_density_correlation                 ? 
_refine.pdbx_pd_number_of_powder_patterns        ? 
_refine.pdbx_pd_number_of_points                 ? 
_refine.pdbx_pd_meas_number_of_points            ? 
_refine.pdbx_pd_proc_ls_prof_R_factor            ? 
_refine.pdbx_pd_proc_ls_prof_wR_factor           ? 
_refine.pdbx_pd_Marquardt_correlation_coeff      ? 
_refine.pdbx_pd_Fsqrd_R_factor                   ? 
_refine.pdbx_pd_ls_matrix_band_width             ? 
_refine.pdbx_overall_phase_error                 ? 
_refine.pdbx_overall_SU_R_free_Cruickshank_DPI   ? 
_refine.pdbx_overall_SU_R_free_Blow_DPI          ? 
_refine.pdbx_overall_SU_R_Blow_DPI               ? 
_refine.pdbx_TLS_residual_ADP_flag               ? 
_refine.pdbx_diffrn_id                           1 
_refine.overall_SU_B                             ? 
_refine.overall_SU_ML                            ? 
_refine.overall_SU_R_Cruickshank_DPI             ? 
_refine.overall_SU_R_free                        ? 
_refine.overall_FOM_free_R_set                   ? 
_refine.overall_FOM_work_R_set                   ? 
_refine.pdbx_average_fsc_overall                 ? 
_refine.pdbx_average_fsc_work                    ? 
_refine.pdbx_average_fsc_free                    ? 
# 
_refine_hist.pdbx_refine_id                   'X-RAY DIFFRACTION' 
_refine_hist.cycle_id                         LAST 
_refine_hist.pdbx_number_atoms_protein        0 
_refine_hist.pdbx_number_atoms_nucleic_acid   476 
_refine_hist.pdbx_number_atoms_ligand         18 
_refine_hist.number_atoms_solvent             71 
_refine_hist.number_atoms_total               565 
_refine_hist.d_res_high                       1.002 
_refine_hist.d_res_low                        22.58 
# 
_struct.entry_id                     5VXQ 
_struct.title                        'X-Ray crystallography structure of the parallel stranded duplex formed by 5-rA5-dA-rA5' 
_struct.pdbx_model_details           ? 
_struct.pdbx_formula_weight          ? 
_struct.pdbx_formula_weight_method   ? 
_struct.pdbx_model_type_details      ? 
_struct.pdbx_CASP_flag               N 
# 
_struct_keywords.entry_id        5VXQ 
_struct_keywords.text            'RNA, DNA, duplex' 
_struct_keywords.pdbx_keywords   'RNA, DNA' 
# 
loop_
_struct_asym.id 
_struct_asym.pdbx_blank_PDB_chainid_flag 
_struct_asym.pdbx_modified 
_struct_asym.entity_id 
_struct_asym.details 
A N N 1 ? 
B N N 1 ? 
C N N 2 ? 
D N N 2 ? 
E N N 2 ? 
F N N 2 ? 
G N N 2 ? 
H N N 2 ? 
I N N 2 ? 
J N N 2 ? 
K N N 2 ? 
L N N 2 ? 
M N N 2 ? 
N N N 2 ? 
O N N 2 ? 
P N N 2 ? 
Q N N 2 ? 
R N N 2 ? 
S N N 2 ? 
T N N 2 ? 
U N N 3 ? 
V N N 3 ? 
# 
_struct_ref.id                         1 
_struct_ref.db_name                    PDB 
_struct_ref.db_code                    5VXQ 
_struct_ref.pdbx_db_accession          5VXQ 
_struct_ref.pdbx_db_isoform            ? 
_struct_ref.entity_id                  1 
_struct_ref.pdbx_seq_one_letter_code   ? 
_struct_ref.pdbx_align_begin           1 
# 
loop_
_struct_ref_seq.align_id 
_struct_ref_seq.ref_id 
_struct_ref_seq.pdbx_PDB_id_code 
_struct_ref_seq.pdbx_strand_id 
_struct_ref_seq.seq_align_beg 
_struct_ref_seq.pdbx_seq_align_beg_ins_code 
_struct_ref_seq.seq_align_end 
_struct_ref_seq.pdbx_seq_align_end_ins_code 
_struct_ref_seq.pdbx_db_accession 
_struct_ref_seq.db_align_beg 
_struct_ref_seq.pdbx_db_align_beg_ins_code 
_struct_ref_seq.db_align_end 
_struct_ref_seq.pdbx_db_align_end_ins_code 
_struct_ref_seq.pdbx_auth_seq_align_beg 
_struct_ref_seq.pdbx_auth_seq_align_end 
1 1 5VXQ A 1 ? 11 ? 5VXQ 1  ? 11 ? 1  11 
2 1 5VXQ B 1 ? 11 ? 5VXQ 12 ? 22 ? 12 22 
# 
_pdbx_struct_assembly.id                   1 
_pdbx_struct_assembly.details              author_and_software_defined_assembly 
_pdbx_struct_assembly.method_details       PISA 
_pdbx_struct_assembly.oligomeric_details   dimeric 
_pdbx_struct_assembly.oligomeric_count     2 
# 
loop_
_pdbx_struct_assembly_prop.biol_id 
_pdbx_struct_assembly_prop.type 
_pdbx_struct_assembly_prop.value 
_pdbx_struct_assembly_prop.details 
1 'ABSA (A^2)' 4650 ? 
1 MORE         3    ? 
1 'SSA (A^2)'  2740 ? 
# 
_pdbx_struct_assembly_gen.assembly_id       1 
_pdbx_struct_assembly_gen.oper_expression   1 
_pdbx_struct_assembly_gen.asym_id_list      A,B,C,D,E,F,G,H,I,J,K,L,M,N,O,P,Q,R,S,T,U,V 
# 
_pdbx_struct_assembly_auth_evidence.id                     1 
_pdbx_struct_assembly_auth_evidence.assembly_id            1 
_pdbx_struct_assembly_auth_evidence.experimental_support   'isothermal titration calorimetry' 
_pdbx_struct_assembly_auth_evidence.details                ? 
# 
_pdbx_struct_oper_list.id                   1 
_pdbx_struct_oper_list.type                 'identity operation' 
_pdbx_struct_oper_list.name                 1_555 
_pdbx_struct_oper_list.symmetry_operation   x,y,z 
_pdbx_struct_oper_list.matrix[1][1]         1.0000000000 
_pdbx_struct_oper_list.matrix[1][2]         0.0000000000 
_pdbx_struct_oper_list.matrix[1][3]         0.0000000000 
_pdbx_struct_oper_list.vector[1]            0.0000000000 
_pdbx_struct_oper_list.matrix[2][1]         0.0000000000 
_pdbx_struct_oper_list.matrix[2][2]         1.0000000000 
_pdbx_struct_oper_list.matrix[2][3]         0.0000000000 
_pdbx_struct_oper_list.vector[2]            0.0000000000 
_pdbx_struct_oper_list.matrix[3][1]         0.0000000000 
_pdbx_struct_oper_list.matrix[3][2]         0.0000000000 
_pdbx_struct_oper_list.matrix[3][3]         1.0000000000 
_pdbx_struct_oper_list.vector[3]            0.0000000000 
# 
loop_
_struct_conn.id 
_struct_conn.conn_type_id 
_struct_conn.pdbx_leaving_atom_flag 
_struct_conn.pdbx_PDB_id 
_struct_conn.ptnr1_label_asym_id 
_struct_conn.ptnr1_label_comp_id 
_struct_conn.ptnr1_label_seq_id 
_struct_conn.ptnr1_label_atom_id 
_struct_conn.pdbx_ptnr1_label_alt_id 
_struct_conn.pdbx_ptnr1_PDB_ins_code 
_struct_conn.pdbx_ptnr1_standard_comp_id 
_struct_conn.ptnr1_symmetry 
_struct_conn.ptnr2_label_asym_id 
_struct_conn.ptnr2_label_comp_id 
_struct_conn.ptnr2_label_seq_id 
_struct_conn.ptnr2_label_atom_id 
_struct_conn.pdbx_ptnr2_label_alt_id 
_struct_conn.pdbx_ptnr2_PDB_ins_code 
_struct_conn.ptnr1_auth_asym_id 
_struct_conn.ptnr1_auth_comp_id 
_struct_conn.ptnr1_auth_seq_id 
_struct_conn.ptnr2_auth_asym_id 
_struct_conn.ptnr2_auth_comp_id 
_struct_conn.ptnr2_auth_seq_id 
_struct_conn.ptnr2_symmetry 
_struct_conn.pdbx_ptnr3_label_atom_id 
_struct_conn.pdbx_ptnr3_label_seq_id 
_struct_conn.pdbx_ptnr3_label_comp_id 
_struct_conn.pdbx_ptnr3_label_asym_id 
_struct_conn.pdbx_ptnr3_label_alt_id 
_struct_conn.pdbx_ptnr3_PDB_ins_code 
_struct_conn.details 
_struct_conn.pdbx_dist_value 
_struct_conn.pdbx_value_order 
_struct_conn.pdbx_role 
hydrog1  hydrog ? ? A A  2  N6 ? ? ? 1_555 B A  1  N7 ? ? A A  2  B A  12 1_555 ? ? ? ? ? ? TYPE_2_PAIR ? ? ? 
hydrog2  hydrog ? ? A A  2  N7 ? ? ? 1_555 B A  1  N6 ? ? A A  2  B A  12 1_555 ? ? ? ? ? ? TYPE_2_PAIR ? ? ? 
hydrog3  hydrog ? ? A A  3  N6 ? ? ? 1_555 B A  2  N7 ? ? A A  3  B A  13 1_555 ? ? ? ? ? ? TYPE_2_PAIR ? ? ? 
hydrog4  hydrog ? ? A A  3  N7 ? ? ? 1_555 B A  2  N6 ? ? A A  3  B A  13 1_555 ? ? ? ? ? ? TYPE_2_PAIR ? ? ? 
hydrog5  hydrog ? ? A A  4  N6 ? ? ? 1_555 B A  3  N7 ? ? A A  4  B A  14 1_555 ? ? ? ? ? ? TYPE_2_PAIR ? ? ? 
hydrog6  hydrog ? ? A A  4  N7 ? ? ? 1_555 B A  3  N6 ? ? A A  4  B A  14 1_555 ? ? ? ? ? ? TYPE_2_PAIR ? ? ? 
hydrog7  hydrog ? ? A A  5  N6 ? ? ? 1_555 B A  4  N7 ? ? A A  5  B A  15 1_555 ? ? ? ? ? ? TYPE_2_PAIR ? ? ? 
hydrog8  hydrog ? ? A A  5  N7 ? ? ? 1_555 B A  4  N6 ? ? A A  5  B A  15 1_555 ? ? ? ? ? ? TYPE_2_PAIR ? ? ? 
hydrog9  hydrog ? ? A DA 6  N6 ? ? ? 1_555 B A  5  N7 ? ? A DA 6  B A  16 1_555 ? ? ? ? ? ? TYPE_2_PAIR ? ? ? 
hydrog10 hydrog ? ? A DA 6  N7 ? ? ? 1_555 B A  5  N6 ? ? A DA 6  B A  16 1_555 ? ? ? ? ? ? TYPE_2_PAIR ? ? ? 
hydrog11 hydrog ? ? A A  7  N6 ? ? ? 1_555 B DA 6  N7 ? ? A A  7  B DA 17 1_555 ? ? ? ? ? ? TYPE_2_PAIR ? ? ? 
hydrog12 hydrog ? ? A A  7  N7 ? ? ? 1_555 B DA 6  N6 ? ? A A  7  B DA 17 1_555 ? ? ? ? ? ? TYPE_2_PAIR ? ? ? 
hydrog13 hydrog ? ? A A  8  N6 ? ? ? 1_555 B A  7  N7 ? ? A A  8  B A  18 1_555 ? ? ? ? ? ? TYPE_2_PAIR ? ? ? 
hydrog14 hydrog ? ? A A  8  N7 ? ? ? 1_555 B A  7  N6 ? ? A A  8  B A  18 1_555 ? ? ? ? ? ? TYPE_2_PAIR ? ? ? 
hydrog15 hydrog ? ? A A  9  N6 ? ? ? 1_555 B A  8  N7 ? ? A A  9  B A  19 1_555 ? ? ? ? ? ? TYPE_2_PAIR ? ? ? 
hydrog16 hydrog ? ? A A  9  N7 ? ? ? 1_555 B A  8  N6 ? ? A A  9  B A  19 1_555 ? ? ? ? ? ? TYPE_2_PAIR ? ? ? 
hydrog17 hydrog ? ? A A  10 N6 ? ? ? 1_555 B A  9  N7 ? ? A A  10 B A  20 1_555 ? ? ? ? ? ? TYPE_2_PAIR ? ? ? 
hydrog18 hydrog ? ? A A  10 N7 ? ? ? 1_555 B A  9  N6 ? ? A A  10 B A  20 1_555 ? ? ? ? ? ? TYPE_2_PAIR ? ? ? 
hydrog19 hydrog ? ? A A  11 N6 ? ? ? 1_555 B A  10 N7 ? ? A A  11 B A  21 1_555 ? ? ? ? ? ? TYPE_2_PAIR ? ? ? 
hydrog20 hydrog ? ? A A  11 N7 ? ? ? 1_555 B A  10 N6 ? ? A A  11 B A  21 1_555 ? ? ? ? ? ? TYPE_2_PAIR ? ? ? 
# 
_struct_conn_type.id          hydrog 
_struct_conn_type.criteria    ? 
_struct_conn_type.reference   ? 
# 
loop_
_struct_site.id 
_struct_site.pdbx_evidence_code 
_struct_site.pdbx_auth_asym_id 
_struct_site.pdbx_auth_comp_id 
_struct_site.pdbx_auth_seq_id 
_struct_site.pdbx_auth_ins_code 
_struct_site.pdbx_num_residues 
_struct_site.details 
AC1 Software A NH4 101 ? 6 'binding site for residue NH4 A 101' 
AC2 Software A NH4 102 ? 3 'binding site for residue NH4 A 102' 
AC3 Software A NH4 103 ? 4 'binding site for residue NH4 A 103' 
AC4 Software A NH4 104 ? 5 'binding site for residue NH4 A 104' 
AC5 Software A NH4 105 ? 5 'binding site for residue NH4 A 105' 
AC6 Software A NH4 106 ? 4 'binding site for residue NH4 A 106' 
AC7 Software A NH4 107 ? 4 'binding site for residue NH4 A 107' 
AC8 Software A NH4 108 ? 4 'binding site for residue NH4 A 108' 
AC9 Software A NH4 109 ? 5 'binding site for residue NH4 A 109' 
AD1 Software A NH4 110 ? 5 'binding site for residue NH4 A 110' 
AD2 Software A NH4 111 ? 4 'binding site for residue NH4 A 111' 
AD3 Software A NH4 112 ? 6 'binding site for residue NH4 A 112' 
AD4 Software B NH4 101 ? 4 'binding site for residue NH4 B 101' 
AD5 Software B NH4 102 ? 4 'binding site for residue NH4 B 102' 
AD6 Software B NH4 103 ? 6 'binding site for residue NH4 B 103' 
AD7 Software B NH4 104 ? 6 'binding site for residue NH4 B 104' 
AD8 Software B NH4 105 ? 5 'binding site for residue NH4 B 105' 
AD9 Software B NH4 106 ? 4 'binding site for residue NH4 B 106' 
# 
loop_
_struct_site_gen.id 
_struct_site_gen.site_id 
_struct_site_gen.pdbx_num_res 
_struct_site_gen.label_comp_id 
_struct_site_gen.label_asym_id 
_struct_site_gen.label_seq_id 
_struct_site_gen.pdbx_auth_ins_code 
_struct_site_gen.auth_comp_id 
_struct_site_gen.auth_asym_id 
_struct_site_gen.auth_seq_id 
_struct_site_gen.label_atom_id 
_struct_site_gen.label_alt_id 
_struct_site_gen.symmetry 
_struct_site_gen.details 
1  AC1 6 A   A 5  ? A   A 5   . ? 1_555 ? 
2  AC1 6 DA  A 6  ? DA  A 6   . ? 1_555 ? 
3  AC1 6 A   A 9  ? A   A 9   . ? 7_655 ? 
4  AC1 6 NH4 G .  ? NH4 A 105 . ? 7_655 ? 
5  AC1 6 A   B 5  ? A   B 16  . ? 1_555 ? 
6  AC1 6 DA  B 6  ? DA  B 17  . ? 1_555 ? 
7  AC2 3 A   A 2  ? A   A 2   . ? 1_555 ? 
8  AC2 3 A   A 3  ? A   A 3   . ? 1_555 ? 
9  AC2 3 A   B 2  ? A   B 13  . ? 1_555 ? 
10 AC3 4 A   A 3  ? A   A 3   . ? 1_555 ? 
11 AC3 4 A   A 4  ? A   A 4   . ? 1_555 ? 
12 AC3 4 A   A 11 ? A   A 11  . ? 7_645 ? 
13 AC3 4 A   B 3  ? A   B 14  . ? 1_555 ? 
14 AC4 5 DA  A 6  ? DA  A 6   . ? 1_555 ? 
15 AC4 5 A   A 7  ? A   A 7   . ? 1_555 ? 
16 AC4 5 HOH U .  ? HOH A 206 . ? 7_655 ? 
17 AC4 5 HOH U .  ? HOH A 219 . ? 1_555 ? 
18 AC4 5 DA  B 6  ? DA  B 17  . ? 1_555 ? 
19 AC5 5 A   A 5  ? A   A 5   . ? 7_545 ? 
20 AC5 5 A   A 9  ? A   A 9   . ? 1_555 ? 
21 AC5 5 A   A 10 ? A   A 10  . ? 1_555 ? 
22 AC5 5 NH4 C .  ? NH4 A 101 . ? 7_545 ? 
23 AC5 5 A   B 9  ? A   B 20  . ? 1_555 ? 
24 AC6 4 A   A 4  ? A   A 4   . ? 7_545 ? 
25 AC6 4 A   A 10 ? A   A 10  . ? 1_555 ? 
26 AC6 4 A   A 11 ? A   A 11  . ? 1_555 ? 
27 AC6 4 A   B 10 ? A   B 21  . ? 1_555 ? 
28 AC7 4 A   A 7  ? A   A 7   . ? 1_555 ? 
29 AC7 4 A   A 8  ? A   A 8   . ? 1_555 ? 
30 AC7 4 HOH U .  ? HOH A 214 . ? 7_555 ? 
31 AC7 4 A   B 7  ? A   B 18  . ? 1_555 ? 
32 AC8 4 A   A 8  ? A   A 8   . ? 1_555 ? 
33 AC8 4 A   A 9  ? A   A 9   . ? 1_555 ? 
34 AC8 4 HOH U .  ? HOH A 222 . ? 1_555 ? 
35 AC8 4 A   B 8  ? A   B 19  . ? 1_555 ? 
36 AC9 5 A   A 4  ? A   A 4   . ? 1_555 ? 
37 AC9 5 A   A 5  ? A   A 5   . ? 1_555 ? 
38 AC9 5 HOH U .  ? HOH A 226 . ? 1_555 ? 
39 AC9 5 A   B 4  ? A   B 15  . ? 1_555 ? 
40 AC9 5 A   B 5  ? A   B 16  . ? 1_555 ? 
41 AD1 5 A   A 7  ? A   A 7   . ? 1_555 ? 
42 AD1 5 A   A 8  ? A   A 8   . ? 1_555 ? 
43 AD1 5 HOH U .  ? HOH A 220 . ? 1_555 ? 
44 AD1 5 A   B 5  ? A   B 16  . ? 1_555 ? 
45 AD1 5 DA  B 6  ? DA  B 17  . ? 1_555 ? 
46 AD2 4 A   A 10 ? A   A 10  . ? 1_555 ? 
47 AD2 4 A   A 11 ? A   A 11  . ? 1_555 ? 
48 AD2 4 A   B 8  ? A   B 19  . ? 1_555 ? 
49 AD2 4 A   B 9  ? A   B 20  . ? 1_555 ? 
50 AD3 6 A   A 8  ? A   A 8   . ? 1_555 ? 
51 AD3 6 A   A 9  ? A   A 9   . ? 1_555 ? 
52 AD3 6 HOH U .  ? HOH A 238 . ? 7_645 ? 
53 AD3 6 DA  B 6  ? DA  B 17  . ? 7_645 ? 
54 AD3 6 DA  B 6  ? DA  B 17  . ? 1_555 ? 
55 AD3 6 A   B 7  ? A   B 18  . ? 1_555 ? 
56 AD4 4 A   A 1  ? A   A 1   . ? 3_645 ? 
57 AD4 4 A   A 11 ? A   A 11  . ? 1_555 ? 
58 AD4 4 A   B 9  ? A   B 20  . ? 1_555 ? 
59 AD4 4 A   B 10 ? A   B 21  . ? 1_555 ? 
60 AD5 4 A   A 3  ? A   A 3   . ? 1_555 ? 
61 AD5 4 A   B 1  ? A   B 12  . ? 1_555 ? 
62 AD5 4 A   B 2  ? A   B 13  . ? 1_555 ? 
63 AD5 4 HOH V .  ? HOH B 210 . ? 1_555 ? 
64 AD6 6 A   A 9  ? A   A 9   . ? 1_555 ? 
65 AD6 6 A   A 10 ? A   A 10  . ? 1_555 ? 
66 AD6 6 A   B 5  ? A   B 16  . ? 7_645 ? 
67 AD6 6 A   B 7  ? A   B 18  . ? 1_555 ? 
68 AD6 6 A   B 8  ? A   B 19  . ? 1_555 ? 
69 AD6 6 HOH V .  ? HOH B 207 . ? 7_645 ? 
70 AD7 6 A   A 4  ? A   A 4   . ? 1_555 ? 
71 AD7 6 A   A 5  ? A   A 5   . ? 1_555 ? 
72 AD7 6 A   B 2  ? A   B 13  . ? 1_555 ? 
73 AD7 6 A   B 3  ? A   B 14  . ? 1_555 ? 
74 AD7 6 HOH V .  ? HOH B 223 . ? 7_555 ? 
75 AD7 6 HOH V .  ? HOH B 225 . ? 1_555 ? 
76 AD8 5 DA  A 6  ? DA  A 6   . ? 1_555 ? 
77 AD8 5 A   A 7  ? A   A 7   . ? 1_555 ? 
78 AD8 5 A   B 4  ? A   B 15  . ? 1_555 ? 
79 AD8 5 A   B 5  ? A   B 16  . ? 1_555 ? 
80 AD8 5 HOH V .  ? HOH B 214 . ? 7_545 ? 
81 AD9 4 A   A 5  ? A   A 5   . ? 1_555 ? 
82 AD9 4 DA  A 6  ? DA  A 6   . ? 1_555 ? 
83 AD9 4 A   B 3  ? A   B 14  . ? 1_555 ? 
84 AD9 4 A   B 4  ? A   B 15  . ? 1_555 ? 
# 
loop_
_pdbx_validate_close_contact.id 
_pdbx_validate_close_contact.PDB_model_num 
_pdbx_validate_close_contact.auth_atom_id_1 
_pdbx_validate_close_contact.auth_asym_id_1 
_pdbx_validate_close_contact.auth_comp_id_1 
_pdbx_validate_close_contact.auth_seq_id_1 
_pdbx_validate_close_contact.PDB_ins_code_1 
_pdbx_validate_close_contact.label_alt_id_1 
_pdbx_validate_close_contact.auth_atom_id_2 
_pdbx_validate_close_contact.auth_asym_id_2 
_pdbx_validate_close_contact.auth_comp_id_2 
_pdbx_validate_close_contact.auth_seq_id_2 
_pdbx_validate_close_contact.PDB_ins_code_2 
_pdbx_validate_close_contact.label_alt_id_2 
_pdbx_validate_close_contact.dist 
1 1 O A HOH 219 ? ? O A HOH 225 ? ? 2.10 
2 1 O B HOH 201 ? ? O B HOH 213 ? ? 2.13 
# 
loop_
_pdbx_validate_symm_contact.id 
_pdbx_validate_symm_contact.PDB_model_num 
_pdbx_validate_symm_contact.auth_atom_id_1 
_pdbx_validate_symm_contact.auth_asym_id_1 
_pdbx_validate_symm_contact.auth_comp_id_1 
_pdbx_validate_symm_contact.auth_seq_id_1 
_pdbx_validate_symm_contact.PDB_ins_code_1 
_pdbx_validate_symm_contact.label_alt_id_1 
_pdbx_validate_symm_contact.site_symmetry_1 
_pdbx_validate_symm_contact.auth_atom_id_2 
_pdbx_validate_symm_contact.auth_asym_id_2 
_pdbx_validate_symm_contact.auth_comp_id_2 
_pdbx_validate_symm_contact.auth_seq_id_2 
_pdbx_validate_symm_contact.PDB_ins_code_2 
_pdbx_validate_symm_contact.label_alt_id_2 
_pdbx_validate_symm_contact.site_symmetry_2 
_pdbx_validate_symm_contact.dist 
1 1 N6    A A  8  ? ? 1_555 O A HOH 238 ? ? 7_645 2.16 
2 1 "O5'" B DA 17 ? ? 1_555 O A HOH 238 ? ? 7_645 2.17 
# 
_pdbx_struct_special_symmetry.id              1 
_pdbx_struct_special_symmetry.PDB_model_num   1 
_pdbx_struct_special_symmetry.auth_asym_id    A 
_pdbx_struct_special_symmetry.auth_comp_id    HOH 
_pdbx_struct_special_symmetry.auth_seq_id     228 
_pdbx_struct_special_symmetry.PDB_ins_code    ? 
_pdbx_struct_special_symmetry.label_asym_id   U 
_pdbx_struct_special_symmetry.label_comp_id   HOH 
_pdbx_struct_special_symmetry.label_seq_id    . 
# 
loop_
_chem_comp_atom.comp_id 
_chem_comp_atom.atom_id 
_chem_comp_atom.type_symbol 
_chem_comp_atom.pdbx_aromatic_flag 
_chem_comp_atom.pdbx_stereo_config 
_chem_comp_atom.pdbx_ordinal 
A   OP3    O N N 1  
A   P      P N N 2  
A   OP1    O N N 3  
A   OP2    O N N 4  
A   "O5'"  O N N 5  
A   "C5'"  C N N 6  
A   "C4'"  C N R 7  
A   "O4'"  O N N 8  
A   "C3'"  C N S 9  
A   "O3'"  O N N 10 
A   "C2'"  C N R 11 
A   "O2'"  O N N 12 
A   "C1'"  C N R 13 
A   N9     N Y N 14 
A   C8     C Y N 15 
A   N7     N Y N 16 
A   C5     C Y N 17 
A   C6     C Y N 18 
A   N6     N N N 19 
A   N1     N Y N 20 
A   C2     C Y N 21 
A   N3     N Y N 22 
A   C4     C Y N 23 
A   HOP3   H N N 24 
A   HOP2   H N N 25 
A   "H5'"  H N N 26 
A   "H5''" H N N 27 
A   "H4'"  H N N 28 
A   "H3'"  H N N 29 
A   "HO3'" H N N 30 
A   "H2'"  H N N 31 
A   "HO2'" H N N 32 
A   "H1'"  H N N 33 
A   H8     H N N 34 
A   H61    H N N 35 
A   H62    H N N 36 
A   H2     H N N 37 
DA  OP3    O N N 38 
DA  P      P N N 39 
DA  OP1    O N N 40 
DA  OP2    O N N 41 
DA  "O5'"  O N N 42 
DA  "C5'"  C N N 43 
DA  "C4'"  C N R 44 
DA  "O4'"  O N N 45 
DA  "C3'"  C N S 46 
DA  "O3'"  O N N 47 
DA  "C2'"  C N N 48 
DA  "C1'"  C N R 49 
DA  N9     N Y N 50 
DA  C8     C Y N 51 
DA  N7     N Y N 52 
DA  C5     C Y N 53 
DA  C6     C Y N 54 
DA  N6     N N N 55 
DA  N1     N Y N 56 
DA  C2     C Y N 57 
DA  N3     N Y N 58 
DA  C4     C Y N 59 
DA  HOP3   H N N 60 
DA  HOP2   H N N 61 
DA  "H5'"  H N N 62 
DA  "H5''" H N N 63 
DA  "H4'"  H N N 64 
DA  "H3'"  H N N 65 
DA  "HO3'" H N N 66 
DA  "H2'"  H N N 67 
DA  "H2''" H N N 68 
DA  "H1'"  H N N 69 
DA  H8     H N N 70 
DA  H61    H N N 71 
DA  H62    H N N 72 
DA  H2     H N N 73 
HOH O      O N N 74 
HOH H1     H N N 75 
HOH H2     H N N 76 
NH4 N      N N N 77 
NH4 HN1    H N N 78 
NH4 HN2    H N N 79 
NH4 HN3    H N N 80 
NH4 HN4    H N N 81 
# 
loop_
_chem_comp_bond.comp_id 
_chem_comp_bond.atom_id_1 
_chem_comp_bond.atom_id_2 
_chem_comp_bond.value_order 
_chem_comp_bond.pdbx_aromatic_flag 
_chem_comp_bond.pdbx_stereo_config 
_chem_comp_bond.pdbx_ordinal 
A   OP3   P      sing N N 1  
A   OP3   HOP3   sing N N 2  
A   P     OP1    doub N N 3  
A   P     OP2    sing N N 4  
A   P     "O5'"  sing N N 5  
A   OP2   HOP2   sing N N 6  
A   "O5'" "C5'"  sing N N 7  
A   "C5'" "C4'"  sing N N 8  
A   "C5'" "H5'"  sing N N 9  
A   "C5'" "H5''" sing N N 10 
A   "C4'" "O4'"  sing N N 11 
A   "C4'" "C3'"  sing N N 12 
A   "C4'" "H4'"  sing N N 13 
A   "O4'" "C1'"  sing N N 14 
A   "C3'" "O3'"  sing N N 15 
A   "C3'" "C2'"  sing N N 16 
A   "C3'" "H3'"  sing N N 17 
A   "O3'" "HO3'" sing N N 18 
A   "C2'" "O2'"  sing N N 19 
A   "C2'" "C1'"  sing N N 20 
A   "C2'" "H2'"  sing N N 21 
A   "O2'" "HO2'" sing N N 22 
A   "C1'" N9     sing N N 23 
A   "C1'" "H1'"  sing N N 24 
A   N9    C8     sing Y N 25 
A   N9    C4     sing Y N 26 
A   C8    N7     doub Y N 27 
A   C8    H8     sing N N 28 
A   N7    C5     sing Y N 29 
A   C5    C6     sing Y N 30 
A   C5    C4     doub Y N 31 
A   C6    N6     sing N N 32 
A   C6    N1     doub Y N 33 
A   N6    H61    sing N N 34 
A   N6    H62    sing N N 35 
A   N1    C2     sing Y N 36 
A   C2    N3     doub Y N 37 
A   C2    H2     sing N N 38 
A   N3    C4     sing Y N 39 
DA  OP3   P      sing N N 40 
DA  OP3   HOP3   sing N N 41 
DA  P     OP1    doub N N 42 
DA  P     OP2    sing N N 43 
DA  P     "O5'"  sing N N 44 
DA  OP2   HOP2   sing N N 45 
DA  "O5'" "C5'"  sing N N 46 
DA  "C5'" "C4'"  sing N N 47 
DA  "C5'" "H5'"  sing N N 48 
DA  "C5'" "H5''" sing N N 49 
DA  "C4'" "O4'"  sing N N 50 
DA  "C4'" "C3'"  sing N N 51 
DA  "C4'" "H4'"  sing N N 52 
DA  "O4'" "C1'"  sing N N 53 
DA  "C3'" "O3'"  sing N N 54 
DA  "C3'" "C2'"  sing N N 55 
DA  "C3'" "H3'"  sing N N 56 
DA  "O3'" "HO3'" sing N N 57 
DA  "C2'" "C1'"  sing N N 58 
DA  "C2'" "H2'"  sing N N 59 
DA  "C2'" "H2''" sing N N 60 
DA  "C1'" N9     sing N N 61 
DA  "C1'" "H1'"  sing N N 62 
DA  N9    C8     sing Y N 63 
DA  N9    C4     sing Y N 64 
DA  C8    N7     doub Y N 65 
DA  C8    H8     sing N N 66 
DA  N7    C5     sing Y N 67 
DA  C5    C6     sing Y N 68 
DA  C5    C4     doub Y N 69 
DA  C6    N6     sing N N 70 
DA  C6    N1     doub Y N 71 
DA  N6    H61    sing N N 72 
DA  N6    H62    sing N N 73 
DA  N1    C2     sing Y N 74 
DA  C2    N3     doub Y N 75 
DA  C2    H2     sing N N 76 
DA  N3    C4     sing Y N 77 
HOH O     H1     sing N N 78 
HOH O     H2     sing N N 79 
NH4 N     HN1    sing N N 80 
NH4 N     HN2    sing N N 81 
NH4 N     HN3    sing N N 82 
NH4 N     HN4    sing N N 83 
# 
_ndb_struct_conf_na.entry_id   5VXQ 
_ndb_struct_conf_na.feature    'double helix' 
# 
loop_
_ndb_struct_na_base_pair.model_number 
_ndb_struct_na_base_pair.i_label_asym_id 
_ndb_struct_na_base_pair.i_label_comp_id 
_ndb_struct_na_base_pair.i_label_seq_id 
_ndb_struct_na_base_pair.i_symmetry 
_ndb_struct_na_base_pair.j_label_asym_id 
_ndb_struct_na_base_pair.j_label_comp_id 
_ndb_struct_na_base_pair.j_label_seq_id 
_ndb_struct_na_base_pair.j_symmetry 
_ndb_struct_na_base_pair.shear 
_ndb_struct_na_base_pair.stretch 
_ndb_struct_na_base_pair.stagger 
_ndb_struct_na_base_pair.buckle 
_ndb_struct_na_base_pair.propeller 
_ndb_struct_na_base_pair.opening 
_ndb_struct_na_base_pair.pair_number 
_ndb_struct_na_base_pair.pair_name 
_ndb_struct_na_base_pair.i_auth_asym_id 
_ndb_struct_na_base_pair.i_auth_seq_id 
_ndb_struct_na_base_pair.i_PDB_ins_code 
_ndb_struct_na_base_pair.j_auth_asym_id 
_ndb_struct_na_base_pair.j_auth_seq_id 
_ndb_struct_na_base_pair.j_PDB_ins_code 
_ndb_struct_na_base_pair.hbond_type_28 
_ndb_struct_na_base_pair.hbond_type_12 
1 A A  2  1_555 B A  1  1_555 6.214  -5.040 0.030  12.926 -3.954  179.512  1  A_A2:A12_B  A 2  ? B 12 ? 2 8 
1 A A  3  1_555 B A  2  1_555 6.139  -5.025 -0.433 10.616 -1.029  178.970  2  A_A3:A13_B  A 3  ? B 13 ? 2 8 
1 A A  4  1_555 B A  3  1_555 -6.207 5.012  0.042  -2.981 9.322   -179.920 3  A_A4:A14_B  A 4  ? B 14 ? 2 8 
1 A A  5  1_555 B A  4  1_555 6.163  -5.031 0.106  -0.427 -10.637 178.575  4  A_A5:A15_B  A 5  ? B 15 ? 2 8 
1 A DA 6  1_555 B A  5  1_555 -6.175 5.048  0.070  2.827  11.693  -179.785 5  A_DA6:A16_B A 6  ? B 16 ? 2 8 
1 A A  7  1_555 B DA 6  1_555 -6.158 5.088  0.065  5.800  13.229  -176.506 6  A_A7:DA17_B A 7  ? B 17 ? 2 8 
1 A A  8  1_555 B A  7  1_555 -6.024 5.156  -0.028 3.154  14.234  -179.813 7  A_A8:A18_B  A 8  ? B 18 ? 2 8 
1 A A  9  1_555 B A  8  1_555 6.070  -5.064 -0.051 -5.363 -15.295 178.545  8  A_A9:A19_B  A 9  ? B 19 ? 2 8 
1 A A  10 1_555 B A  9  1_555 -6.170 5.014  0.004  6.847  13.910  -179.699 9  A_A10:A20_B A 10 ? B 20 ? 2 8 
1 A A  11 1_555 B A  10 1_555 -6.131 5.028  0.112  0.953  4.544   -179.152 10 A_A11:A21_B A 11 ? B 21 ? 2 8 
# 
loop_
_ndb_struct_na_base_pair_step.model_number 
_ndb_struct_na_base_pair_step.i_label_asym_id_1 
_ndb_struct_na_base_pair_step.i_label_comp_id_1 
_ndb_struct_na_base_pair_step.i_label_seq_id_1 
_ndb_struct_na_base_pair_step.i_symmetry_1 
_ndb_struct_na_base_pair_step.j_label_asym_id_1 
_ndb_struct_na_base_pair_step.j_label_comp_id_1 
_ndb_struct_na_base_pair_step.j_label_seq_id_1 
_ndb_struct_na_base_pair_step.j_symmetry_1 
_ndb_struct_na_base_pair_step.i_label_asym_id_2 
_ndb_struct_na_base_pair_step.i_label_comp_id_2 
_ndb_struct_na_base_pair_step.i_label_seq_id_2 
_ndb_struct_na_base_pair_step.i_symmetry_2 
_ndb_struct_na_base_pair_step.j_label_asym_id_2 
_ndb_struct_na_base_pair_step.j_label_comp_id_2 
_ndb_struct_na_base_pair_step.j_label_seq_id_2 
_ndb_struct_na_base_pair_step.j_symmetry_2 
_ndb_struct_na_base_pair_step.shift 
_ndb_struct_na_base_pair_step.slide 
_ndb_struct_na_base_pair_step.rise 
_ndb_struct_na_base_pair_step.tilt 
_ndb_struct_na_base_pair_step.roll 
_ndb_struct_na_base_pair_step.twist 
_ndb_struct_na_base_pair_step.x_displacement 
_ndb_struct_na_base_pair_step.y_displacement 
_ndb_struct_na_base_pair_step.helical_rise 
_ndb_struct_na_base_pair_step.inclination 
_ndb_struct_na_base_pair_step.tip 
_ndb_struct_na_base_pair_step.helical_twist 
_ndb_struct_na_base_pair_step.step_number 
_ndb_struct_na_base_pair_step.step_name 
_ndb_struct_na_base_pair_step.i_auth_asym_id_1 
_ndb_struct_na_base_pair_step.i_auth_seq_id_1 
_ndb_struct_na_base_pair_step.i_PDB_ins_code_1 
_ndb_struct_na_base_pair_step.j_auth_asym_id_1 
_ndb_struct_na_base_pair_step.j_auth_seq_id_1 
_ndb_struct_na_base_pair_step.j_PDB_ins_code_1 
_ndb_struct_na_base_pair_step.i_auth_asym_id_2 
_ndb_struct_na_base_pair_step.i_auth_seq_id_2 
_ndb_struct_na_base_pair_step.i_PDB_ins_code_2 
_ndb_struct_na_base_pair_step.j_auth_asym_id_2 
_ndb_struct_na_base_pair_step.j_auth_seq_id_2 
_ndb_struct_na_base_pair_step.j_PDB_ins_code_2 
1 A A  2  1_555 B A  1 1_555 A A  3  1_555 B A  2  1_555 0.133  1.668  3.479 -6.241 -4.920 32.292   3.760  -1.302 3.119 -8.682 
11.014 33.230   1 AA_A2A3:A13A12_BB   A 2  ? B 12 ? A 3  ? B 13 ? 
1 A A  3  1_555 B A  2 1_555 A A  4  1_555 B A  3  1_555 -0.115 0.513  3.854 0.469  4.905  -138.101 -0.308 -0.058 3.845 -2.626 
0.251  -138.141 2 AA_A3A4:A14A13_BB   A 3  ? B 13 ? A 4  ? B 14 ? 
1 A A  4  1_555 B A  3 1_555 A A  5  1_555 B A  4  1_555 -0.457 -0.213 3.747 1.626  -0.950 -138.431 0.120  -0.234 3.748 0.508  
0.870  -138.437 3 AA_A4A5:A15A14_BB   A 4  ? B 14 ? A 5  ? B 15 ? 
1 A A  5  1_555 B A  4 1_555 A DA 6  1_555 B A  5  1_555 0.212  -0.538 3.795 -2.037 1.005  -136.744 0.282  0.100  3.799 -0.540 
-1.096 -136.753 4 AA_A5DA6:A16A15_BB  A 5  ? B 15 ? A 6  ? B 16 ? 
1 A DA 6  1_555 B A  5 1_555 A A  7  1_555 B DA 6  1_555 0.210  -0.425 3.773 -0.319 0.143  41.165   -0.623 -0.339 3.770 0.203  
0.454  41.166   5 AA_DA6A7:DA17A16_BB A 6  ? B 16 ? A 7  ? B 17 ? 
1 A A  7  1_555 B DA 6 1_555 A A  8  1_555 B A  7  1_555 -0.152 0.054  3.813 1.053  0.723  44.872   -0.006 0.311  3.809 0.947  
-1.379 44.889   6 AA_A7A8:A18DA17_BB  A 7  ? B 17 ? A 8  ? B 18 ? 
1 A A  8  1_555 B A  7 1_555 A A  9  1_555 B A  8  1_555 -0.252 -0.035 3.835 0.858  -0.201 -138.222 0.020  -0.129 3.836 0.107  
0.459  -138.224 7 AA_A8A9:A19A18_BB   A 8  ? B 18 ? A 9  ? B 19 ? 
1 A A  9  1_555 B A  8 1_555 A A  10 1_555 B A  9  1_555 -0.355 0.170  3.797 0.046  0.802  -138.222 -0.096 -0.190 3.797 -0.429 
0.024  -138.223 8 AA_A9A10:A20A19_BB  A 9  ? B 19 ? A 10 ? B 20 ? 
1 A A  10 1_555 B A  9 1_555 A A  11 1_555 B A  10 1_555 -0.089 -0.062 3.555 -0.648 -1.102 39.370   0.049  0.049  3.557 -1.635 
0.962  39.390   9 AA_A10A11:A21A20_BB A 10 ? B 20 ? A 11 ? B 21 ? 
# 
_atom_sites.entry_id                    5VXQ 
_atom_sites.fract_transf_matrix[1][1]   0.01925388 
_atom_sites.fract_transf_matrix[1][2]   0.00450377 
_atom_sites.fract_transf_matrix[1][3]   0.03915200 
_atom_sites.fract_transf_matrix[2][1]   0.02290480 
_atom_sites.fract_transf_matrix[2][2]   0.03418085 
_atom_sites.fract_transf_matrix[2][3]   -0.01519588 
_atom_sites.fract_transf_matrix[3][1]   -0.00445651 
_atom_sites.fract_transf_matrix[3][2]   0.00376796 
_atom_sites.fract_transf_matrix[3][3]   0.00175815 
_atom_sites.fract_transf_vector[1]      1.027075 
_atom_sites.fract_transf_vector[2]      0.473160 
_atom_sites.fract_transf_vector[3]      -0.025939 
# 
loop_
_atom_type.symbol 
C 
H 
N 
O 
P 
# 
loop_
_atom_site.group_PDB 
_atom_site.id 
_atom_site.type_symbol 
_atom_site.label_atom_id 
_atom_site.label_alt_id 
_atom_site.label_comp_id 
_atom_site.label_asym_id 
_atom_site.label_entity_id 
_atom_site.label_seq_id 
_atom_site.pdbx_PDB_ins_code 
_atom_site.Cartn_x 
_atom_site.Cartn_y 
_atom_site.Cartn_z 
_atom_site.occupancy 
_atom_site.B_iso_or_equiv 
_atom_site.pdbx_formal_charge 
_atom_site.auth_seq_id 
_atom_site.auth_comp_id 
_atom_site.auth_asym_id 
_atom_site.auth_atom_id 
_atom_site.pdbx_PDB_model_num 
ATOM   1   O "O5'" . A   A 1 1  ? 13.372  -16.276 -3.928  1.00 13.95 ? 1   A   A "O5'" 1 
ATOM   2   C "C5'" . A   A 1 1  ? 13.791  -17.160 -2.900  1.00 12.83 ? 1   A   A "C5'" 1 
ATOM   3   C "C4'" . A   A 1 1  ? 14.741  -16.481 -1.950  1.00 11.12 ? 1   A   A "C4'" 1 
ATOM   4   O "O4'" . A   A 1 1  ? 15.916  -16.044 -2.668  1.00 10.98 ? 1   A   A "O4'" 1 
ATOM   5   C "C3'" . A   A 1 1  ? 14.218  -15.219 -1.283  1.00 9.61  ? 1   A   A "C3'" 1 
ATOM   6   O "O3'" . A   A 1 1  ? 13.446  -15.523 -0.144  1.00 10.31 ? 1   A   A "O3'" 1 
ATOM   7   C "C2'" . A   A 1 1  ? 15.491  -14.452 -0.966  1.00 10.37 ? 1   A   A "C2'" 1 
ATOM   8   O "O2'" . A   A 1 1  ? 16.116  -15.004 0.187   1.00 11.45 ? 1   A   A "O2'" 1 
ATOM   9   C "C1'" . A   A 1 1  ? 16.343  -14.794 -2.176  1.00 9.98  ? 1   A   A "C1'" 1 
ATOM   10  N N9    . A   A 1 1  ? 16.293  -13.825 -3.286  1.00 9.70  ? 1   A   A N9    1 
ATOM   11  C C8    . A   A 1 1  ? 15.707  -14.007 -4.519  1.00 9.77  ? 1   A   A C8    1 
ATOM   12  N N7    . A   A 1 1  ? 15.945  -13.023 -5.344  1.00 9.90  ? 1   A   A N7    1 
ATOM   13  C C5    . A   A 1 1  ? 16.739  -12.160 -4.605  1.00 9.44  ? 1   A   A C5    1 
ATOM   14  C C6    . A   A 1 1  ? 17.335  -10.939 -4.929  1.00 10.10 ? 1   A   A C6    1 
ATOM   15  N N6    . A   A 1 1  ? 17.214  -10.364 -6.124  1.00 10.45 ? 1   A   A N6    1 
ATOM   16  N N1    . A   A 1 1  ? 18.062  -10.323 -3.969  1.00 10.25 ? 1   A   A N1    1 
ATOM   17  C C2    . A   A 1 1  ? 18.209  -10.905 -2.769  1.00 11.10 ? 1   A   A C2    1 
ATOM   18  N N3    . A   A 1 1  ? 17.708  -12.072 -2.363  1.00 10.64 ? 1   A   A N3    1 
ATOM   19  C C4    . A   A 1 1  ? 16.978  -12.644 -3.338  1.00 9.76  ? 1   A   A C4    1 
ATOM   20  P P     . A   A 1 2  ? 12.560  -14.403 0.565   1.00 10.28 ? 2   A   A P     1 
ATOM   21  O OP1   . A   A 1 2  ? 11.674  -15.132 1.511   1.00 11.31 ? 2   A   A OP1   1 
ATOM   22  O OP2   . A   A 1 2  ? 11.958  -13.490 -0.441  1.00 10.23 ? 2   A   A OP2   1 
ATOM   23  O "O5'" . A   A 1 2  ? 13.612  -13.524 1.366   1.00 10.19 ? 2   A   A "O5'" 1 
ATOM   24  C "C5'" . A   A 1 2  ? 14.262  -14.028 2.523   1.00 11.57 ? 2   A   A "C5'" 1 
ATOM   25  C "C4'" . A   A 1 2  ? 15.003  -12.932 3.235   1.00 10.47 ? 2   A   A "C4'" 1 
ATOM   26  O "O4'" . A   A 1 2  ? 16.079  -12.428 2.404   1.00 11.58 ? 2   A   A "O4'" 1 
ATOM   27  C "C3'" . A   A 1 2  ? 14.179  -11.704 3.541   1.00 10.05 ? 2   A   A "C3'" 1 
ATOM   28  O "O3'" . A   A 1 2  ? 13.362  -11.894 4.676   1.00 10.54 ? 2   A   A "O3'" 1 
ATOM   29  C "C2'" . A   A 1 2  ? 15.237  -10.621 3.682   1.00 11.32 ? 2   A   A "C2'" 1 
ATOM   30  O "O2'" . A   A 1 2  ? 15.906  -10.749 4.929   1.00 13.36 ? 2   A   A "O2'" 1 
ATOM   31  C "C1'" . A   A 1 2  ? 16.219  -11.034 2.591   1.00 11.33 ? 2   A   A "C1'" 1 
ATOM   32  N N9    . A   A 1 2  ? 15.964  -10.391 1.290   1.00 10.96 ? 2   A   A N9    1 
ATOM   33  C C8    . A   A 1 2  ? 15.086  -10.835 0.326   1.00 10.81 ? 2   A   A C8    1 
ATOM   34  N N7    . A   A 1 2  ? 15.079  -10.110 -0.762  1.00 10.35 ? 2   A   A N7    1 
ATOM   35  C C5    . A   A 1 2  ? 16.016  -9.126  -0.509  1.00 10.17 ? 2   A   A C5    1 
ATOM   36  C C6    . A   A 1 2  ? 16.477  -8.060  -1.287  1.00 9.74  ? 2   A   A C6    1 
ATOM   37  N N6    . A   A 1 2  ? 16.023  -7.795  -2.516  1.00 10.30 ? 2   A   A N6    1 
ATOM   38  N N1    . A   A 1 2  ? 17.422  -7.263  -0.738  1.00 12.25 ? 2   A   A N1    1 
ATOM   39  C C2    . A   A 1 2  ? 17.875  -7.534  0.492   1.00 12.92 ? 2   A   A C2    1 
ATOM   40  N N3    . A   A 1 2  ? 17.518  -8.516  1.314   1.00 12.85 ? 2   A   A N3    1 
ATOM   41  C C4    . A   A 1 2  ? 16.571  -9.286  0.752   1.00 10.97 ? 2   A   A C4    1 
ATOM   42  P P     . A   A 1 3  ? 11.901  -11.253 4.678   1.00 10.48 ? 3   A   A P     1 
ATOM   43  O OP1   . A   A 1 3  ? 11.353  -11.470 6.038   1.00 12.04 ? 3   A   A OP1   1 
ATOM   44  O OP2   . A   A 1 3  ? 11.120  -11.727 3.506   1.00 11.20 ? 3   A   A OP2   1 
ATOM   45  O "O5'" . A   A 1 3  ? 12.262  -9.719  4.513   1.00 10.58 ? 3   A   A "O5'" 1 
ATOM   46  C "C5'" . A   A 1 3  ? 11.554  -8.848  3.651   1.00 9.63  ? 3   A   A "C5'" 1 
ATOM   47  C "C4'" . A   A 1 3  ? 12.399  -7.638  3.375   1.00 9.50  ? 3   A   A "C4'" 1 
ATOM   48  O "O4'" . A   A 1 3  ? 13.461  -7.975  2.434   1.00 9.09  ? 3   A   A "O4'" 1 
ATOM   49  C "C3'" . A   A 1 3  ? 11.708  -6.465  2.733   1.00 8.67  ? 3   A   A "C3'" 1 
ATOM   50  O "O3'" . A   A 1 3  ? 10.916  -5.742  3.655   1.00 8.61  ? 3   A   A "O3'" 1 
ATOM   51  C "C2'" . A   A 1 3  ? 12.891  -5.697  2.158   1.00 9.08  ? 3   A   A "C2'" 1 
ATOM   52  O "O2'" . A   A 1 3  ? 13.590  -5.014  3.185   1.00 9.86  ? 3   A   A "O2'" 1 
ATOM   53  C "C1'" . A   A 1 3  ? 13.746  -6.859  1.613   1.00 8.26  ? 3   A   A "C1'" 1 
ATOM   54  N N9    . A   A 1 3  ? 13.254  -7.146  0.257   1.00 8.20  ? 3   A   A N9    1 
ATOM   55  C C8    . A   A 1 3  ? 12.381  -8.132  -0.142  1.00 8.80  ? 3   A   A C8    1 
ATOM   56  N N7    . A   A 1 3  ? 11.995  -8.008  -1.395  1.00 8.19  ? 3   A   A N7    1 
ATOM   57  C C5    . A   A 1 3  ? 12.627  -6.857  -1.827  1.00 7.41  ? 3   A   A C5    1 
ATOM   58  C C6    . A   A 1 3  ? 12.597  -6.187  -3.055  1.00 7.70  ? 3   A   A C6    1 
ATOM   59  N N6    . A   A 1 3  ? 11.885  -6.600  -4.100  1.00 8.65  ? 3   A   A N6    1 
ATOM   60  N N1    . A   A 1 3  ? 13.326  -5.060  -3.173  1.00 8.76  ? 3   A   A N1    1 
ATOM   61  C C2    . A   A 1 3  ? 14.027  -4.644  -2.117  1.00 8.40  ? 3   A   A C2    1 
ATOM   62  N N3    . A   A 1 3  ? 14.135  -5.172  -0.900  1.00 8.80  ? 3   A   A N3    1 
ATOM   63  C C4    . A   A 1 3  ? 13.390  -6.297  -0.820  1.00 8.55  ? 3   A   A C4    1 
ATOM   64  P P     . A   A 1 4  ? 9.527   -5.118  3.176   1.00 7.88  ? 4   A   A P     1 
ATOM   65  O OP1   . A   A 1 4  ? 8.966   -4.444  4.370   1.00 8.91  ? 4   A   A OP1   1 
ATOM   66  O OP2   . A   A 1 4  ? 8.730   -6.122  2.442   1.00 8.35  ? 4   A   A OP2   1 
ATOM   67  O "O5'" . A   A 1 4  ? 9.962   -4.035  2.100   1.00 7.73  ? 4   A   A "O5'" 1 
ATOM   68  C "C5'" . A   A 1 4  ? 10.809  -2.963  2.468   1.00 8.03  ? 4   A   A "C5'" 1 
ATOM   69  C "C4'" . A   A 1 4  ? 11.182  -2.129  1.275   1.00 8.01  ? 4   A   A "C4'" 1 
ATOM   70  O "O4'" . A   A 1 4  ? 11.830  -2.951  0.268   1.00 7.73  ? 4   A   A "O4'" 1 
ATOM   71  C "C3'" . A   A 1 4  ? 10.033  -1.482  0.530   1.00 6.82  ? 4   A   A "C3'" 1 
ATOM   72  O "O3'" . A   A 1 4  ? 9.555   -0.336  1.209   1.00 7.50  ? 4   A   A "O3'" 1 
ATOM   73  C "C2'" . A   A 1 4  ? 10.664  -1.200  -0.823  1.00 7.49  ? 4   A   A "C2'" 1 
ATOM   74  O "O2'" . A   A 1 4  ? 11.532  -0.081  -0.730  1.00 8.79  ? 4   A   A "O2'" 1 
ATOM   75  C "C1'" . A   A 1 4  ? 11.490  -2.482  -1.025  1.00 8.29  ? 4   A   A "C1'" 1 
ATOM   76  N N9    . A   A 1 4  ? 10.618  -3.479  -1.663  1.00 7.45  ? 4   A   A N9    1 
ATOM   77  C C8    . A   A 1 4  ? 10.010  -4.576  -1.098  1.00 7.67  ? 4   A   A C8    1 
ATOM   78  N N7    . A   A 1 4  ? 9.194   -5.183  -1.926  1.00 7.93  ? 4   A   A N7    1 
ATOM   79  C C5    . A   A 1 4  ? 9.240   -4.420  -3.082  1.00 7.99  ? 4   A   A C5    1 
ATOM   80  C C6    . A   A 1 4  ? 8.564   -4.537  -4.307  1.00 8.22  ? 4   A   A C6    1 
ATOM   81  N N6    . A   A 1 4  ? 7.701   -5.530  -4.562  1.00 8.82  ? 4   A   A N6    1 
ATOM   82  N N1    . A   A 1 4  ? 8.823   -3.594  -5.246  1.00 8.24  ? 4   A   A N1    1 
ATOM   83  C C2    . A   A 1 4  ? 9.705   -2.618  -4.977  1.00 8.25  ? 4   A   A C2    1 
ATOM   84  N N3    . A   A 1 4  ? 10.400  -2.412  -3.861  1.00 8.60  ? 4   A   A N3    1 
ATOM   85  C C4    . A   A 1 4  ? 10.109  -3.359  -2.938  1.00 7.82  ? 4   A   A C4    1 
ATOM   86  P P     . A   A 1 5  ? 7.993   0.022   1.204   1.00 7.58  ? 5   A   A P     1 
ATOM   87  O OP1   . A   A 1 5  ? 7.877   1.183   2.107   1.00 9.16  ? 5   A   A OP1   1 
ATOM   88  O OP2   . A   A 1 5  ? 7.188   -1.201  1.432   1.00 7.95  ? 5   A   A OP2   1 
ATOM   89  O "O5'" . A   A 1 5  ? 7.724   0.476   -0.297  1.00 8.25  ? 5   A   A "O5'" 1 
ATOM   90  C "C5'" . A   A 1 5  ? 8.466   1.552   -0.859  1.00 8.49  ? 5   A   A "C5'" 1 
ATOM   91  C "C4'" . A   A 1 5  ? 8.238   1.669   -2.341  1.00 9.07  ? 5   A   A "C4'" 1 
ATOM   92  O "O4'" . A   A 1 5  ? 8.601   0.427   -3.000  1.00 8.71  ? 5   A   A "O4'" 1 
ATOM   93  C "C3'" . A   A 1 5  ? 6.805   1.907   -2.773  1.00 8.08  ? 5   A   A "C3'" 1 
ATOM   94  O "O3'" . A   A 1 5  ? 6.444   3.265   -2.624  1.00 7.83  ? 5   A   A "O3'" 1 
ATOM   95  C "C2'" . A   A 1 5  ? 6.827   1.427   -4.209  1.00 8.38  ? 5   A   A "C2'" 1 
ATOM   96  O "O2'" . A   A 1 5  ? 7.486   2.384   -5.027  1.00 9.53  ? 5   A   A "O2'" 1 
ATOM   97  C "C1'" . A   A 1 5  ? 7.722   0.188   -4.078  1.00 8.42  ? 5   A   A "C1'" 1 
ATOM   98  N N9    . A   A 1 5  ? 6.918   -1.009  -3.751  1.00 8.63  ? 5   A   A N9    1 
ATOM   99  C C8    . A   A 1 5  ? 6.864   -1.670  -2.549  1.00 8.08  ? 5   A   A C8    1 
ATOM   100 N N7    . A   A 1 5  ? 6.040   -2.693  -2.544  1.00 9.06  ? 5   A   A N7    1 
ATOM   101 C C5    . A   A 1 5  ? 5.518   -2.702  -3.828  1.00 8.54  ? 5   A   A C5    1 
ATOM   102 C C6    . A   A 1 5  ? 4.567   -3.529  -4.447  1.00 8.67  ? 5   A   A C6    1 
ATOM   103 N N6    . A   A 1 5  ? 3.970   -4.555  -3.834  1.00 8.86  ? 5   A   A N6    1 
ATOM   104 N N1    . A   A 1 5  ? 4.262   -3.238  -5.734  1.00 8.54  ? 5   A   A N1    1 
ATOM   105 C C2    . A   A 1 5  ? 4.860   -2.205  -6.349  1.00 9.40  ? 5   A   A C2    1 
ATOM   106 N N3    . A   A 1 5  ? 5.754   -1.369  -5.855  1.00 8.64  ? 5   A   A N3    1 
ATOM   107 C C4    . A   A 1 5  ? 6.040   -1.668  -4.580  1.00 8.22  ? 5   A   A C4    1 
ATOM   108 P P     . DA  A 1 6  ? 4.968   3.658   -2.147  1.00 7.58  ? 6   DA  A P     1 
ATOM   109 O OP1   . DA  A 1 6  ? 4.941   5.135   -2.075  1.00 8.78  ? 6   DA  A OP1   1 
ATOM   110 O OP2   . DA  A 1 6  ? 4.570   2.851   -0.978  1.00 8.75  ? 6   DA  A OP2   1 
ATOM   111 O "O5'" . DA  A 1 6  ? 4.055   3.147   -3.349  1.00 8.06  ? 6   DA  A "O5'" 1 
ATOM   112 C "C5'" . DA  A 1 6  ? 4.163   3.755   -4.625  1.00 8.85  ? 6   DA  A "C5'" 1 
ATOM   113 C "C4'" . DA  A 1 6  ? 3.343   2.991   -5.639  1.00 8.19  ? 6   DA  A "C4'" 1 
ATOM   114 O "O4'" . DA  A 1 6  ? 3.846   1.634   -5.749  1.00 8.57  ? 6   DA  A "O4'" 1 
ATOM   115 C "C3'" . DA  A 1 6  ? 1.885   2.802   -5.289  1.00 8.13  ? 6   DA  A "C3'" 1 
ATOM   116 O "O3'" . DA  A 1 6  ? 1.139   3.986   -5.562  1.00 8.30  ? 6   DA  A "O3'" 1 
ATOM   117 C "C2'" . DA  A 1 6  ? 1.531   1.643   -6.210  1.00 8.15  ? 6   DA  A "C2'" 1 
ATOM   118 C "C1'" . DA  A 1 6  ? 2.764   0.745   -5.988  1.00 8.52  ? 6   DA  A "C1'" 1 
ATOM   119 N N9    . DA  A 1 6  ? 2.578   -0.096  -4.812  1.00 7.93  ? 6   DA  A N9    1 
ATOM   120 C C8    . DA  A 1 6  ? 3.102   0.088   -3.561  1.00 7.52  ? 6   DA  A C8    1 
ATOM   121 N N7    . DA  A 1 6  ? 2.674   -0.781  -2.676  1.00 7.59  ? 6   DA  A N7    1 
ATOM   122 C C5    . DA  A 1 6  ? 1.804   -1.585  -3.392  1.00 7.79  ? 6   DA  A C5    1 
ATOM   123 C C6    . DA  A 1 6  ? 0.997   -2.671  -3.014  1.00 7.78  ? 6   DA  A C6    1 
ATOM   124 N N6    . DA  A 1 6  ? 0.986   -3.177  -1.775  1.00 8.11  ? 6   DA  A N6    1 
ATOM   125 N N1    . DA  A 1 6  ? 0.227   -3.238  -3.971  1.00 8.57  ? 6   DA  A N1    1 
ATOM   126 C C2    . DA  A 1 6  ? 0.254   -2.730  -5.213  1.00 9.13  ? 6   DA  A C2    1 
ATOM   127 N N3    . DA  A 1 6  ? 0.959   -1.706  -5.679  1.00 8.95  ? 6   DA  A N3    1 
ATOM   128 C C4    . DA  A 1 6  ? 1.710   -1.160  -4.703  1.00 8.16  ? 6   DA  A C4    1 
ATOM   129 P P     . A   A 1 7  ? -0.037  4.413   -4.555  1.00 9.25  ? 7   A   A P     1 
ATOM   130 O OP1   . A   A 1 7  ? -0.579  5.685   -5.108  1.00 10.96 ? 7   A   A OP1   1 
ATOM   131 O OP2   . A   A 1 7  ? 0.439   4.379   -3.151  1.00 9.98  ? 7   A   A OP2   1 
ATOM   132 O "O5'" . A   A 1 7  ? -1.125  3.266   -4.747  1.00 9.35  ? 7   A   A "O5'" 1 
ATOM   133 C "C5'" . A   A 1 7  ? -1.682  3.047   -6.037  1.00 10.38 ? 7   A   A "C5'" 1 
ATOM   134 C "C4'" . A   A 1 7  ? -2.476  1.772   -6.095  1.00 10.39 ? 7   A   A "C4'" 1 
ATOM   135 O "O4'" . A   A 1 7  ? -1.626  0.638   -5.775  1.00 9.33  ? 7   A   A "O4'" 1 
ATOM   136 C "C3'" . A   A 1 7  ? -3.612  1.668   -5.100  1.00 8.73  ? 7   A   A "C3'" 1 
ATOM   137 O "O3'" . A   A 1 7  ? -4.752  2.395   -5.514  1.00 8.36  ? 7   A   A "O3'" 1 
ATOM   138 C "C2'" . A   A 1 7  ? -3.820  0.167   -5.015  1.00 8.99  ? 7   A   A "C2'" 1 
ATOM   139 O "O2'" . A   A 1 7  ? -4.492  -0.295  -6.176  1.00 11.20 ? 7   A   A "O2'" 1 
ATOM   140 C "C1'" . A   A 1 7  ? -2.358  -0.318  -5.037  1.00 8.67  ? 7   A   A "C1'" 1 
ATOM   141 N N9    . A   A 1 7  ? -1.854  -0.317  -3.653  1.00 8.41  ? 7   A   A N9    1 
ATOM   142 C C8    . A   A 1 7  ? -0.998  0.565   -3.045  1.00 8.30  ? 7   A   A C8    1 
ATOM   143 N N7    . A   A 1 7  ? -0.854  0.353   -1.759  1.00 7.95  ? 7   A   A N7    1 
ATOM   144 C C5    . A   A 1 7  ? -1.702  -0.716  -1.505  1.00 7.91  ? 7   A   A C5    1 
ATOM   145 C C6    . A   A 1 7  ? -2.032  -1.396  -0.329  1.00 9.05  ? 7   A   A C6    1 
ATOM   146 N N6    . A   A 1 7  ? -1.506  -1.087  0.861   1.00 8.75  ? 7   A   A N6    1 
ATOM   147 N N1    . A   A 1 7  ? -2.934  -2.406  -0.416  1.00 9.32  ? 7   A   A N1    1 
ATOM   148 C C2    . A   A 1 7  ? -3.450  -2.713  -1.608  1.00 9.59  ? 7   A   A C2    1 
ATOM   149 N N3    . A   A 1 7  ? -3.216  -2.137  -2.783  1.00 8.95  ? 7   A   A N3    1 
ATOM   150 C C4    . A   A 1 7  ? -2.331  -1.130  -2.657  1.00 8.34  ? 7   A   A C4    1 
ATOM   151 P P     . A   A 1 8  ? -5.690  3.109   -4.419  1.00 8.74  ? 8   A   A P     1 
ATOM   152 O OP1   . A   A 1 8  ? -6.782  3.756   -5.183  1.00 9.80  ? 8   A   A OP1   1 
ATOM   153 O OP2   . A   A 1 8  ? -4.868  3.924   -3.493  1.00 9.70  ? 8   A   A OP2   1 
ATOM   154 O "O5'" . A   A 1 8  ? -6.267  1.877   -3.596  1.00 8.89  ? 8   A   A "O5'" 1 
ATOM   155 C "C5'" . A   A 1 8  ? -7.069  0.902   -4.246  1.00 8.47  ? 8   A   A "C5'" 1 
ATOM   156 C "C4'" . A   A 1 8  ? -7.497  -0.180  -3.293  1.00 8.97  ? 8   A   A "C4'" 1 
ATOM   157 O "O4'" . A   A 1 8  ? -6.330  -0.857  -2.750  1.00 8.69  ? 8   A   A "O4'" 1 
ATOM   158 C "C3'" . A   A 1 8  ? -8.254  0.277   -2.066  1.00 8.23  ? 8   A   A "C3'" 1 
ATOM   159 O "O3'" . A   A 1 8  ? -9.609  0.555   -2.355  1.00 8.23  ? 8   A   A "O3'" 1 
ATOM   160 C "C2'" . A   A 1 8  ? -8.037  -0.889  -1.118  1.00 8.78  ? 8   A   A "C2'" 1 
ATOM   161 O "O2'" . A   A 1 8  ? -8.855  -1.975  -1.524  1.00 9.91  ? 8   A   A "O2'" 1 
ATOM   162 C "C1'" . A   A 1 8  ? -6.562  -1.215  -1.405  1.00 8.79  ? 8   A   A "C1'" 1 
ATOM   163 N N9    . A   A 1 8  ? -5.710  -0.364  -0.556  1.00 8.65  ? 8   A   A N9    1 
ATOM   164 C C8    . A   A 1 8  ? -4.951  0.728   -0.919  1.00 8.62  ? 8   A   A C8    1 
ATOM   165 N N7    . A   A 1 8  ? -4.371  1.342   0.083   1.00 8.30  ? 8   A   A N7    1 
ATOM   166 C C5    . A   A 1 8  ? -4.787  0.612   1.189   1.00 8.42  ? 8   A   A C5    1 
ATOM   167 C C6    . A   A 1 8  ? -4.545  0.758   2.562   1.00 8.11  ? 8   A   A C6    1 
ATOM   168 N N6    . A   A 1 8  ? -3.782  1.720   3.077   1.00 8.68  ? 8   A   A N6    1 
ATOM   169 N N1    . A   A 1 8  ? -5.121  -0.132  3.397   1.00 9.00  ? 8   A   A N1    1 
ATOM   170 C C2    . A   A 1 8  ? -5.898  -1.104  2.896   1.00 9.40  ? 8   A   A C2    1 
ATOM   171 N N3    . A   A 1 8  ? -6.206  -1.346  1.625   1.00 8.87  ? 8   A   A N3    1 
ATOM   172 C C4    . A   A 1 8  ? -5.618  -0.436  0.816   1.00 8.42  ? 8   A   A C4    1 
ATOM   173 P P     . A   A 1 9  ? -10.341 1.769   -1.614  1.00 7.63  ? 9   A   A P     1 
ATOM   174 O OP1   . A   A 1 9  ? -11.704 1.817   -2.181  1.00 8.48  ? 9   A   A OP1   1 
ATOM   175 O OP2   . A   A 1 9  ? -9.486  2.976   -1.634  1.00 8.26  ? 9   A   A OP2   1 
ATOM   176 O "O5'" . A   A 1 9  ? -10.398 1.284   -0.100  1.00 7.83  ? 9   A   A "O5'" 1 
ATOM   177 C "C5'" . A   A 1 9  ? -11.108 0.108   0.253   1.00 7.78  ? 9   A   A "C5'" 1 
ATOM   178 C "C4'" . A   A 1 9  ? -10.938 -0.187  1.717   1.00 7.44  ? 9   A   A "C4'" 1 
ATOM   179 O "O4'" . A   A 1 9  ? -9.530  -0.418  2.012   1.00 7.61  ? 9   A   A "O4'" 1 
ATOM   180 C "C3'" . A   A 1 9  ? -11.310 0.928   2.664   1.00 7.24  ? 9   A   A "C3'" 1 
ATOM   181 O "O3'" . A   A 1 9  ? -12.706 1.053   2.820   1.00 7.05  ? 9   A   A "O3'" 1 
ATOM   182 C "C2'" . A   A 1 9  ? -10.557 0.522   3.924   1.00 7.74  ? 9   A   A "C2'" 1 
ATOM   183 O "O2'" . A   A 1 9  ? -11.206 -0.581  4.538   1.00 7.88  ? 9   A   A "O2'" 1 
ATOM   184 C "C1'" . A   A 1 9  ? -9.226  0.055   3.313   1.00 7.40  ? 9   A   A "C1'" 1 
ATOM   185 N N9    . A   A 1 9  ? -8.341  1.229   3.190   1.00 7.03  ? 9   A   A N9    1 
ATOM   186 C C8    . A   A 1 9  ? -8.036  1.950   2.059   1.00 7.79  ? 9   A   A C8    1 
ATOM   187 N N7    . A   A 1 9  ? -7.326  3.024   2.301   1.00 7.40  ? 9   A   A N7    1 
ATOM   188 C C5    . A   A 1 9  ? -7.164  3.015   3.678   1.00 7.63  ? 9   A   A C5    1 
ATOM   189 C C6    . A   A 1 9  ? -6.514  3.910   4.552   1.00 7.38  ? 9   A   A C6    1 
ATOM   190 N N6    . A   A 1 9  ? -5.878  5.007   4.138   1.00 7.83  ? 9   A   A N6    1 
ATOM   191 N N1    . A   A 1 9  ? -6.565  3.631   5.875   1.00 7.53  ? 9   A   A N1    1 
ATOM   192 C C2    . A   A 1 9  ? -7.201  2.520   6.275   1.00 7.70  ? 9   A   A C2    1 
ATOM   193 N N3    . A   A 1 9  ? -7.854  1.619   5.555   1.00 7.96  ? 9   A   A N3    1 
ATOM   194 C C4    . A   A 1 9  ? -7.797  1.929   4.247   1.00 7.23  ? 9   A   A C4    1 
ATOM   195 P P     . A   A 1 10 ? -13.335 2.502   3.074   1.00 7.31  ? 10  A   A P     1 
ATOM   196 O OP1   . A   A 1 10 ? -14.788 2.283   3.289   1.00 7.65  ? 10  A   A OP1   1 
ATOM   197 O OP2   . A   A 1 10 ? -12.870 3.455   2.034   1.00 7.69  ? 10  A   A OP2   1 
ATOM   198 O "O5'" . A   A 1 10 ? -12.654 2.953   4.437   1.00 7.28  ? 10  A   A "O5'" 1 
ATOM   199 C "C5'" . A   A 1 10 ? -12.868 2.189   5.615   1.00 8.08  ? 10  A   A "C5'" 1 
ATOM   200 C "C4'" . A   A 1 10 ? -12.155 2.794   6.788   1.00 7.88  ? 10  A   A "C4'" 1 
ATOM   201 O "O4'" . A   A 1 10 ? -10.723 2.855   6.543   1.00 7.73  ? 10  A   A "O4'" 1 
ATOM   202 C "C3'" . A   A 1 10 ? -12.531 4.224   7.088   1.00 7.88  ? 10  A   A "C3'" 1 
ATOM   203 O "O3'" . A   A 1 10 ? -13.766 4.299   7.761   1.00 8.41  ? 10  A   A "O3'" 1 
ATOM   204 C "C2'" . A   A 1 10 ? -11.337 4.688   7.903   1.00 8.50  ? 10  A   A "C2'" 1 
ATOM   205 O "O2'" . A   A 1 10 ? -11.406 4.122   9.200   1.00 8.71  ? 10  A   A "O2'" 1 
ATOM   206 C "C1'" . A   A 1 10 ? -10.190 4.030   7.124   1.00 7.75  ? 10  A   A "C1'" 1 
ATOM   207 N N9    . A   A 1 10 ? -9.769  4.941   6.040   1.00 7.62  ? 10  A   A N9    1 
ATOM   208 C C8    . A   A 1 10 ? -10.066 4.885   4.702   1.00 8.24  ? 10  A   A C8    1 
ATOM   209 N N7    . A   A 1 10 ? -9.614  5.919   4.029   1.00 7.46  ? 10  A   A N7    1 
ATOM   210 C C5    . A   A 1 10 ? -9.009  6.713   4.994   1.00 8.06  ? 10  A   A C5    1 
ATOM   211 C C6    . A   A 1 10 ? -8.362  7.960   4.928   1.00 7.87  ? 10  A   A C6    1 
ATOM   212 N N6    . A   A 1 10 ? -8.203  8.648   3.798   1.00 8.44  ? 10  A   A N6    1 
ATOM   213 N N1    . A   A 1 10 ? -7.887  8.491   6.078   1.00 8.73  ? 10  A   A N1    1 
ATOM   214 C C2    . A   A 1 10 ? -8.039  7.801   7.212   1.00 9.14  ? 10  A   A C2    1 
ATOM   215 N N3    . A   A 1 10 ? -8.629  6.625   7.393   1.00 8.85  ? 10  A   A N3    1 
ATOM   216 C C4    . A   A 1 10 ? -9.105  6.130   6.236   1.00 7.78  ? 10  A   A C4    1 
ATOM   217 P P     . A   A 1 11 ? -14.728 5.548   7.513   1.00 9.30  ? 11  A   A P     1 
ATOM   218 O OP1   . A   A 1 11 ? -15.963 5.259   8.285   1.00 11.83 ? 11  A   A OP1   1 
ATOM   219 O OP2   . A   A 1 11 ? -14.792 5.855   6.065   1.00 9.73  ? 11  A   A OP2   1 
ATOM   220 O "O5'" . A   A 1 11 ? -13.940 6.762   8.177   1.00 9.71  ? 11  A   A "O5'" 1 
ATOM   221 C "C5'" . A   A 1 11 ? -13.574 6.727   9.548   1.00 10.45 ? 11  A   A "C5'" 1 
ATOM   222 C "C4'" . A   A 1 11 ? -12.641 7.858   9.895   1.00 10.91 ? 11  A   A "C4'" 1 
ATOM   223 O "O4'" . A   A 1 11 ? -11.444 7.794   9.065   1.00 10.18 ? 11  A   A "O4'" 1 
ATOM   224 C "C3'" . A   A 1 11 ? -13.170 9.260   9.650   1.00 13.02 ? 11  A   A "C3'" 1 
ATOM   225 O "O3'" . A   A 1 11 ? -14.075 9.708   10.646  1.00 14.54 ? 11  A   A "O3'" 1 
ATOM   226 C "C2'" . A   A 1 11 ? -11.882 10.069  9.555   1.00 12.61 ? 11  A   A "C2'" 1 
ATOM   227 O "O2'" . A   A 1 11 ? -11.311 10.239  10.844  1.00 13.86 ? 11  A   A "O2'" 1 
ATOM   228 C "C1'" . A   A 1 11 ? -11.001 9.099   8.753   1.00 11.04 ? 11  A   A "C1'" 1 
ATOM   229 N N9    . A   A 1 11 ? -11.205 9.326   7.308   1.00 10.12 ? 11  A   A N9    1 
ATOM   230 C C8    . A   A 1 11 ? -11.981 8.609   6.424   1.00 9.70  ? 11  A   A C8    1 
ATOM   231 N N7    . A   A 1 11 ? -12.006 9.113   5.213   1.00 9.16  ? 11  A   A N7    1 
ATOM   232 C C5    . A   A 1 11 ? -11.217 10.249  5.300   1.00 9.10  ? 11  A   A C5    1 
ATOM   233 C C6    . A   A 1 11 ? -10.875 11.242  4.362   1.00 8.81  ? 11  A   A C6    1 
ATOM   234 N N6    . A   A 1 11 ? -11.281 11.248  3.088   1.00 8.92  ? 11  A   A N6    1 
ATOM   235 N N1    . A   A 1 11 ? -10.074 12.239  4.800   1.00 9.66  ? 11  A   A N1    1 
ATOM   236 C C2    . A   A 1 11 ? -9.662  12.252  6.077   1.00 10.38 ? 11  A   A C2    1 
ATOM   237 N N3    . A   A 1 11 ? -9.930  11.384  7.044   1.00 10.61 ? 11  A   A N3    1 
ATOM   238 C C4    . A   A 1 11 ? -10.724 10.396  6.587   1.00 9.74  ? 11  A   A C4    1 
ATOM   239 O "O5'" . A   B 1 1  ? 15.083  -5.829  -6.335  1.00 11.23 ? 12  A   B "O5'" 1 
ATOM   240 C "C5'" . A   B 1 1  ? 15.207  -5.793  -7.745  1.00 10.85 ? 12  A   B "C5'" 1 
ATOM   241 C "C4'" . A   B 1 1  ? 14.414  -6.887  -8.412  1.00 10.43 ? 12  A   B "C4'" 1 
ATOM   242 O "O4'" . A   B 1 1  ? 14.962  -8.183  -8.062  1.00 10.13 ? 12  A   B "O4'" 1 
ATOM   243 C "C3'" . A   B 1 1  ? 12.958  -6.994  -8.012  1.00 9.19  ? 12  A   B "C3'" 1 
ATOM   244 O "O3'" . A   B 1 1  ? 12.160  -6.052  -8.683  1.00 8.90  ? 12  A   B "O3'" 1 
ATOM   245 C "C2'" . A   B 1 1  ? 12.637  -8.437  -8.362  1.00 10.08 ? 12  A   B "C2'" 1 
ATOM   246 O "O2'" . A   B 1 1  ? 12.558  -8.595  -9.775  1.00 10.29 ? 12  A   B "O2'" 1 
ATOM   247 C "C1'" . A   B 1 1  ? 13.912  -9.114  -7.890  1.00 10.27 ? 12  A   B "C1'" 1 
ATOM   248 N N9    . A   B 1 1  ? 13.867  -9.482  -6.460  1.00 8.97  ? 12  A   B N9    1 
ATOM   249 C C8    . A   B 1 1  ? 14.556  -8.871  -5.441  1.00 9.91  ? 12  A   B C8    1 
ATOM   250 N N7    . A   B 1 1  ? 14.368  -9.430  -4.268  1.00 8.94  ? 12  A   B N7    1 
ATOM   251 C C5    . A   B 1 1  ? 13.504  -10.482 -4.540  1.00 9.33  ? 12  A   B C5    1 
ATOM   252 C C6    . A   B 1 1  ? 12.927  -11.461 -3.716  1.00 8.46  ? 12  A   B C6    1 
ATOM   253 N N6    . A   B 1 1  ? 13.142  -11.550 -2.401  1.00 10.17 ? 12  A   B N6    1 
ATOM   254 N N1    . A   B 1 1  ? 12.108  -12.366 -4.293  1.00 9.86  ? 12  A   B N1    1 
ATOM   255 C C2    . A   B 1 1  ? 11.890  -12.289 -5.609  1.00 11.02 ? 12  A   B C2    1 
ATOM   256 N N3    . A   B 1 1  ? 12.380  -11.418 -6.484  1.00 10.13 ? 12  A   B N3    1 
ATOM   257 C C4    . A   B 1 1  ? 13.190  -10.527 -5.883  1.00 9.49  ? 12  A   B C4    1 
ATOM   258 P P     . A   B 1 2  ? 10.868  -5.445  -7.963  1.00 8.27  ? 13  A   B P     1 
ATOM   259 O OP1   . A   B 1 2  ? 10.402  -4.349  -8.849  1.00 9.55  ? 13  A   B OP1   1 
ATOM   260 O OP2   . A   B 1 2  ? 11.163  -5.170  -6.533  1.00 8.94  ? 13  A   B OP2   1 
ATOM   261 O "O5'" . A   B 1 2  ? 9.827   -6.643  -7.998  1.00 8.63  ? 13  A   B "O5'" 1 
ATOM   262 C "C5'" . A   B 1 2  ? 9.393   -7.184  -9.232  1.00 9.55  ? 13  A   B "C5'" 1 
ATOM   263 C "C4'" . A   B 1 2  ? 8.615   -8.450  -9.028  1.00 9.65  ? 13  A   B "C4'" 1 
ATOM   264 O "O4'" . A   B 1 2  ? 9.463   -9.452  -8.410  1.00 9.05  ? 13  A   B "O4'" 1 
ATOM   265 C "C3'" . A   B 1 2  ? 7.434   -8.365  -8.086  1.00 8.44  ? 13  A   B "C3'" 1 
ATOM   266 O "O3'" . A   B 1 2  ? 6.305   -7.765  -8.677  1.00 8.57  ? 13  A   B "O3'" 1 
ATOM   267 C "C2'" . A   B 1 2  ? 7.240   -9.819  -7.704  1.00 8.49  ? 13  A   B "C2'" 1 
ATOM   268 O "O2'" . A   B 1 2  ? 6.696   -10.512 -8.812  1.00 9.68  ? 13  A   B "O2'" 1 
ATOM   269 C "C1'" . A   B 1 2  ? 8.696   -10.248 -7.529  1.00 9.48  ? 13  A   B "C1'" 1 
ATOM   270 N N9    . A   B 1 2  ? 9.163   -9.976  -6.155  1.00 8.66  ? 13  A   B N9    1 
ATOM   271 C C8    . A   B 1 2  ? 9.811   -8.845  -5.722  1.00 8.53  ? 13  A   B C8    1 
ATOM   272 N N7    . A   B 1 2  ? 10.079  -8.859  -4.437  1.00 8.55  ? 13  A   B N7    1 
ATOM   273 C C5    . A   B 1 2  ? 9.574   -10.071 -4.000  1.00 7.82  ? 13  A   B C5    1 
ATOM   274 C C6    . A   B 1 2  ? 9.542   -10.684 -2.737  1.00 7.73  ? 13  A   B C6    1 
ATOM   275 N N6    . A   B 1 2  ? 10.048  -10.138 -1.636  1.00 8.16  ? 13  A   B N6    1 
ATOM   276 N N1    . A   B 1 2  ? 8.955   -11.900 -2.658  1.00 8.78  ? 13  A   B N1    1 
ATOM   277 C C2    . A   B 1 2  ? 8.454   -12.473 -3.763  1.00 9.09  ? 13  A   B C2    1 
ATOM   278 N N3    . A   B 1 2  ? 8.413   -11.976 -4.996  1.00 8.95  ? 13  A   B N3    1 
ATOM   279 C C4    . A   B 1 2  ? 8.999   -10.767 -5.048  1.00 8.27  ? 13  A   B C4    1 
ATOM   280 P P     . A   B 1 3  ? 5.342   -6.873  -7.763  1.00 8.75  ? 14  A   B P     1 
ATOM   281 O OP1   . A   B 1 3  ? 4.252   -6.424  -8.657  1.00 10.16 ? 14  A   B OP1   1 
ATOM   282 O OP2   . A   B 1 3  ? 6.138   -5.874  -7.008  1.00 9.09  ? 14  A   B OP2   1 
ATOM   283 O "O5'" . A   B 1 3  ? 4.786   -7.914  -6.696  1.00 8.88  ? 14  A   B "O5'" 1 
ATOM   284 C "C5'" . A   B 1 3  ? 4.014   -9.035  -7.102  1.00 9.60  ? 14  A   B "C5'" 1 
ATOM   285 C "C4'" . A   B 1 3  ? 3.696   -9.908  -5.924  1.00 9.33  ? 14  A   B "C4'" 1 
ATOM   286 O "O4'" . A   B 1 3  ? 4.919   -10.468 -5.378  1.00 8.80  ? 14  A   B "O4'" 1 
ATOM   287 C "C3'" . A   B 1 3  ? 3.074   -9.204  -4.742  1.00 8.64  ? 14  A   B "C3'" 1 
ATOM   288 O "O3'" . A   B 1 3  ? 1.707   -8.929  -4.941  1.00 8.64  ? 14  A   B "O3'" 1 
ATOM   289 C "C2'" . A   B 1 3  ? 3.374   -10.174 -3.608  1.00 8.91  ? 14  A   B "C2'" 1 
ATOM   290 O "O2'" . A   B 1 3  ? 2.507   -11.293 -3.661  1.00 10.63 ? 14  A   B "O2'" 1 
ATOM   291 C "C1'" . A   B 1 3  ? 4.802   -10.605 -3.977  1.00 8.64  ? 14  A   B "C1'" 1 
ATOM   292 N N9    . A   B 1 3  ? 5.736   -9.664  -3.343  1.00 8.93  ? 14  A   B N9    1 
ATOM   293 C C8    . A   B 1 3  ? 6.305   -8.537  -3.884  1.00 8.70  ? 14  A   B C8    1 
ATOM   294 N N7    . A   B 1 3  ? 6.984   -7.831  -3.013  1.00 8.32  ? 14  A   B N7    1 
ATOM   295 C C5    . A   B 1 3  ? 6.842   -8.524  -1.822  1.00 8.31  ? 14  A   B C5    1 
ATOM   296 C C6    . A   B 1 3  ? 7.313   -8.269  -0.527  1.00 8.10  ? 14  A   B C6    1 
ATOM   297 N N6    . A   B 1 3  ? 8.062   -7.208  -0.215  1.00 8.47  ? 14  A   B N6    1 
ATOM   298 N N1    . A   B 1 3  ? 6.984   -9.159  0.436   1.00 8.57  ? 14  A   B N1    1 
ATOM   299 C C2    . A   B 1 3  ? 6.207   -10.203 0.113   1.00 9.32  ? 14  A   B C2    1 
ATOM   300 N N3    . A   B 1 3  ? 5.695   -10.544 -1.066  1.00 9.02  ? 14  A   B N3    1 
ATOM   301 C C4    . A   B 1 3  ? 6.059   -9.647  -2.005  1.00 8.32  ? 14  A   B C4    1 
ATOM   302 P P     . A   B 1 4  ? 1.097   -7.540  -4.412  1.00 8.78  ? 15  A   B P     1 
ATOM   303 O OP1   . A   B 1 4  ? -0.328  -7.538  -4.835  1.00 10.15 ? 15  A   B OP1   1 
ATOM   304 O OP2   . A   B 1 4  ? 1.985   -6.411  -4.777  1.00 8.62  ? 15  A   B OP2   1 
ATOM   305 O "O5'" . A   B 1 4  ? 1.192   -7.708  -2.843  1.00 8.70  ? 15  A   B "O5'" 1 
ATOM   306 C "C5'" . A   B 1 4  ? 0.510   -8.771  -2.209  1.00 9.02  ? 15  A   B "C5'" 1 
ATOM   307 C "C4'" . A   B 1 4  ? 0.913   -8.891  -0.767  1.00 8.75  ? 15  A   B "C4'" 1 
ATOM   308 O "O4'" . A   B 1 4  ? 2.341   -9.171  -0.670  1.00 8.71  ? 15  A   B "O4'" 1 
ATOM   309 C "C3'" . A   B 1 4  ? 0.732   -7.651  0.080   1.00 8.19  ? 15  A   B "C3'" 1 
ATOM   310 O "O3'" . A   B 1 4  ? -0.626  -7.438  0.444   1.00 8.19  ? 15  A   B "O3'" 1 
ATOM   311 C "C2'" . A   B 1 4  ? 1.673   -7.945  1.237   1.00 8.29  ? 15  A   B "C2'" 1 
ATOM   312 O "O2'" . A   B 1 4  ? 1.087   -8.925  2.078   1.00 9.19  ? 15  A   B "O2'" 1 
ATOM   313 C "C1'" . A   B 1 4  ? 2.876   -8.550  0.479   1.00 8.63  ? 15  A   B "C1'" 1 
ATOM   314 N N9    . A   B 1 4  ? 3.713   -7.421  0.045   1.00 8.33  ? 15  A   B N9    1 
ATOM   315 C C8    . A   B 1 4  ? 3.774   -6.807  -1.181  1.00 8.86  ? 15  A   B C8    1 
ATOM   316 N N7    . A   B 1 4  ? 4.479   -5.700  -1.183  1.00 8.19  ? 15  A   B N7    1 
ATOM   317 C C5    . A   B 1 4  ? 4.869   -5.547  0.140   1.00 8.50  ? 15  A   B C5    1 
ATOM   318 C C6    . A   B 1 4  ? 5.608   -4.557  0.797   1.00 8.59  ? 15  A   B C6    1 
ATOM   319 N N6    . A   B 1 4  ? 6.114   -3.482  0.175   1.00 8.63  ? 15  A   B N6    1 
ATOM   320 N N1    . A   B 1 4  ? 5.778   -4.721  2.131   1.00 8.86  ? 15  A   B N1    1 
ATOM   321 C C2    . A   B 1 4  ? 5.271   -5.787  2.753   1.00 9.47  ? 15  A   B C2    1 
ATOM   322 N N3    . A   B 1 4  ? 4.563   -6.774  2.230   1.00 9.85  ? 15  A   B N3    1 
ATOM   323 C C4    . A   B 1 4  ? 4.393   -6.590  0.909   1.00 9.08  ? 15  A   B C4    1 
ATOM   324 P P     . A   B 1 5  ? -1.222  -5.946  0.448   1.00 8.39  ? 16  A   B P     1 
ATOM   325 O OP1   . A   B 1 5  ? -2.653  -6.111  0.811   1.00 9.71  ? 16  A   B OP1   1 
ATOM   326 O OP2   . A   B 1 5  ? -0.835  -5.239  -0.789  1.00 9.09  ? 16  A   B OP2   1 
ATOM   327 O "O5'" . A   B 1 5  ? -0.445  -5.257  1.649   1.00 8.43  ? 16  A   B "O5'" 1 
ATOM   328 C "C5'" . A   B 1 5  ? -0.522  -5.836  2.943   1.00 9.34  ? 16  A   B "C5'" 1 
ATOM   329 C "C4'" . A   B 1 5  ? 0.356   -5.124  3.932   1.00 8.56  ? 16  A   B "C4'" 1 
ATOM   330 O "O4'" . A   B 1 5  ? 1.744   -5.131  3.505   1.00 8.19  ? 16  A   B "O4'" 1 
ATOM   331 C "C3'" . A   B 1 5  ? 0.058   -3.662  4.174   1.00 7.89  ? 16  A   B "C3'" 1 
ATOM   332 O "O3'" . A   B 1 5  ? -1.068  -3.502  5.013   1.00 8.60  ? 16  A   B "O3'" 1 
ATOM   333 C "C2'" . A   B 1 5  ? 1.356   -3.194  4.800   1.00 8.05  ? 16  A   B "C2'" 1 
ATOM   334 O "O2'" . A   B 1 5  ? 1.413   -3.689  6.132   1.00 9.44  ? 16  A   B "O2'" 1 
ATOM   335 C "C1'" . A   B 1 5  ? 2.377   -3.941  3.924   1.00 8.07  ? 16  A   B "C1'" 1 
ATOM   336 N N9    . A   B 1 5  ? 2.649   -3.140  2.718   1.00 7.73  ? 16  A   B N9    1 
ATOM   337 C C8    . A   B 1 5  ? 2.217   -3.383  1.438   1.00 8.32  ? 16  A   B C8    1 
ATOM   338 N N7    . A   B 1 5  ? 2.536   -2.443  0.589   1.00 7.21  ? 16  A   B N7    1 
ATOM   339 C C5    . A   B 1 5  ? 3.205   -1.514  1.363   1.00 7.95  ? 16  A   B C5    1 
ATOM   340 C C6    . A   B 1 5  ? 3.770   -0.267  1.050   1.00 7.05  ? 16  A   B C6    1 
ATOM   341 N N6    . A   B 1 5  ? 3.747   0.260   -0.177  1.00 7.85  ? 16  A   B N6    1 
ATOM   342 N N1    . A   B 1 5  ? 4.347   0.412   2.064   1.00 7.91  ? 16  A   B N1    1 
ATOM   343 C C2    . A   B 1 5  ? 4.359   -0.111  3.297   1.00 8.84  ? 16  A   B C2    1 
ATOM   344 N N3    . A   B 1 5  ? 3.848   -1.268  3.708   1.00 7.94  ? 16  A   B N3    1 
ATOM   345 C C4    . A   B 1 5  ? 3.278   -1.920  2.677   1.00 7.60  ? 16  A   B C4    1 
ATOM   346 P P     . DA  B 1 6  ? -2.115  -2.325  4.741   1.00 8.90  ? 17  DA  B P     1 
ATOM   347 O OP1   . DA  B 1 6  ? -3.208  -2.538  5.723   1.00 10.54 ? 17  DA  B OP1   1 
ATOM   348 O OP2   . DA  B 1 6  ? -2.435  -2.239  3.302   1.00 9.59  ? 17  DA  B OP2   1 
ATOM   349 O "O5'" . DA  B 1 6  ? -1.285  -1.013  5.098   1.00 9.25  ? 17  DA  B "O5'" 1 
ATOM   350 C "C5'" . DA  B 1 6  ? -0.827  -0.818  6.432   1.00 10.05 ? 17  DA  B "C5'" 1 
ATOM   351 C "C4'" . DA  B 1 6  ? 0.111   0.374   6.522   1.00 8.97  ? 17  DA  B "C4'" 1 
ATOM   352 O "O4'" . DA  B 1 6  ? 1.234   0.185   5.624   1.00 8.94  ? 17  DA  B "O4'" 1 
ATOM   353 C "C3'" . DA  B 1 6  ? -0.470  1.706   6.103   1.00 8.13  ? 17  DA  B "C3'" 1 
ATOM   354 O "O3'" . DA  B 1 6  ? -1.247  2.262   7.159   1.00 7.90  ? 17  DA  B "O3'" 1 
ATOM   355 C "C2'" . DA  B 1 6  ? 0.809   2.487   5.847   1.00 8.17  ? 17  DA  B "C2'" 1 
ATOM   356 C "C1'" . DA  B 1 6  ? 1.637   1.435   5.091   1.00 8.74  ? 17  DA  B "C1'" 1 
ATOM   357 N N9    . DA  B 1 6  ? 1.334   1.458   3.661   1.00 8.36  ? 17  DA  B N9    1 
ATOM   358 C C8    . DA  B 1 6  ? 0.638   0.525   2.940   1.00 8.47  ? 17  DA  B C8    1 
ATOM   359 N N7    . DA  B 1 6  ? 0.455   0.862   1.680   1.00 8.06  ? 17  DA  B N7    1 
ATOM   360 C C5    . DA  B 1 6  ? 1.063   2.101   1.569   1.00 8.23  ? 17  DA  B C5    1 
ATOM   361 C C6    . DA  B 1 6  ? 1.181   3.003   0.502   1.00 7.72  ? 17  DA  B C6    1 
ATOM   362 N N6    . DA  B 1 6  ? 0.692   2.756   -0.718  1.00 8.54  ? 17  DA  B N6    1 
ATOM   363 N N1    . DA  B 1 6  ? 1.828   4.163   0.744   1.00 7.85  ? 17  DA  B N1    1 
ATOM   364 C C2    . DA  B 1 6  ? 2.314   4.399   1.976   1.00 7.72  ? 17  DA  B C2    1 
ATOM   365 N N3    . DA  B 1 6  ? 2.239   3.638   3.059   1.00 8.01  ? 17  DA  B N3    1 
ATOM   366 C C4    . DA  B 1 6  ? 1.593   2.493   2.789   1.00 7.37  ? 17  DA  B C4    1 
ATOM   367 P P     . A   B 1 7  ? -2.508  3.178   6.792   1.00 8.09  ? 18  A   B P     1 
ATOM   368 O OP1   . A   B 1 7  ? -3.017  3.675   8.097   1.00 8.49  ? 18  A   B OP1   1 
ATOM   369 O OP2   . A   B 1 7  ? -3.391  2.460   5.841   1.00 9.64  ? 18  A   B OP2   1 
ATOM   370 O "O5'" . A   B 1 7  ? -1.873  4.385   5.976   1.00 7.99  ? 18  A   B "O5'" 1 
ATOM   371 C "C5'" . A   B 1 7  ? -1.022  5.316   6.623   1.00 7.89  ? 18  A   B "C5'" 1 
ATOM   372 C "C4'" . A   B 1 7  ? -0.553  6.376   5.663   1.00 8.71  ? 18  A   B "C4'" 1 
ATOM   373 O "O4'" . A   B 1 7  ? 0.218   5.771   4.596   1.00 8.67  ? 18  A   B "O4'" 1 
ATOM   374 C "C3'" . A   B 1 7  ? -1.635  7.141   4.926   1.00 7.78  ? 18  A   B "C3'" 1 
ATOM   375 O "O3'" . A   B 1 7  ? -2.234  8.125   5.743   1.00 7.97  ? 18  A   B "O3'" 1 
ATOM   376 C "C2'" . A   B 1 7  ? -0.859  7.691   3.744   1.00 8.40  ? 18  A   B "C2'" 1 
ATOM   377 O "O2'" . A   B 1 7  ? -0.008  8.737   4.188   1.00 9.65  ? 18  A   B "O2'" 1 
ATOM   378 C "C1'" . A   B 1 7  ? -0.009  6.464   3.387   1.00 8.06  ? 18  A   B "C1'" 1 
ATOM   379 N N9    . A   B 1 7  ? -0.802  5.571   2.518   1.00 8.48  ? 18  A   B N9    1 
ATOM   380 C C8    . A   B 1 7  ? -1.449  4.399   2.842   1.00 8.15  ? 18  A   B C8    1 
ATOM   381 N N7    . A   B 1 7  ? -2.168  3.898   1.858   1.00 8.18  ? 18  A   B N7    1 
ATOM   382 C C5    . A   B 1 7  ? -2.000  4.804   0.822   1.00 8.70  ? 18  A   B C5    1 
ATOM   383 C C6    . A   B 1 7  ? -2.516  4.845   -0.488  1.00 8.40  ? 18  A   B C6    1 
ATOM   384 N N6    . A   B 1 7  ? -3.335  3.918   -0.992  1.00 9.19  ? 18  A   B N6    1 
ATOM   385 N N1    . A   B 1 7  ? -2.167  5.889   -1.260  1.00 8.45  ? 18  A   B N1    1 
ATOM   386 C C2    . A   B 1 7  ? -1.346  6.817   -0.755  1.00 9.46  ? 18  A   B C2    1 
ATOM   387 N N3    . A   B 1 7  ? -0.802  6.888   0.461   1.00 9.05  ? 18  A   B N3    1 
ATOM   388 C C4    . A   B 1 7  ? -1.175  5.843   1.219   1.00 8.86  ? 18  A   B C4    1 
ATOM   389 P P     . A   B 1 8  ? -3.801  8.432   5.603   1.00 7.62  ? 19  A   B P     1 
ATOM   390 O OP1   . A   B 1 8  ? -4.065  9.515   6.587   1.00 8.89  ? 19  A   B OP1   1 
ATOM   391 O OP2   . A   B 1 8  ? -4.580  7.178   5.667   1.00 7.79  ? 19  A   B OP2   1 
ATOM   392 O "O5'" . A   B 1 8  ? -3.942  9.018   4.126   1.00 8.08  ? 19  A   B "O5'" 1 
ATOM   393 C "C5'" . A   B 1 8  ? -3.223  10.184  3.757   1.00 8.94  ? 19  A   B "C5'" 1 
ATOM   394 C "C4'" . A   B 1 8  ? -3.357  10.455  2.286   1.00 8.29  ? 19  A   B "C4'" 1 
ATOM   395 O "O4'" . A   B 1 8  ? -2.890  9.311   1.518   1.00 8.42  ? 19  A   B "O4'" 1 
ATOM   396 C "C3'" . A   B 1 8  ? -4.763  10.686  1.776   1.00 7.87  ? 19  A   B "C3'" 1 
ATOM   397 O "O3'" . A   B 1 8  ? -5.194  11.996  2.054   1.00 8.31  ? 19  A   B "O3'" 1 
ATOM   398 C "C2'" . A   B 1 8  ? -4.606  10.384  0.295   1.00 8.61  ? 19  A   B "C2'" 1 
ATOM   399 O "O2'" . A   B 1 8  ? -3.912  11.448  -0.340  1.00 9.52  ? 19  A   B "O2'" 1 
ATOM   400 C "C1'" . A   B 1 8  ? -3.682  9.162   0.357   1.00 8.94  ? 19  A   B "C1'" 1 
ATOM   401 N N9    . A   B 1 8  ? -4.481  7.928   0.511   1.00 7.69  ? 19  A   B N9    1 
ATOM   402 C C8    . A   B 1 8  ? -4.608  7.118   1.614   1.00 7.68  ? 19  A   B C8    1 
ATOM   403 N N7    . A   B 1 8  ? -5.451  6.128   1.442   1.00 7.64  ? 19  A   B N7    1 
ATOM   404 C C5    . A   B 1 8  ? -5.927  6.303   0.156   1.00 7.40  ? 19  A   B C5    1 
ATOM   405 C C6    . A   B 1 8  ? -6.849  5.581   -0.611  1.00 7.49  ? 19  A   B C6    1 
ATOM   406 N N6    . A   B 1 8  ? -7.495  4.498   -0.176  1.00 7.95  ? 19  A   B N6    1 
ATOM   407 N N1    . A   B 1 8  ? -7.091  6.043   -1.860  1.00 7.84  ? 19  A   B N1    1 
ATOM   408 C C2    . A   B 1 8  ? -6.448  7.125   -2.317  1.00 8.64  ? 19  A   B C2    1 
ATOM   409 N N3    . A   B 1 8  ? -5.563  7.877   -1.679  1.00 8.74  ? 19  A   B N3    1 
ATOM   410 C C4    . A   B 1 8  ? -5.341  7.408   -0.434  1.00 7.65  ? 19  A   B C4    1 
ATOM   411 P P     . A   B 1 9  ? -6.713  12.279  2.466   1.00 8.56  ? 20  A   B P     1 
ATOM   412 O OP1   . A   B 1 9  ? -6.780  13.732  2.760   1.00 9.92  ? 20  A   B OP1   1 
ATOM   413 O OP2   . A   B 1 9  ? -7.154  11.307  3.495   1.00 9.17  ? 20  A   B OP2   1 
ATOM   414 O "O5'" . A   B 1 9  ? -7.504  11.965  1.124   1.00 9.09  ? 20  A   B "O5'" 1 
ATOM   415 C "C5'" . A   B 1 9  ? -7.238  12.724  -0.044  1.00 9.47  ? 20  A   B "C5'" 1 
ATOM   416 C "C4'" . A   B 1 9  ? -7.981  12.166  -1.222  1.00 8.75  ? 20  A   B "C4'" 1 
ATOM   417 O "O4'" . A   B 1 9  ? -7.549  10.804  -1.478  1.00 9.22  ? 20  A   B "O4'" 1 
ATOM   418 C "C3'" . A   B 1 9  ? -9.480  12.047  -1.063  1.00 9.27  ? 20  A   B "C3'" 1 
ATOM   419 O "O3'" . A   B 1 9  ? -10.129 13.292  -1.242  1.00 9.08  ? 20  A   B "O3'" 1 
ATOM   420 C "C2'" . A   B 1 9  ? -9.814  11.002  -2.118  1.00 8.99  ? 20  A   B "C2'" 1 
ATOM   421 O "O2'" . A   B 1 9  ? -9.734  11.574  -3.419  1.00 10.50 ? 20  A   B "O2'" 1 
ATOM   422 C "C1'" . A   B 1 9  ? -8.636  10.034  -1.940  1.00 9.14  ? 20  A   B "C1'" 1 
ATOM   423 N N9    . A   B 1 9  ? -8.970  9.036   -0.908  1.00 8.32  ? 20  A   B N9    1 
ATOM   424 C C8    . A   B 1 9  ? -8.510  8.961   0.380   1.00 8.45  ? 20  A   B C8    1 
ATOM   425 N N7    . A   B 1 9  ? -9.056  7.991   1.075   1.00 7.73  ? 20  A   B N7    1 
ATOM   426 C C5    . A   B 1 9  ? -9.936  7.395   0.186   1.00 7.86  ? 20  A   B C5    1 
ATOM   427 C C6    . A   B 1 9  ? -10.832 6.315   0.332   1.00 7.99  ? 20  A   B C6    1 
ATOM   428 N N6    . A   B 1 9  ? -10.969 5.630   1.472   1.00 8.06  ? 20  A   B N6    1 
ATOM   429 N N1    . A   B 1 9  ? -11.587 5.992   -0.745  1.00 8.34  ? 20  A   B N1    1 
ATOM   430 C C2    . A   B 1 9  ? -11.448 6.704   -1.873  1.00 9.30  ? 20  A   B C2    1 
ATOM   431 N N3    . A   B 1 9  ? -10.639 7.736   -2.124  1.00 8.71  ? 20  A   B N3    1 
ATOM   432 C C4    . A   B 1 9  ? -9.911  8.040   -1.034  1.00 8.49  ? 20  A   B C4    1 
ATOM   433 P P     . A   B 1 10 ? -11.351 13.734  -0.299  1.00 9.14  ? 21  A   B P     1 
ATOM   434 O OP1   . A   B 1 10 ? -11.609 15.148  -0.648  1.00 10.65 ? 21  A   B OP1   1 
ATOM   435 O OP2   . A   B 1 10 ? -11.088 13.343  1.108   1.00 10.09 ? 21  A   B OP2   1 
ATOM   436 O "O5'" . A   B 1 10 ? -12.542 12.809  -0.800  1.00 9.29  ? 21  A   B "O5'" 1 
ATOM   437 C "C5'" . A   B 1 10 ? -12.988 12.896  -2.142  1.00 9.81  ? 21  A   B "C5'" 1 
ATOM   438 C "C4'" . A   B 1 10 ? -13.817 11.701  -2.527  1.00 10.11 ? 21  A   B "C4'" 1 
ATOM   439 O "O4'" . A   B 1 10 ? -13.050 10.486  -2.307  1.00 8.82  ? 21  A   B "O4'" 1 
ATOM   440 C "C3'" . A   B 1 10 ? -15.084 11.482  -1.724  1.00 8.79  ? 21  A   B "C3'" 1 
ATOM   441 O "O3'" . A   B 1 10 ? -16.149 12.301  -2.168  1.00 9.52  ? 21  A   B "O3'" 1 
ATOM   442 C "C2'" . A   B 1 10 ? -15.333 9.997   -1.934  1.00 9.10  ? 21  A   B "C2'" 1 
ATOM   443 O "O2'" . A   B 1 10 ? -15.863 9.769   -3.228  1.00 9.60  ? 21  A   B "O2'" 1 
ATOM   444 C "C1'" . A   B 1 10 ? -13.902 9.448   -1.874  1.00 8.59  ? 21  A   B "C1'" 1 
ATOM   445 N N9    . A   B 1 10 ? -13.579 9.125   -0.472  1.00 8.30  ? 21  A   B N9    1 
ATOM   446 C C8    . A   B 1 10 ? -12.803 9.832   0.416   1.00 8.76  ? 21  A   B C8    1 
ATOM   447 N N7    . A   B 1 10 ? -12.805 9.334   1.635   1.00 7.83  ? 21  A   B N7    1 
ATOM   448 C C5    . A   B 1 10 ? -13.664 8.250   1.542   1.00 7.85  ? 21  A   B C5    1 
ATOM   449 C C6    . A   B 1 10 ? -14.117 7.321   2.490   1.00 7.96  ? 21  A   B C6    1 
ATOM   450 N N6    . A   B 1 10 ? -13.728 7.317   3.765   1.00 8.63  ? 21  A   B N6    1 
ATOM   451 N N1    . A   B 1 10 ? -15.000 6.383   2.059   1.00 8.63  ? 21  A   B N1    1 
ATOM   452 C C2    . A   B 1 10 ? -15.389 6.370   0.774   1.00 8.47  ? 21  A   B C2    1 
ATOM   453 N N3    . A   B 1 10 ? -15.022 7.189   -0.198  1.00 8.49  ? 21  A   B N3    1 
ATOM   454 C C4    . A   B 1 10 ? -14.165 8.120   0.259   1.00 8.14  ? 21  A   B C4    1 
ATOM   455 P P     . A   B 1 11 ? -17.076 13.077  -1.112  1.00 9.24  ? 22  A   B P     1 
ATOM   456 O OP1   . A   B 1 11 ? -18.132 13.744  -1.906  1.00 10.67 ? 22  A   B OP1   1 
ATOM   457 O OP2   . A   B 1 11 ? -16.236 13.886  -0.194  1.00 9.75  ? 22  A   B OP2   1 
ATOM   458 O "O5'" . A   B 1 11 ? -17.712 11.916  -0.243  1.00 9.33  ? 22  A   B "O5'" 1 
ATOM   459 C "C5'" . A   B 1 11 ? -18.579 10.965  -0.842  1.00 9.41  ? 22  A   B "C5'" 1 
ATOM   460 C "C4'" . A   B 1 11 ? -18.965 9.905   0.155   1.00 10.12 ? 22  A   B "C4'" 1 
ATOM   461 O "O4'" . A   B 1 11 ? -17.765 9.239   0.637   1.00 9.62  ? 22  A   B "O4'" 1 
ATOM   462 C "C3'" . A   B 1 11 ? -19.639 10.422  1.414   1.00 10.26 ? 22  A   B "C3'" 1 
ATOM   463 O "O3'" . A   B 1 11 ? -21.028 10.680  1.241   1.00 10.50 ? 22  A   B "O3'" 1 
ATOM   464 C "C2'" . A   B 1 11 ? -19.321 9.334   2.433   1.00 9.19  ? 22  A   B "C2'" 1 
ATOM   465 O "O2'" . A   B 1 11 ? -20.218 8.246   2.302   1.00 10.89 ? 22  A   B "O2'" 1 
ATOM   466 C "C1'" . A   B 1 11 ? -17.906 8.903   1.999   1.00 9.72  ? 22  A   B "C1'" 1 
ATOM   467 N N9    . A   B 1 11 ? -16.925 9.672   2.781   1.00 10.04 ? 22  A   B N9    1 
ATOM   468 C C8    . A   B 1 11 ? -16.280 10.833  2.425   1.00 10.33 ? 22  A   B C8    1 
ATOM   469 N N7    . A   B 1 11 ? -15.561 11.348  3.394   1.00 9.13  ? 22  A   B N7    1 
ATOM   470 C C5    . A   B 1 11 ? -15.756 10.480  4.460   1.00 9.75  ? 22  A   B C5    1 
ATOM   471 C C6    . A   B 1 11 ? -15.275 10.498  5.780   1.00 9.95  ? 22  A   B C6    1 
ATOM   472 N N6    . A   B 1 11 ? -14.457 11.443  6.258   1.00 11.14 ? 22  A   B N6    1 
ATOM   473 N N1    . A   B 1 11 ? -15.683 9.502   6.596   1.00 11.86 ? 22  A   B N1    1 
ATOM   474 C C2    . A   B 1 11 ? -16.513 8.561   6.118   1.00 11.27 ? 22  A   B C2    1 
ATOM   475 N N3    . A   B 1 11 ? -17.033 8.446   4.899   1.00 11.19 ? 22  A   B N3    1 
ATOM   476 C C4    . A   B 1 11 ? -16.613 9.453   4.104   1.00 9.84  ? 22  A   B C4    1 
HETATM 477 N N     . NH4 C 2 .  ? 5.327   2.879   1.555   1.00 8.86  ? 101 NH4 A N     1 
HETATM 478 H HN1   . NH4 C 2 .  ? 5.288   3.855   1.632   1.00 10.63 ? 101 NH4 A HN1   1 
HETATM 479 H HN2   . NH4 C 2 .  ? 5.752   2.636   0.706   1.00 10.63 ? 101 NH4 A HN2   1 
HETATM 480 H HN3   . NH4 C 2 .  ? 4.419   2.513   1.582   1.00 10.63 ? 101 NH4 A HN3   1 
HETATM 481 H HN4   . NH4 C 2 .  ? 5.849   2.514   2.299   1.00 10.63 ? 101 NH4 A HN4   1 
HETATM 482 N N     . NH4 D 2 .  ? 11.246  -11.089 0.813   1.00 10.78 ? 102 NH4 A N     1 
HETATM 483 H HN1   . NH4 D 2 .  ? 10.939  -10.173 0.651   1.00 12.93 ? 102 NH4 A HN1   1 
HETATM 484 H HN2   . NH4 D 2 .  ? 10.518  -11.717 0.624   1.00 12.93 ? 102 NH4 A HN2   1 
HETATM 485 H HN3   . NH4 D 2 .  ? 11.522  -11.180 1.749   1.00 12.93 ? 102 NH4 A HN3   1 
HETATM 486 H HN4   . NH4 D 2 .  ? 12.007  -11.287 0.228   1.00 12.93 ? 102 NH4 A HN4   1 
HETATM 487 N N     . NH4 E 2 .  ? 8.165   -8.804  2.928   1.00 9.42  ? 103 NH4 A N     1 
HETATM 488 H HN1   . NH4 E 2 .  ? 8.565   -7.984  2.570   1.00 11.31 ? 103 NH4 A HN1   1 
HETATM 489 H HN2   . NH4 E 2 .  ? 7.214   -8.835  2.692   1.00 11.31 ? 103 NH4 A HN2   1 
HETATM 490 H HN3   . NH4 E 2 .  ? 8.261   -8.816  3.903   1.00 11.31 ? 103 NH4 A HN3   1 
HETATM 491 H HN4   . NH4 E 2 .  ? 8.621   -9.583  2.546   1.00 11.31 ? 103 NH4 A HN4   1 
HETATM 492 N N     . NH4 F 2 .  ? 2.544   6.064   -1.150  1.00 14.87 ? 104 NH4 A N     1 
HETATM 493 H HN1   . NH4 F 2 .  ? 2.400   7.029   -1.246  1.00 17.84 ? 104 NH4 A HN1   1 
HETATM 494 H HN2   . NH4 F 2 .  ? 3.497   5.888   -1.006  1.00 17.84 ? 104 NH4 A HN2   1 
HETATM 495 H HN3   . NH4 F 2 .  ? 2.031   5.732   -0.383  1.00 17.84 ? 104 NH4 A HN3   1 
HETATM 496 H HN4   . NH4 F 2 .  ? 2.247   5.606   -1.964  1.00 17.84 ? 104 NH4 A HN4   1 
HETATM 497 N N     . NH4 G 2 .  ? -13.231 3.696   -0.677  1.00 9.63  ? 105 NH4 A N     1 
HETATM 498 H HN1   . NH4 G 2 .  ? -14.065 3.243   -0.429  1.00 11.56 ? 105 NH4 A HN1   1 
HETATM 499 H HN2   . NH4 G 2 .  ? -12.754 3.968   0.135   1.00 11.56 ? 105 NH4 A HN2   1 
HETATM 500 H HN3   . NH4 G 2 .  ? -12.669 3.084   -1.196  1.00 11.56 ? 105 NH4 A HN3   1 
HETATM 501 H HN4   . NH4 G 2 .  ? -13.438 4.488   -1.217  1.00 11.56 ? 105 NH4 A HN4   1 
HETATM 502 N N     . NH4 H 2 .  ? -16.093 4.622   3.898   1.00 9.48  ? 106 NH4 A N     1 
HETATM 503 H HN1   . NH4 H 2 .  ? -16.709 5.330   4.182   1.00 11.38 ? 106 NH4 A HN1   1 
HETATM 504 H HN2   . NH4 H 2 .  ? -15.345 5.018   3.405   1.00 11.38 ? 106 NH4 A HN2   1 
HETATM 505 H HN3   . NH4 H 2 .  ? -16.568 3.990   3.319   1.00 11.38 ? 106 NH4 A HN3   1 
HETATM 506 H HN4   . NH4 H 2 .  ? -15.753 4.150   4.687   1.00 11.38 ? 106 NH4 A HN4   1 
HETATM 507 N N     . NH4 I 2 .  ? -3.167  6.174   -3.978  1.00 10.45 ? 107 NH4 A N     1 
HETATM 508 H HN1   . NH4 I 2 .  ? -3.022  5.811   -3.080  1.00 12.54 ? 107 NH4 A HN1   1 
HETATM 509 H HN2   . NH4 I 2 .  ? -3.088  7.151   -3.953  1.00 12.54 ? 107 NH4 A HN2   1 
HETATM 510 H HN3   . NH4 I 2 .  ? -2.496  5.807   -4.592  1.00 12.54 ? 107 NH4 A HN3   1 
HETATM 511 H HN4   . NH4 I 2 .  ? -4.063  5.928   -4.289  1.00 12.54 ? 107 NH4 A HN4   1 
HETATM 512 N N     . NH4 J 2 .  ? -8.853  4.745   -3.639  1.00 7.70  ? 108 NH4 A N     1 
HETATM 513 H HN1   . NH4 J 2 .  ? -9.601  4.566   -3.033  1.00 9.24  ? 108 NH4 A HN1   1 
HETATM 514 H HN2   . NH4 J 2 .  ? -8.901  5.672   -3.954  1.00 9.24  ? 108 NH4 A HN2   1 
HETATM 515 H HN3   . NH4 J 2 .  ? -8.007  4.605   -3.165  1.00 9.24  ? 108 NH4 A HN3   1 
HETATM 516 H HN4   . NH4 J 2 .  ? -8.902  4.136   -4.406  1.00 9.24  ? 108 NH4 A HN4   1 
HETATM 517 N N     . NH4 K 2 .  ? 6.890   -2.776  3.691   1.00 7.77  ? 109 NH4 A N     1 
HETATM 518 H HN1   . NH4 K 2 .  ? 7.270   -3.607  4.044   1.00 9.32  ? 109 NH4 A HN1   1 
HETATM 519 H HN2   . NH4 K 2 .  ? 6.364   -2.334  4.389   1.00 9.32  ? 109 NH4 A HN2   1 
HETATM 520 H HN3   . NH4 K 2 .  ? 6.314   -2.979  2.925   1.00 9.32  ? 109 NH4 A HN3   1 
HETATM 521 H HN4   . NH4 K 2 .  ? 7.616   -2.182  3.404   1.00 9.32  ? 109 NH4 A HN4   1 
HETATM 522 N N     . NH4 L 2 .  ? -3.970  -3.866  1.744   1.00 10.49 ? 110 NH4 A N     1 
HETATM 523 H HN1   . NH4 L 2 .  ? -4.680  -3.714  1.085   1.00 12.59 ? 110 NH4 A HN1   1 
HETATM 524 H HN2   . NH4 L 2 .  ? -4.051  -3.212  2.469   1.00 12.59 ? 110 NH4 A HN2   1 
HETATM 525 H HN3   . NH4 L 2 .  ? -3.096  -3.768  1.312   1.00 12.59 ? 110 NH4 A HN3   1 
HETATM 526 H HN4   . NH4 L 2 .  ? -4.053  -4.771  2.110   1.00 12.59 ? 110 NH4 A HN4   1 
HETATM 527 N N     . NH4 M 2 .  ? -6.428  11.025  6.258   1.00 11.24 ? 111 NH4 A N     1 
HETATM 528 H HN1   . NH4 M 2 .  ? -5.681  10.490  5.917   1.00 13.48 ? 111 NH4 A HN1   1 
HETATM 529 H HN2   . NH4 M 2 .  ? -6.359  11.098  7.232   1.00 13.48 ? 111 NH4 A HN2   1 
HETATM 530 H HN3   . NH4 M 2 .  ? -7.275  10.591  6.022   1.00 13.48 ? 111 NH4 A HN3   1 
HETATM 531 H HN4   . NH4 M 2 .  ? -6.397  11.919  5.859   1.00 13.48 ? 111 NH4 A HN4   1 
HETATM 532 N N     . NH4 N 2 .  ? -4.626  0.102   6.063   1.00 9.72  ? 112 NH4 A N     1 
HETATM 533 H HN1   . NH4 N 2 .  ? -4.553  -0.872  6.137   1.00 11.67 ? 112 NH4 A HN1   1 
HETATM 534 H HN2   . NH4 N 2 .  ? -3.730  0.493   5.999   1.00 11.67 ? 112 NH4 A HN2   1 
HETATM 535 H HN3   . NH4 N 2 .  ? -5.141  0.332   5.261   1.00 11.67 ? 112 NH4 A HN3   1 
HETATM 536 H HN4   . NH4 N 2 .  ? -5.081  0.456   6.857   1.00 11.67 ? 112 NH4 A HN4   1 
HETATM 537 N N     . NH4 O 2 .  ? -9.516  14.276  3.163   1.00 8.51  ? 101 NH4 B N     1 
HETATM 538 H HN1   . NH4 O 2 .  ? -10.263 14.474  2.559   1.00 10.21 ? 101 NH4 B HN1   1 
HETATM 539 H HN2   . NH4 O 2 .  ? -9.831  14.301  4.090   1.00 10.21 ? 101 NH4 B HN2   1 
HETATM 540 H HN3   . NH4 O 2 .  ? -9.160  13.386  2.961   1.00 10.21 ? 101 NH4 B HN3   1 
HETATM 541 H HN4   . NH4 O 2 .  ? -8.811  14.946  3.039   1.00 10.21 ? 101 NH4 B HN4   1 
HETATM 542 N N     . NH4 P 2 .  ? 13.363  -3.797  -5.609  1.00 10.59 ? 102 NH4 B N     1 
HETATM 543 H HN1   . NH4 P 2 .  ? 12.717  -3.937  -4.886  1.00 12.70 ? 102 NH4 B HN1   1 
HETATM 544 H HN2   . NH4 P 2 .  ? 13.502  -4.639  -6.091  1.00 12.70 ? 102 NH4 B HN2   1 
HETATM 545 H HN3   . NH4 P 2 .  ? 13.018  -3.120  -6.229  1.00 12.70 ? 102 NH4 B HN3   1 
HETATM 546 H HN4   . NH4 P 2 .  ? 14.215  -3.491  -5.233  1.00 12.70 ? 102 NH4 B HN4   1 
HETATM 547 N N     . NH4 Q 2 .  ? -5.219  5.365   7.675   1.00 8.09  ? 103 NH4 B N     1 
HETATM 548 H HN1   . NH4 Q 2 .  ? -4.504  5.349   7.006   1.00 9.70  ? 103 NH4 B HN1   1 
HETATM 549 H HN2   . NH4 Q 2 .  ? -5.430  6.294   7.906   1.00 9.70  ? 103 NH4 B HN2   1 
HETATM 550 H HN3   . NH4 Q 2 .  ? -6.018  4.931   7.309   1.00 9.70  ? 103 NH4 B HN3   1 
HETATM 551 H HN4   . NH4 Q 2 .  ? -4.926  4.887   8.478   1.00 9.70  ? 103 NH4 B HN4   1 
HETATM 552 N N     . NH4 R 2 .  ? 7.733   -3.688  -7.805  1.00 10.18 ? 104 NH4 B N     1 
HETATM 553 H HN1   . NH4 R 2 .  ? 7.741   -3.327  -6.894  1.00 12.22 ? 104 NH4 B HN1   1 
HETATM 554 H HN2   . NH4 R 2 .  ? 8.654   -3.775  -8.129  1.00 12.22 ? 104 NH4 B HN2   1 
HETATM 555 H HN3   . NH4 R 2 .  ? 7.301   -4.567  -7.805  1.00 12.22 ? 104 NH4 B HN3   1 
HETATM 556 H HN4   . NH4 R 2 .  ? 7.237   -3.080  -8.392  1.00 12.22 ? 104 NH4 B HN4   1 
HETATM 557 N N     . NH4 S 2 .  ? -1.666  -5.353  -3.577  1.00 11.36 ? 105 NH4 B N     1 
HETATM 558 H HN1   . NH4 S 2 .  ? -1.674  -5.532  -2.614  1.00 13.63 ? 105 NH4 B HN1   1 
HETATM 559 H HN2   . NH4 S 2 .  ? -1.529  -6.194  -4.063  1.00 13.63 ? 105 NH4 B HN2   1 
HETATM 560 H HN3   . NH4 S 2 .  ? -0.940  -4.731  -3.790  1.00 13.63 ? 105 NH4 B HN3   1 
HETATM 561 H HN4   . NH4 S 2 .  ? -2.523  -4.960  -3.844  1.00 13.63 ? 105 NH4 B HN4   1 
HETATM 562 N N     . NH4 T 2 .  ? 2.440   -4.908  -7.072  1.00 10.50 ? 106 NH4 B N     1 
HETATM 563 H HN1   . NH4 T 2 .  ? 2.340   -5.066  -6.110  1.00 12.60 ? 106 NH4 B HN1   1 
HETATM 564 H HN2   . NH4 T 2 .  ? 1.781   -4.244  -7.365  1.00 12.60 ? 106 NH4 B HN2   1 
HETATM 565 H HN3   . NH4 T 2 .  ? 3.343   -4.574  -7.256  1.00 12.60 ? 106 NH4 B HN3   1 
HETATM 566 H HN4   . NH4 T 2 .  ? 2.296   -5.747  -7.557  1.00 12.60 ? 106 NH4 B HN4   1 
HETATM 567 O O     . HOH U 3 .  ? -11.597 12.733  11.376  1.00 16.53 ? 201 HOH A O     1 
HETATM 568 O O     . HOH U 3 .  ? 6.964   2.475   -7.573  1.00 23.20 ? 202 HOH A O     1 
HETATM 569 O O     . HOH U 3 .  ? -15.105 11.703  9.318   1.00 15.18 ? 203 HOH A O     1 
HETATM 570 O O     . HOH U 3 .  ? 19.404  -8.090  -4.263  1.00 20.99 ? 204 HOH A O     1 
HETATM 571 O O     . HOH U 3 .  ? 12.602  -11.947 8.385   1.00 12.67 ? 205 HOH A O     1 
HETATM 572 O O     . HOH U 3 .  ? -9.878  -3.498  0.470   1.00 16.06 ? 206 HOH A O     1 
HETATM 573 O O     . HOH U 3 .  ? 14.648  -10.336 7.297   1.00 20.14 ? 207 HOH A O     1 
HETATM 574 O O     . HOH U 3 .  ? 9.910   -14.156 3.367   1.00 24.50 ? 208 HOH A O     1 
HETATM 575 O O     . HOH U 3 .  ? -9.488  -0.551  6.652   1.00 11.46 ? 209 HOH A O     1 
HETATM 576 O O     . HOH U 3 .  ? 10.388  -4.112  6.672   1.00 17.02 ? 210 HOH A O     1 
HETATM 577 O O     . HOH U 3 .  ? -6.159  6.181   -6.273  1.00 26.35 ? 211 HOH A O     1 
HETATM 578 O O     . HOH U 3 .  ? 11.869  0.305   -3.413  1.00 20.38 ? 212 HOH A O     1 
HETATM 579 O O     . HOH U 3 .  ? -9.647  8.313   11.843  1.00 11.58 ? 213 HOH A O     1 
HETATM 580 O O     . HOH U 3 .  ? 0.163   6.332   -7.660  1.00 16.63 ? 214 HOH A O     1 
HETATM 581 O O     . HOH U 3 .  ? 8.201   1.122   4.827   1.00 18.27 ? 215 HOH A O     1 
HETATM 582 O O     . HOH U 3 .  ? 6.409   6.826   -3.656  1.00 10.58 ? 216 HOH A O     1 
HETATM 583 O O     . HOH U 3 .  ? -15.821 0.074   4.558   1.00 10.62 ? 217 HOH A O     1 
HETATM 584 O O     . HOH U 3 .  ? 18.296  -13.311 0.261   1.00 14.92 ? 218 HOH A O     1 
HETATM 585 O O     . HOH U 3 .  ? 1.611   7.166   -3.510  1.00 38.43 ? 219 HOH A O     1 
HETATM 586 O O     . HOH U 3 .  ? -6.517  -4.643  2.595   1.00 21.62 ? 220 HOH A O     1 
HETATM 587 O O     . HOH U 3 .  ? -9.386  5.821   10.131  1.00 10.37 ? 221 HOH A O     1 
HETATM 588 O O     . HOH U 3 .  ? -10.887 5.742   -5.302  1.00 26.40 ? 222 HOH A O     1 
HETATM 589 O O     . HOH U 3 .  ? 0.469   -0.955  -8.347  1.00 22.50 ? 223 HOH A O     1 
HETATM 590 O O     . HOH U 3 .  ? -12.428 2.336   -4.906  1.00 23.25 ? 224 HOH A O     1 
HETATM 591 O O     . HOH U 3 .  ? -0.046  8.328   -4.079  1.00 25.12 ? 225 HOH A O     1 
HETATM 592 O O     . HOH U 3 .  ? 6.467   -1.275  6.210   1.00 25.86 ? 226 HOH A O     1 
HETATM 593 O O     . HOH U 3 .  ? -10.533 0.721   -5.342  1.00 24.66 ? 227 HOH A O     1 
HETATM 594 O O     . HOH U 3 .  ? -3.556  6.013   -7.147  0.50 14.62 ? 228 HOH A O     1 
HETATM 595 O O     . HOH U 3 .  ? 19.962  -10.312 -0.029  1.00 34.98 ? 229 HOH A O     1 
HETATM 596 O O     . HOH U 3 .  ? 13.101  -7.866  7.141   1.00 23.19 ? 230 HOH A O     1 
HETATM 597 O O     . HOH U 3 .  ? 6.476   5.030   -7.226  1.00 21.61 ? 231 HOH A O     1 
HETATM 598 O O     . HOH U 3 .  ? -6.437  -4.762  -1.688  1.00 13.58 ? 232 HOH A O     1 
HETATM 599 O O     . HOH U 3 .  ? -7.317  8.560   10.460  1.00 27.16 ? 233 HOH A O     1 
HETATM 600 O O     . HOH U 3 .  ? 9.543   -0.200  -7.214  1.00 16.55 ? 234 HOH A O     1 
HETATM 601 O O     . HOH U 3 .  ? 3.843   7.382   -5.395  1.00 27.21 ? 235 HOH A O     1 
HETATM 602 O O     . HOH U 3 .  ? -8.764  0.894   -7.621  1.00 27.38 ? 236 HOH A O     1 
HETATM 603 O O     . HOH U 3 .  ? 21.599  -7.972  -0.135  1.00 23.50 ? 237 HOH A O     1 
HETATM 604 O O     . HOH U 3 .  ? -4.051  -1.658  11.231  1.00 62.87 ? 238 HOH A O     1 
HETATM 605 O O     . HOH V 3 .  ? -10.968 12.923  -5.189  1.00 59.64 ? 201 HOH B O     1 
HETATM 606 O O     . HOH V 3 .  ? -4.572  12.214  -2.785  1.00 24.16 ? 202 HOH B O     1 
HETATM 607 O O     . HOH V 3 .  ? 8.886   -13.323 -0.425  1.00 21.97 ? 203 HOH B O     1 
HETATM 608 O O     . HOH V 3 .  ? 16.969  -5.880  -4.475  1.00 23.26 ? 204 HOH B O     1 
HETATM 609 O O     . HOH V 3 .  ? -1.841  4.682   10.263  1.00 24.82 ? 205 HOH B O     1 
HETATM 610 O O     . HOH V 3 .  ? 12.575  -6.911  -11.838 1.00 38.16 ? 206 HOH B O     1 
HETATM 611 O O     . HOH V 3 .  ? 3.770   -3.233  7.354   1.00 15.95 ? 207 HOH B O     1 
HETATM 612 O O     . HOH V 3 .  ? 11.516  -10.854 -10.819 1.00 28.18 ? 208 HOH B O     1 
HETATM 613 O O     . HOH V 3 .  ? -5.194  -4.231  5.014   1.00 26.51 ? 209 HOH B O     1 
HETATM 614 O O     . HOH V 3 .  ? 13.948  -1.535  -6.977  1.00 28.85 ? 210 HOH B O     1 
HETATM 615 O O     . HOH V 3 .  ? -19.227 6.809   4.406   1.00 28.62 ? 211 HOH B O     1 
HETATM 616 O O     . HOH V 3 .  ? -4.085  -8.317  1.585   1.00 20.08 ? 212 HOH B O     1 
HETATM 617 O O     . HOH V 3 .  ? -9.434  14.156  -4.366  1.00 20.58 ? 213 HOH B O     1 
HETATM 618 O O     . HOH V 3 .  ? -2.058  11.362  7.117   1.00 13.97 ? 214 HOH B O     1 
HETATM 619 O O     . HOH V 3 .  ? -4.649  8.581   9.137   1.00 28.83 ? 215 HOH B O     1 
HETATM 620 O O     . HOH V 3 .  ? -18.216 10.698  -4.376  1.00 25.66 ? 216 HOH B O     1 
HETATM 621 O O     . HOH V 3 .  ? -4.973  15.643  1.850   1.00 35.17 ? 217 HOH B O     1 
HETATM 622 O O     . HOH V 3 .  ? 0.199   10.114  6.668   1.00 12.40 ? 218 HOH B O     1 
HETATM 623 O O     . HOH V 3 .  ? 11.088  -12.466 -8.798  1.00 15.34 ? 219 HOH B O     1 
HETATM 624 O O     . HOH V 3 .  ? 2.741   -8.212  -10.333 1.00 25.96 ? 220 HOH B O     1 
HETATM 625 O O     . HOH V 3 .  ? 0.389   9.530   0.432   1.00 23.71 ? 221 HOH B O     1 
HETATM 626 O O     . HOH V 3 .  ? -3.498  14.261  0.273   1.00 27.64 ? 222 HOH B O     1 
HETATM 627 O O     . HOH V 3 .  ? -11.123 16.015  -3.410  1.00 15.40 ? 223 HOH B O     1 
HETATM 628 O O     . HOH V 3 .  ? -4.111  -6.236  -1.758  1.00 19.37 ? 224 HOH B O     1 
HETATM 629 O O     . HOH V 3 .  ? 7.550   -4.187  -10.766 1.00 15.88 ? 225 HOH B O     1 
HETATM 630 O O     . HOH V 3 .  ? -5.885  10.067  -3.885  1.00 22.66 ? 226 HOH B O     1 
HETATM 631 O O     . HOH V 3 .  ? -2.853  -8.203  -3.297  1.00 32.95 ? 227 HOH B O     1 
HETATM 632 O O     . HOH V 3 .  ? -1.738  -10.059 2.186   1.00 20.22 ? 228 HOH B O     1 
HETATM 633 O O     . HOH V 3 .  ? -0.317  -11.327 -4.951  1.00 17.78 ? 229 HOH B O     1 
HETATM 634 O O     . HOH V 3 .  ? 4.053   -0.583  6.845   1.00 26.01 ? 230 HOH B O     1 
HETATM 635 O O     . HOH V 3 .  ? -1.604  9.579   -2.641  1.00 29.97 ? 231 HOH B O     1 
HETATM 636 O O     . HOH V 3 .  ? -7.160  8.340   -5.265  1.00 21.64 ? 232 HOH B O     1 
HETATM 637 O O     . HOH V 3 .  ? -24.553 12.252  3.608   1.00 31.51 ? 233 HOH B O     1 
# 
loop_
_atom_site_anisotrop.id 
_atom_site_anisotrop.type_symbol 
_atom_site_anisotrop.pdbx_label_atom_id 
_atom_site_anisotrop.pdbx_label_alt_id 
_atom_site_anisotrop.pdbx_label_comp_id 
_atom_site_anisotrop.pdbx_label_asym_id 
_atom_site_anisotrop.pdbx_label_seq_id 
_atom_site_anisotrop.pdbx_PDB_ins_code 
_atom_site_anisotrop.U[1][1] 
_atom_site_anisotrop.U[2][2] 
_atom_site_anisotrop.U[3][3] 
_atom_site_anisotrop.U[1][2] 
_atom_site_anisotrop.U[1][3] 
_atom_site_anisotrop.U[2][3] 
_atom_site_anisotrop.pdbx_auth_seq_id 
_atom_site_anisotrop.pdbx_auth_comp_id 
_atom_site_anisotrop.pdbx_auth_asym_id 
_atom_site_anisotrop.pdbx_auth_atom_id 
1   O "O5'" . A   A 1  ? 0.1597 0.2125 0.1578 0.0251  -0.0179 -0.0277 1   A   A "O5'" 
2   C "C5'" . A   A 1  ? 0.1459 0.1639 0.1776 0.0153  -0.0128 -0.0163 1   A   A "C5'" 
3   C "C4'" . A   A 1  ? 0.1512 0.1380 0.1333 0.0237  0.0257  0.0239  1   A   A "C4'" 
4   O "O4'" . A   A 1  ? 0.1615 0.1327 0.1229 0.0349  0.0312  0.0193  1   A   A "O4'" 
5   C "C3'" . A   A 1  ? 0.1318 0.1158 0.1177 0.0043  0.0159  0.0061  1   A   A "C3'" 
6   O "O3'" . A   A 1  ? 0.1361 0.1204 0.1352 0.0103  0.0233  0.0104  1   A   A "O3'" 
7   C "C2'" . A   A 1  ? 0.1583 0.1303 0.1055 0.0325  0.0145  0.0274  1   A   A "C2'" 
8   O "O2'" . A   A 1  ? 0.1435 0.1757 0.1159 0.0323  0.0068  0.0248  1   A   A "O2'" 
9   C "C1'" . A   A 1  ? 0.1445 0.1091 0.1258 0.0196  0.0209  0.0196  1   A   A "C1'" 
10  N N9    . A   A 1  ? 0.1263 0.1311 0.1113 0.0272  0.0035  0.0158  1   A   A N9    
11  C C8    . A   A 1  ? 0.1275 0.1394 0.1042 0.0390  -0.0026 0.0188  1   A   A C8    
12  N N7    . A   A 1  ? 0.1314 0.1216 0.1230 0.0356  0.0024  0.0132  1   A   A N7    
13  C C5    . A   A 1  ? 0.1317 0.1192 0.1077 0.0283  0.0277  0.0234  1   A   A C5    
14  C C6    . A   A 1  ? 0.1363 0.1235 0.1239 0.0352  0.0141  0.0193  1   A   A C6    
15  N N6    . A   A 1  ? 0.1309 0.1342 0.1316 0.0247  0.0207  0.0191  1   A   A N6    
16  N N1    . A   A 1  ? 0.1405 0.1286 0.1203 0.0360  -0.0002 0.0015  1   A   A N1    
17  C C2    . A   A 1  ? 0.1426 0.1366 0.1425 0.0351  0.0046  -0.0079 1   A   A C2    
18  N N3    . A   A 1  ? 0.1525 0.1306 0.1211 0.0351  0.0120  -0.0002 1   A   A N3    
19  C C4    . A   A 1  ? 0.1385 0.1235 0.1088 0.0315  0.0038  0.0022  1   A   A C4    
20  P P     . A   A 2  ? 0.1405 0.1152 0.1350 0.0222  0.0241  0.0265  2   A   A P     
21  O OP1   . A   A 2  ? 0.1485 0.1397 0.1414 0.0225  0.0435  0.0307  2   A   A OP1   
22  O OP2   . A   A 2  ? 0.1365 0.1147 0.1373 0.0198  0.0150  0.0243  2   A   A OP2   
23  O "O5'" . A   A 2  ? 0.1470 0.1090 0.1314 0.0237  0.0030  0.0107  2   A   A "O5'" 
24  C "C5'" . A   A 2  ? 0.1805 0.1299 0.1293 0.0540  0.0057  0.0125  2   A   A "C5'" 
25  C "C4'" . A   A 2  ? 0.1508 0.1314 0.1157 0.0383  0.0196  0.0295  2   A   A "C4'" 
26  O "O4'" . A   A 2  ? 0.1457 0.1618 0.1327 0.0457  0.0205  0.0300  2   A   A "O4'" 
27  C "C3'" . A   A 2  ? 0.1362 0.1241 0.1216 0.0167  0.0076  0.0023  2   A   A "C3'" 
28  O "O3'" . A   A 2  ? 0.1510 0.1229 0.1265 0.0301  0.0161  0.0174  2   A   A "O3'" 
29  C "C2'" . A   A 2  ? 0.1515 0.1579 0.1205 0.0394  -0.0124 0.0169  2   A   A "C2'" 
30  O "O2'" . A   A 2  ? 0.1468 0.1781 0.1826 0.0101  -0.0138 -0.0329 2   A   A "O2'" 
31  C "C1'" . A   A 2  ? 0.1444 0.1287 0.1573 0.0240  -0.0061 0.0157  2   A   A "C1'" 
32  N N9    . A   A 2  ? 0.1336 0.1454 0.1374 0.0191  -0.0102 0.0149  2   A   A N9    
33  C C8    . A   A 2  ? 0.1288 0.1526 0.1295 0.0226  -0.0141 0.0060  2   A   A C8    
34  N N7    . A   A 2  ? 0.1214 0.1402 0.1317 0.0147  -0.0026 0.0124  2   A   A N7    
35  C C5    . A   A 2  ? 0.1128 0.1502 0.1234 -0.0005 -0.0002 0.0007  2   A   A C5    
36  C C6    . A   A 2  ? 0.1038 0.1157 0.1506 -0.0257 0.0136  0.0167  2   A   A C6    
37  N N6    . A   A 2  ? 0.1039 0.1340 0.1536 0.0013  0.0066  0.0330  2   A   A N6    
38  N N1    . A   A 2  ? 0.1441 0.1567 0.1645 -0.0143 0.0170  0.0078  2   A   A N1    
39  C C2    . A   A 2  ? 0.1366 0.1815 0.1726 -0.0121 0.0253  0.0216  2   A   A C2    
40  N N3    . A   A 2  ? 0.1280 0.2010 0.1595 -0.0028 -0.0151 -0.0052 2   A   A N3    
41  C C4    . A   A 2  ? 0.1202 0.1574 0.1392 -0.0005 -0.0096 0.0035  2   A   A C4    
42  P P     . A   A 3  ? 0.1523 0.1112 0.1345 0.0157  0.0191  0.0265  3   A   A P     
43  O OP1   . A   A 3  ? 0.1880 0.1374 0.1320 0.0307  0.0252  0.0189  3   A   A OP1   
44  O OP2   . A   A 3  ? 0.1621 0.1219 0.1415 0.0153  0.0095  0.0126  3   A   A OP2   
45  O "O5'" . A   A 3  ? 0.1377 0.1077 0.1565 0.0122  -0.0035 0.0140  3   A   A "O5'" 
46  C "C5'" . A   A 3  ? 0.1337 0.0913 0.1410 0.0205  -0.0113 0.0223  3   A   A "C5'" 
47  C "C4'" . A   A 3  ? 0.1353 0.1031 0.1225 0.0301  -0.0099 0.0114  3   A   A "C4'" 
48  O "O4'" . A   A 3  ? 0.1182 0.1030 0.1239 0.0234  -0.0184 0.0070  3   A   A "O4'" 
49  C "C3'" . A   A 3  ? 0.1256 0.0779 0.1259 0.0127  -0.0086 -0.0004 3   A   A "C3'" 
50  O "O3'" . A   A 3  ? 0.1266 0.1042 0.0964 0.0199  0.0004  0.0131  3   A   A "O3'" 
51  C "C2'" . A   A 3  ? 0.1191 0.1018 0.1241 0.0057  -0.0155 -0.0238 3   A   A "C2'" 
52  O "O2'" . A   A 3  ? 0.1232 0.1025 0.1490 -0.0033 -0.0046 -0.0111 3   A   A "O2'" 
53  C "C1'" . A   A 3  ? 0.1157 0.0826 0.1156 0.0046  -0.0024 0.0040  3   A   A "C1'" 
54  N N9    . A   A 3  ? 0.1019 0.1013 0.1086 0.0087  -0.0134 -0.0162 3   A   A N9    
55  C C8    . A   A 3  ? 0.1221 0.1010 0.1112 0.0175  -0.0114 -0.0127 3   A   A C8    
56  N N7    . A   A 3  ? 0.1166 0.0995 0.0952 0.0137  0.0022  -0.0006 3   A   A N7    
57  C C5    . A   A 3  ? 0.0873 0.0919 0.1024 -0.0095 0.0101  -0.0038 3   A   A C5    
58  C C6    . A   A 3  ? 0.1014 0.0911 0.1003 -0.0023 0.0098  -0.0060 3   A   A C6    
59  N N6    . A   A 3  ? 0.1269 0.0988 0.1031 0.0130  0.0021  0.0003  3   A   A N6    
60  N N1    . A   A 3  ? 0.1050 0.1059 0.1218 0.0017  0.0164  -0.0124 3   A   A N1    
61  C C2    . A   A 3  ? 0.0956 0.1137 0.1098 -0.0038 0.0053  -0.0242 3   A   A C2    
62  N N3    . A   A 3  ? 0.0912 0.1198 0.1235 -0.0020 0.0015  -0.0159 3   A   A N3    
63  C C4    . A   A 3  ? 0.0988 0.1089 0.1171 0.0008  0.0085  -0.0109 3   A   A C4    
64  P P     . A   A 4  ? 0.1092 0.0915 0.0988 0.0017  0.0031  0.0072  4   A   A P     
65  O OP1   . A   A 4  ? 0.1125 0.1136 0.1125 0.0048  0.0093  0.0077  4   A   A OP1   
66  O OP2   . A   A 4  ? 0.1118 0.1056 0.0998 0.0038  0.0050  0.0124  4   A   A OP2   
67  O "O5'" . A   A 4  ? 0.1018 0.0867 0.1052 0.0053  -0.0006 0.0154  4   A   A "O5'" 
68  C "C5'" . A   A 4  ? 0.1166 0.1025 0.0859 0.0098  0.0042  0.0043  4   A   A "C5'" 
69  C "C4'" . A   A 4  ? 0.1047 0.0966 0.1031 0.0094  0.0073  0.0092  4   A   A "C4'" 
70  O "O4'" . A   A 4  ? 0.0939 0.0966 0.1030 0.0122  -0.0029 0.0103  4   A   A "O4'" 
71  C "C3'" . A   A 4  ? 0.0893 0.0828 0.0869 0.0056  -0.0020 0.0188  4   A   A "C3'" 
72  O "O3'" . A   A 4  ? 0.0988 0.0866 0.0996 0.0037  -0.0002 0.0022  4   A   A "O3'" 
73  C "C2'" . A   A 4  ? 0.0888 0.0741 0.1217 -0.0086 -0.0002 0.0041  4   A   A "C2'" 
74  O "O2'" . A   A 4  ? 0.1077 0.0978 0.1285 -0.0010 0.0062  0.0097  4   A   A "O2'" 
75  C "C1'" . A   A 4  ? 0.0935 0.1001 0.1215 0.0080  -0.0078 -0.0047 4   A   A "C1'" 
76  N N9    . A   A 4  ? 0.0919 0.0900 0.1013 0.0039  0.0068  0.0050  4   A   A N9    
77  C C8    . A   A 4  ? 0.0881 0.0770 0.1265 -0.0080 0.0095  0.0015  4   A   A C8    
78  N N7    . A   A 4  ? 0.0999 0.0971 0.1044 0.0066  0.0076  0.0103  4   A   A N7    
79  C C5    . A   A 4  ? 0.1007 0.1020 0.1007 0.0129  0.0077  0.0050  4   A   A C5    
80  C C6    . A   A 4  ? 0.1171 0.1104 0.0850 0.0266  0.0106  0.0101  4   A   A C6    
81  N N6    . A   A 4  ? 0.1076 0.1274 0.1000 0.0211  0.0052  -0.0062 4   A   A N6    
82  N N1    . A   A 4  ? 0.1138 0.1051 0.0942 0.0163  0.0119  0.0075  4   A   A N1    
83  C C2    . A   A 4  ? 0.1017 0.1093 0.1026 0.0086  0.0064  -0.0104 4   A   A C2    
84  N N3    . A   A 4  ? 0.1052 0.1041 0.1174 0.0064  0.0257  0.0042  4   A   A N3    
85  C C4    . A   A 4  ? 0.0917 0.0945 0.1109 0.0060  0.0153  0.0096  4   A   A C4    
86  P P     . A   A 5  ? 0.0912 0.0817 0.1152 0.0090  0.0007  0.0023  5   A   A P     
87  O OP1   . A   A 5  ? 0.1052 0.0943 0.1486 0.0120  -0.0041 -0.0119 5   A   A OP1   
88  O OP2   . A   A 5  ? 0.0854 0.0915 0.1251 0.0036  0.0011  -0.0047 5   A   A OP2   
89  O "O5'" . A   A 5  ? 0.1024 0.0836 0.1275 0.0114  -0.0203 0.0119  5   A   A "O5'" 
90  C "C5'" . A   A 5  ? 0.1182 0.0661 0.1383 0.0014  -0.0107 0.0181  5   A   A "C5'" 
91  C "C4'" . A   A 5  ? 0.1165 0.0875 0.1408 0.0114  -0.0062 0.0095  5   A   A "C4'" 
92  O "O4'" . A   A 5  ? 0.1001 0.0794 0.1514 0.0184  -0.0147 0.0173  5   A   A "O4'" 
93  C "C3'" . A   A 5  ? 0.1138 0.0716 0.1217 0.0050  -0.0157 0.0096  5   A   A "C3'" 
94  O "O3'" . A   A 5  ? 0.1093 0.0770 0.1110 0.0015  -0.0083 -0.0013 5   A   A "O3'" 
95  C "C2'" . A   A 5  ? 0.1232 0.0822 0.1131 0.0083  -0.0065 0.0120  5   A   A "C2'" 
96  O "O2'" . A   A 5  ? 0.1320 0.1007 0.1295 0.0145  -0.0150 -0.0051 5   A   A "O2'" 
97  C "C1'" . A   A 5  ? 0.1000 0.0771 0.1427 0.0002  -0.0192 -0.0017 5   A   A "C1'" 
98  N N9    . A   A 5  ? 0.1132 0.0796 0.1349 0.0062  -0.0090 -0.0160 5   A   A N9    
99  C C8    . A   A 5  ? 0.1020 0.0758 0.1291 0.0068  -0.0119 0.0053  5   A   A C8    
100 N N7    . A   A 5  ? 0.1077 0.0795 0.1572 0.0033  -0.0021 -0.0089 5   A   A N7    
101 C C5    . A   A 5  ? 0.0853 0.1011 0.1383 0.0107  -0.0073 -0.0205 5   A   A C5    
102 C C6    . A   A 5  ? 0.1075 0.0988 0.1231 0.0093  0.0109  -0.0125 5   A   A C6    
103 N N6    . A   A 5  ? 0.1005 0.1004 0.1357 0.0055  0.0111  -0.0069 5   A   A N6    
104 N N1    . A   A 5  ? 0.1171 0.0875 0.1200 0.0064  0.0093  -0.0174 5   A   A N1    
105 C C2    . A   A 5  ? 0.1407 0.1008 0.1157 0.0182  0.0250  -0.0161 5   A   A C2    
106 N N3    . A   A 5  ? 0.1077 0.0826 0.1381 0.0024  0.0111  -0.0225 5   A   A N3    
107 C C4    . A   A 5  ? 0.0939 0.0974 0.1209 0.0123  -0.0005 -0.0110 5   A   A C4    
108 P P     . DA  A 6  ? 0.1070 0.0828 0.0980 0.0031  0.0049  0.0122  6   DA  A P     
109 O OP1   . DA  A 6  ? 0.1162 0.0870 0.1305 0.0095  0.0161  0.0153  6   DA  A OP1   
110 O OP2   . DA  A 6  ? 0.1193 0.1009 0.1124 -0.0099 0.0095  0.0046  6   DA  A OP2   
111 O "O5'" . DA  A 6  ? 0.1017 0.0954 0.1093 0.0026  0.0046  0.0171  6   DA  A "O5'" 
112 C "C5'" . DA  A 6  ? 0.1118 0.1258 0.0985 0.0178  0.0019  0.0176  6   DA  A "C5'" 
113 C "C4'" . DA  A 6  ? 0.1068 0.1080 0.0965 0.0207  0.0029  0.0211  6   DA  A "C4'" 
114 O "O4'" . DA  A 6  ? 0.0923 0.1174 0.1159 0.0151  0.0056  0.0114  6   DA  A "O4'" 
115 C "C3'" . DA  A 6  ? 0.1035 0.1137 0.0916 0.0227  0.0013  0.0153  6   DA  A "C3'" 
116 O "O3'" . DA  A 6  ? 0.1082 0.1045 0.1025 0.0202  0.0156  0.0178  6   DA  A "O3'" 
117 C "C2'" . DA  A 6  ? 0.1055 0.1176 0.0865 0.0181  0.0059  0.0086  6   DA  A "C2'" 
118 C "C1'" . DA  A 6  ? 0.1082 0.1018 0.1137 0.0161  0.0082  0.0081  6   DA  A "C1'" 
119 N N9    . DA  A 6  ? 0.1124 0.1049 0.0842 0.0164  0.0056  0.0111  6   DA  A N9    
120 C C8    . DA  A 6  ? 0.0993 0.0920 0.0944 0.0101  0.0015  0.0206  6   DA  A C8    
121 N N7    . DA  A 6  ? 0.0915 0.1004 0.0966 0.0136  -0.0013 0.0072  6   DA  A N7    
122 C C5    . DA  A 6  ? 0.0984 0.0856 0.1121 0.0100  0.0042  0.0025  6   DA  A C5    
123 C C6    . DA  A 6  ? 0.1002 0.0901 0.1053 0.0117  -0.0064 0.0032  6   DA  A C6    
124 N N6    . DA  A 6  ? 0.1090 0.0911 0.1083 0.0084  -0.0007 0.0123  6   DA  A N6    
125 N N1    . DA  A 6  ? 0.1162 0.0976 0.1117 0.0116  -0.0049 -0.0011 6   DA  A N1    
126 C C2    . DA  A 6  ? 0.1281 0.1089 0.1100 0.0160  0.0016  -0.0071 6   DA  A C2    
127 N N3    . DA  A 6  ? 0.1191 0.1143 0.1069 0.0182  -0.0159 -0.0132 6   DA  A N3    
128 C C4    . DA  A 6  ? 0.1182 0.0919 0.0999 0.0142  0.0158  0.0177  6   DA  A C4    
129 P P     . A   A 7  ? 0.1365 0.1107 0.1041 0.0322  0.0274  0.0261  7   A   A P     
130 O OP1   . A   A 7  ? 0.1528 0.1244 0.1393 0.0440  0.0463  0.0393  7   A   A OP1   
131 O OP2   . A   A 7  ? 0.1486 0.1202 0.1102 0.0250  0.0242  0.0143  7   A   A OP2   
132 O "O5'" . A   A 7  ? 0.1029 0.1511 0.1010 0.0300  0.0158  0.0362  7   A   A "O5'" 
133 C "C5'" . A   A 7  ? 0.1197 0.1732 0.1013 0.0420  0.0145  0.0382  7   A   A "C5'" 
134 C "C4'" . A   A 7  ? 0.1184 0.1680 0.1084 0.0314  0.0158  0.0160  7   A   A "C4'" 
135 O "O4'" . A   A 7  ? 0.1117 0.1549 0.0879 0.0339  -0.0028 0.0068  7   A   A "O4'" 
136 C "C3'" . A   A 7  ? 0.1047 0.1396 0.0873 0.0166  0.0039  0.0235  7   A   A "C3'" 
137 O "O3'" . A   A 7  ? 0.1113 0.1274 0.0790 0.0136  0.0033  0.0153  7   A   A "O3'" 
138 C "C2'" . A   A 7  ? 0.1046 0.1454 0.0916 0.0199  -0.0220 -0.0043 7   A   A "C2'" 
139 O "O2'" . A   A 7  ? 0.1272 0.1775 0.1209 0.0335  -0.0172 -0.0217 7   A   A "O2'" 
140 C "C1'" . A   A 7  ? 0.1137 0.1304 0.0854 0.0230  -0.0007 0.0188  7   A   A "C1'" 
141 N N9    . A   A 7  ? 0.1064 0.1212 0.0920 0.0237  -0.0051 0.0130  7   A   A N9    
142 C C8    . A   A 7  ? 0.1079 0.1074 0.1001 0.0165  -0.0080 -0.0011 7   A   A C8    
143 N N7    . A   A 7  ? 0.1103 0.1065 0.0854 0.0171  0.0041  0.0090  7   A   A N7    
144 C C5    . A   A 7  ? 0.0989 0.1046 0.0970 0.0101  0.0026  0.0090  7   A   A C5    
145 C C6    . A   A 7  ? 0.1087 0.1246 0.1106 0.0331  -0.0177 0.0045  7   A   A C6    
146 N N6    . A   A 7  ? 0.1174 0.1169 0.0982 0.0223  0.0054  0.0162  7   A   A N6    
147 N N1    . A   A 7  ? 0.1046 0.1300 0.1196 0.0211  -0.0030 0.0053  7   A   A N1    
148 C C2    . A   A 7  ? 0.1047 0.1177 0.1422 0.0206  0.0012  0.0195  7   A   A C2    
149 N N3    . A   A 7  ? 0.1105 0.1244 0.1051 0.0181  -0.0113 0.0002  7   A   A N3    
150 C C4    . A   A 7  ? 0.0971 0.1146 0.1050 0.0153  -0.0113 0.0031  7   A   A C4    
151 P P     . A   A 8  ? 0.1200 0.1244 0.0878 0.0253  0.0150  0.0211  8   A   A P     
152 O OP1   . A   A 8  ? 0.1299 0.1410 0.1017 0.0466  0.0041  0.0302  8   A   A OP1   
153 O OP2   . A   A 8  ? 0.1466 0.1243 0.0976 0.0222  0.0034  0.0206  8   A   A OP2   
154 O "O5'" . A   A 8  ? 0.1227 0.1348 0.0804 0.0192  0.0085  -0.0007 8   A   A "O5'" 
155 C "C5'" . A   A 8  ? 0.1089 0.1297 0.0832 0.0068  0.0182  0.0063  8   A   A "C5'" 
156 C "C4'" . A   A 8  ? 0.1106 0.1411 0.0893 0.0228  0.0033  0.0038  8   A   A "C4'" 
157 O "O4'" . A   A 8  ? 0.1227 0.1196 0.0880 0.0204  0.0195  0.0005  8   A   A "O4'" 
158 C "C3'" . A   A 8  ? 0.0910 0.1334 0.0882 0.0055  0.0102  0.0025  8   A   A "C3'" 
159 O "O3'" . A   A 8  ? 0.1062 0.1249 0.0815 0.0121  0.0086  0.0019  8   A   A "O3'" 
160 C "C2'" . A   A 8  ? 0.1244 0.1174 0.0919 0.0120  0.0145  0.0122  8   A   A "C2'" 
161 O "O2'" . A   A 8  ? 0.1347 0.1343 0.1078 0.0094  0.0068  -0.0037 8   A   A "O2'" 
162 C "C1'" . A   A 8  ? 0.1012 0.1166 0.1163 0.0014  0.0099  -0.0090 8   A   A "C1'" 
163 N N9    . A   A 8  ? 0.1151 0.1284 0.0851 0.0271  0.0184  0.0105  8   A   A N9    
164 C C8    . A   A 8  ? 0.1103 0.1223 0.0951 0.0294  0.0134  0.0099  8   A   A C8    
165 N N7    . A   A 8  ? 0.1039 0.1230 0.0887 0.0280  0.0115  0.0128  8   A   A N7    
166 C C5    . A   A 8  ? 0.1069 0.1238 0.0890 0.0279  0.0225  0.0246  8   A   A C5    
167 C C6    . A   A 8  ? 0.1046 0.1279 0.0758 0.0338  0.0043  0.0190  8   A   A C6    
168 N N6    . A   A 8  ? 0.0991 0.1413 0.0895 0.0321  0.0085  0.0210  8   A   A N6    
169 N N1    . A   A 8  ? 0.1266 0.1211 0.0942 0.0306  0.0196  0.0125  8   A   A N1    
170 C C2    . A   A 8  ? 0.1119 0.1162 0.1289 0.0204  0.0168  0.0075  8   A   A C2    
171 N N3    . A   A 8  ? 0.1182 0.1305 0.0884 0.0232  0.0192  0.0040  8   A   A N3    
172 C C4    . A   A 8  ? 0.1074 0.1147 0.0977 0.0199  0.0215  0.0152  8   A   A C4    
173 P P     . A   A 9  ? 0.0910 0.1191 0.0797 0.0018  0.0017  -0.0008 9   A   A P     
174 O OP1   . A   A 9  ? 0.0982 0.1225 0.1016 0.0027  -0.0053 -0.0051 9   A   A OP1   
175 O OP2   . A   A 9  ? 0.1016 0.1203 0.0920 0.0011  0.0037  0.0073  9   A   A OP2   
176 O "O5'" . A   A 9  ? 0.0946 0.1213 0.0815 0.0009  0.0042  -0.0027 9   A   A "O5'" 
177 C "C5'" . A   A 9  ? 0.0892 0.1093 0.0971 -0.0076 0.0051  -0.0033 9   A   A "C5'" 
178 C "C4'" . A   A 9  ? 0.0930 0.1068 0.0828 -0.0027 0.0122  0.0051  9   A   A "C4'" 
179 O "O4'" . A   A 9  ? 0.0847 0.1096 0.0948 0.0085  -0.0002 0.0063  9   A   A "O4'" 
180 C "C3'" . A   A 9  ? 0.0807 0.1131 0.0812 -0.0005 -0.0003 0.0056  9   A   A "C3'" 
181 O "O3'" . A   A 9  ? 0.0766 0.1178 0.0733 0.0000  0.0026  0.0053  9   A   A "O3'" 
182 C "C2'" . A   A 9  ? 0.0839 0.1201 0.0900 0.0028  0.0008  0.0087  9   A   A "C2'" 
183 O "O2'" . A   A 9  ? 0.0835 0.1158 0.0998 -0.0134 0.0020  0.0123  9   A   A "O2'" 
184 C "C1'" . A   A 9  ? 0.0843 0.1096 0.0874 -0.0041 0.0004  -0.0065 9   A   A "C1'" 
185 N N9    . A   A 9  ? 0.0869 0.0937 0.0866 0.0032  -0.0053 0.0116  9   A   A N9    
186 C C8    . A   A 9  ? 0.0846 0.1036 0.1076 0.0006  0.0141  0.0093  9   A   A C8    
187 N N7    . A   A 9  ? 0.0844 0.1113 0.0852 0.0021  0.0062  0.0030  9   A   A N7    
188 C C5    . A   A 9  ? 0.0873 0.1138 0.0886 0.0088  0.0136  0.0156  9   A   A C5    
189 C C6    . A   A 9  ? 0.0700 0.1230 0.0873 -0.0028 0.0056  -0.0119 9   A   A C6    
190 N N6    . A   A 9  ? 0.0809 0.1249 0.0917 0.0050  0.0063  -0.0023 9   A   A N6    
191 N N1    . A   A 9  ? 0.0867 0.1168 0.0828 0.0061  0.0091  0.0138  9   A   A N1    
192 C C2    . A   A 9  ? 0.0791 0.1201 0.0932 0.0027  0.0016  0.0065  9   A   A C2    
193 N N3    . A   A 9  ? 0.0811 0.1299 0.0914 0.0035  0.0049  0.0087  9   A   A N3    
194 C C4    . A   A 9  ? 0.0863 0.0942 0.0941 0.0016  0.0014  0.0076  9   A   A C4    
195 P P     . A   A 10 ? 0.0825 0.1131 0.0821 -0.0018 -0.0002 0.0037  10  A   A P     
196 O OP1   . A   A 10 ? 0.0811 0.1181 0.0917 0.0028  -0.0018 0.0069  10  A   A OP1   
197 O OP2   . A   A 10 ? 0.0944 0.1127 0.0850 -0.0076 -0.0073 0.0024  10  A   A OP2   
198 O "O5'" . A   A 10 ? 0.0839 0.1097 0.0832 -0.0048 -0.0032 0.0002  10  A   A "O5'" 
199 C "C5'" . A   A 10 ? 0.0938 0.1304 0.0828 0.0115  0.0035  0.0070  10  A   A "C5'" 
200 C "C4'" . A   A 10 ? 0.0922 0.1195 0.0875 0.0057  -0.0076 -0.0137 10  A   A "C4'" 
201 O "O4'" . A   A 10 ? 0.0870 0.1098 0.0968 0.0025  -0.0008 0.0039  10  A   A "O4'" 
202 C "C3'" . A   A 10 ? 0.0870 0.1305 0.0821 0.0112  0.0000  0.0071  10  A   A "C3'" 
203 O "O3'" . A   A 10 ? 0.1010 0.1351 0.0835 0.0170  0.0038  0.0076  10  A   A "O3'" 
204 C "C2'" . A   A 10 ? 0.1047 0.1358 0.0824 0.0180  -0.0062 0.0046  10  A   A "C2'" 
205 O "O2'" . A   A 10 ? 0.1186 0.1289 0.0836 0.0238  -0.0008 0.0129  10  A   A "O2'" 
206 C "C1'" . A   A 10 ? 0.0925 0.1098 0.0920 0.0026  -0.0066 -0.0039 10  A   A "C1'" 
207 N N9    . A   A 10 ? 0.1011 0.1065 0.0818 0.0119  -0.0064 0.0002  10  A   A N9    
208 C C8    . A   A 10 ? 0.1038 0.1044 0.1050 0.0114  0.0072  0.0016  10  A   A C8    
209 N N7    . A   A 10 ? 0.0917 0.1067 0.0850 0.0042  0.0027  -0.0039 10  A   A N7    
210 C C5    . A   A 10 ? 0.0892 0.1003 0.1168 0.0041  0.0023  -0.0090 10  A   A C5    
211 C C6    . A   A 10 ? 0.0980 0.1130 0.0881 0.0089  0.0056  0.0012  10  A   A C6    
212 N N6    . A   A 10 ? 0.0969 0.1152 0.1086 0.0014  0.0004  -0.0022 10  A   A N6    
213 N N1    . A   A 10 ? 0.1036 0.1144 0.1139 -0.0022 0.0049  -0.0109 10  A   A N1    
214 C C2    . A   A 10 ? 0.1138 0.1173 0.1160 -0.0066 -0.0062 -0.0262 10  A   A C2    
215 N N3    . A   A 10 ? 0.1140 0.1220 0.1004 0.0017  0.0014  -0.0069 10  A   A N3    
216 C C4    . A   A 10 ? 0.0978 0.0962 0.1016 -0.0013 0.0033  -0.0075 10  A   A C4    
217 P P     . A   A 11 ? 0.1053 0.1480 0.1001 0.0255  0.0081  0.0148  11  A   A P     
218 O OP1   . A   A 11 ? 0.1098 0.1844 0.1551 0.0372  0.0335  0.0162  11  A   A OP1   
219 O OP2   . A   A 11 ? 0.1044 0.1407 0.1246 0.0162  -0.0032 0.0099  11  A   A OP2   
220 O "O5'" . A   A 11 ? 0.1524 0.1195 0.0971 0.0338  0.0067  -0.0007 11  A   A "O5'" 
221 C "C5'" . A   A 11 ? 0.1624 0.1502 0.0845 0.0513  -0.0078 -0.0137 11  A   A "C5'" 
222 C "C4'" . A   A 11 ? 0.1797 0.1338 0.1010 0.0512  -0.0018 -0.0122 11  A   A "C4'" 
223 O "O4'" . A   A 11 ? 0.1698 0.1120 0.1051 0.0384  -0.0081 -0.0090 11  A   A "O4'" 
224 C "C3'" . A   A 11 ? 0.2267 0.1682 0.0998 0.0910  -0.0179 -0.0194 11  A   A "C3'" 
225 O "O3'" . A   A 11 ? 0.2797 0.1799 0.0930 0.1250  -0.0048 -0.0063 11  A   A "O3'" 
226 C "C2'" . A   A 11 ? 0.2317 0.1480 0.0994 0.0766  -0.0395 -0.0207 11  A   A "C2'" 
227 O "O2'" . A   A 11 ? 0.2747 0.1402 0.1116 0.0774  -0.0440 -0.0301 11  A   A "O2'" 
228 C "C1'" . A   A 11 ? 0.1864 0.1257 0.1074 0.0447  -0.0249 -0.0179 11  A   A "C1'" 
229 N N9    . A   A 11 ? 0.1552 0.1135 0.1158 0.0283  -0.0305 -0.0149 11  A   A N9    
230 C C8    . A   A 11 ? 0.1508 0.1130 0.1049 0.0229  -0.0137 -0.0123 11  A   A C8    
231 N N7    . A   A 11 ? 0.1254 0.1291 0.0937 0.0221  -0.0004 0.0005  11  A   A N7    
232 C C5    . A   A 11 ? 0.1071 0.1251 0.1137 0.0104  -0.0027 -0.0165 11  A   A C5    
233 C C6    . A   A 11 ? 0.0964 0.1221 0.1163 0.0035  -0.0085 -0.0286 11  A   A C6    
234 N N6    . A   A 11 ? 0.1050 0.1215 0.1122 0.0141  -0.0028 0.0000  11  A   A N6    
235 N N1    . A   A 11 ? 0.1073 0.1376 0.1223 0.0221  -0.0225 -0.0321 11  A   A N1    
236 C C2    . A   A 11 ? 0.1362 0.0995 0.1587 0.0189  -0.0059 -0.0132 11  A   A C2    
237 N N3    . A   A 11 ? 0.1355 0.1055 0.1622 0.0240  -0.0317 -0.0239 11  A   A N3    
238 C C4    . A   A 11 ? 0.1416 0.1069 0.1216 0.0220  -0.0125 -0.0086 11  A   A C4    
239 O "O5'" . A   B 1  ? 0.1377 0.1362 0.1528 0.0125  0.0112  0.0085  12  A   B "O5'" 
240 C "C5'" . A   B 1  ? 0.1194 0.1503 0.1425 0.0122  0.0284  0.0057  12  A   B "C5'" 
241 C "C4'" . A   B 1  ? 0.1170 0.1379 0.1414 0.0287  0.0324  0.0347  12  A   B "C4'" 
242 O "O4'" . A   B 1  ? 0.1149 0.1437 0.1264 0.0341  0.0304  0.0302  12  A   B "O4'" 
243 C "C3'" . A   B 1  ? 0.1052 0.1106 0.1334 0.0161  0.0142  0.0241  12  A   B "C3'" 
244 O "O3'" . A   B 1  ? 0.1081 0.1189 0.1110 0.0211  0.0210  0.0218  12  A   B "O3'" 
245 C "C2'" . A   B 1  ? 0.1245 0.1433 0.1152 0.0358  0.0142  0.0192  12  A   B "C2'" 
246 O "O2'" . A   B 1  ? 0.1384 0.1525 0.0999 0.0366  0.0082  0.0056  12  A   B "O2'" 
247 C "C1'" . A   B 1  ? 0.1151 0.1430 0.1321 0.0347  0.0121  0.0198  12  A   B "C1'" 
248 N N9    . A   B 1  ? 0.1136 0.1174 0.1098 0.0217  0.0084  0.0101  12  A   B N9    
249 C C8    . A   B 1  ? 0.1272 0.1136 0.1355 0.0335  0.0131  0.0148  12  A   B C8    
250 N N7    . A   B 1  ? 0.1142 0.1046 0.1206 0.0256  0.0101  0.0102  12  A   B N7    
251 C C5    . A   B 1  ? 0.1233 0.1065 0.1246 0.0234  0.0115  -0.0028 12  A   B C5    
252 C C6    . A   B 1  ? 0.1011 0.1058 0.1144 0.0156  0.0017  0.0014  12  A   B C6    
253 N N6    . A   B 1  ? 0.1259 0.1149 0.1454 0.0297  0.0142  0.0152  12  A   B N6    
254 N N1    . A   B 1  ? 0.1172 0.1115 0.1460 0.0194  0.0134  -0.0046 12  A   B N1    
255 C C2    . A   B 1  ? 0.1548 0.1142 0.1499 0.0410  0.0118  0.0031  12  A   B C2    
256 N N3    . A   B 1  ? 0.1458 0.1114 0.1279 0.0337  -0.0051 -0.0148 12  A   B N3    
257 C C4    . A   B 1  ? 0.1334 0.1077 0.1196 0.0276  0.0090  0.0007  12  A   B C4    
258 P P     . A   B 2  ? 0.1028 0.1038 0.1077 0.0145  0.0122  0.0150  13  A   B P     
259 O OP1   . A   B 2  ? 0.1287 0.1119 0.1223 0.0226  0.0148  0.0095  13  A   B OP1   
260 O OP2   . A   B 2  ? 0.1166 0.1026 0.1204 0.0128  0.0096  0.0070  13  A   B OP2   
261 O "O5'" . A   B 2  ? 0.1192 0.1187 0.0898 0.0007  0.0153  0.0068  13  A   B "O5'" 
262 C "C5'" . A   B 2  ? 0.1259 0.1302 0.1067 -0.0037 0.0162  -0.0138 13  A   B "C5'" 
263 C "C4'" . A   B 2  ? 0.1303 0.1143 0.1221 0.0027  0.0163  -0.0122 13  A   B "C4'" 
264 O "O4'" . A   B 2  ? 0.1205 0.1102 0.1130 0.0060  0.0142  -0.0043 13  A   B "O4'" 
265 C "C3'" . A   B 2  ? 0.1052 0.1135 0.1020 -0.0035 0.0094  0.0030  13  A   B "C3'" 
266 O "O3'" . A   B 2  ? 0.1125 0.1222 0.0911 0.0049  0.0029  -0.0013 13  A   B "O3'" 
267 C "C2'" . A   B 2  ? 0.1256 0.1068 0.0900 0.0049  -0.0012 0.0010  13  A   B "C2'" 
268 O "O2'" . A   B 2  ? 0.1331 0.1292 0.1057 -0.0004 -0.0070 -0.0196 13  A   B "O2'" 
269 C "C1'" . A   B 2  ? 0.1259 0.1127 0.1216 0.0064  0.0092  -0.0046 13  A   B "C1'" 
270 N N9    . A   B 2  ? 0.1145 0.1037 0.1109 -0.0011 -0.0116 -0.0165 13  A   B N9    
271 C C8    . A   B 2  ? 0.0997 0.1149 0.1093 0.0004  -0.0045 -0.0035 13  A   B C8    
272 N N7    . A   B 2  ? 0.1053 0.0967 0.1229 -0.0035 -0.0036 -0.0069 13  A   B N7    
273 C C5    . A   B 2  ? 0.1034 0.0810 0.1127 0.0009  -0.0103 0.0014  13  A   B C5    
274 C C6    . A   B 2  ? 0.0960 0.0839 0.1137 -0.0055 -0.0093 0.0053  13  A   B C6    
275 N N6    . A   B 2  ? 0.1068 0.0960 0.1070 0.0069  -0.0129 0.0028  13  A   B N6    
276 N N1    . A   B 2  ? 0.1324 0.0859 0.1154 0.0053  -0.0137 0.0048  13  A   B N1    
277 C C2    . A   B 2  ? 0.1326 0.0983 0.1144 0.0036  -0.0125 0.0056  13  A   B C2    
278 N N3    . A   B 2  ? 0.1178 0.0964 0.1258 -0.0069 -0.0081 -0.0087 13  A   B N3    
279 C C4    . A   B 2  ? 0.1159 0.0871 0.1113 -0.0051 0.0024  -0.0079 13  A   B C4    
280 P P     . A   B 3  ? 0.1168 0.1223 0.0934 0.0089  -0.0002 -0.0034 14  A   B P     
281 O OP1   . A   B 3  ? 0.1205 0.1579 0.1076 0.0246  -0.0114 -0.0026 14  A   B OP1   
282 O OP2   . A   B 3  ? 0.1284 0.1194 0.0975 0.0136  -0.0065 -0.0077 14  A   B OP2   
283 O "O5'" . A   B 3  ? 0.1072 0.1362 0.0939 0.0008  0.0081  -0.0065 14  A   B "O5'" 
284 C "C5'" . A   B 3  ? 0.1245 0.1286 0.1116 0.0000  0.0176  -0.0175 14  A   B "C5'" 
285 C "C4'" . A   B 3  ? 0.1216 0.1249 0.1079 -0.0041 0.0142  -0.0200 14  A   B "C4'" 
286 O "O4'" . A   B 3  ? 0.1322 0.1009 0.1013 -0.0017 0.0149  -0.0178 14  A   B "O4'" 
287 C "C3'" . A   B 3  ? 0.1001 0.1274 0.1007 -0.0151 0.0036  -0.0142 14  A   B "C3'" 
288 O "O3'" . A   B 3  ? 0.1064 0.1190 0.1030 -0.0115 0.0114  -0.0145 14  A   B "O3'" 
289 C "C2'" . A   B 3  ? 0.1262 0.0956 0.1168 -0.0249 0.0141  -0.0125 14  A   B "C2'" 
290 O "O2'" . A   B 3  ? 0.1545 0.1160 0.1335 -0.0257 0.0276  -0.0261 14  A   B "O2'" 
291 C "C1'" . A   B 3  ? 0.1269 0.0899 0.1115 -0.0149 0.0167  -0.0119 14  A   B "C1'" 
292 N N9    . A   B 3  ? 0.1293 0.0995 0.1104 0.0021  0.0137  -0.0128 14  A   B N9    
293 C C8    . A   B 3  ? 0.1062 0.0976 0.1267 0.0024  0.0096  -0.0085 14  A   B C8    
294 N N7    . A   B 3  ? 0.1077 0.0995 0.1089 0.0056  0.0153  0.0051  14  A   B N7    
295 C C5    . A   B 3  ? 0.1121 0.1084 0.0950 0.0137  0.0098  0.0088  14  A   B C5    
296 C C6    . A   B 3  ? 0.1084 0.1052 0.0941 -0.0007 0.0046  0.0027  14  A   B C6    
297 N N6    . A   B 3  ? 0.1060 0.1054 0.1103 0.0000  -0.0067 -0.0072 14  A   B N6    
298 N N1    . A   B 3  ? 0.1202 0.1038 0.1017 -0.0010 0.0070  0.0127  14  A   B N1    
299 C C2    . A   B 3  ? 0.1392 0.0975 0.1176 -0.0023 0.0169  0.0037  14  A   B C2    
300 N N3    . A   B 3  ? 0.1345 0.0929 0.1156 0.0005  0.0087  -0.0028 14  A   B N3    
301 C C4    . A   B 3  ? 0.1208 0.0805 0.1149 -0.0038 0.0143  0.0044  14  A   B C4    
302 P P     . A   B 4  ? 0.1078 0.1237 0.1020 -0.0068 0.0009  -0.0195 15  A   B P     
303 O OP1   . A   B 4  ? 0.0912 0.1569 0.1375 -0.0049 -0.0110 -0.0322 15  A   B OP1   
304 O OP2   . A   B 4  ? 0.1077 0.1117 0.1082 -0.0021 -0.0042 -0.0092 15  A   B OP2   
305 O "O5'" . A   B 4  ? 0.1067 0.1098 0.1140 -0.0153 0.0153  -0.0234 15  A   B "O5'" 
306 C "C5'" . A   B 4  ? 0.1130 0.1152 0.1146 -0.0139 0.0078  -0.0239 15  A   B "C5'" 
307 C "C4'" . A   B 4  ? 0.1186 0.1089 0.1048 -0.0069 0.0137  -0.0089 15  A   B "C4'" 
308 O "O4'" . A   B 4  ? 0.1125 0.1106 0.1077 -0.0134 0.0163  -0.0232 15  A   B "O4'" 
309 C "C3'" . A   B 4  ? 0.1054 0.1105 0.0952 -0.0086 0.0041  -0.0157 15  A   B "C3'" 
310 O "O3'" . A   B 4  ? 0.0947 0.1059 0.1107 -0.0108 0.0100  -0.0097 15  A   B "O3'" 
311 C "C2'" . A   B 4  ? 0.1063 0.1057 0.1030 -0.0178 0.0200  -0.0055 15  A   B "C2'" 
312 O "O2'" . A   B 4  ? 0.1246 0.1281 0.0966 -0.0085 0.0091  -0.0147 15  A   B "O2'" 
313 C "C1'" . A   B 4  ? 0.1081 0.1018 0.1180 -0.0192 0.0195  -0.0157 15  A   B "C1'" 
314 N N9    . A   B 4  ? 0.1055 0.0990 0.1119 -0.0216 0.0222  -0.0202 15  A   B N9    
315 C C8    . A   B 4  ? 0.1075 0.1005 0.1283 -0.0051 0.0172  -0.0127 15  A   B C8    
316 N N7    . A   B 4  ? 0.0958 0.0927 0.1227 -0.0043 0.0032  -0.0177 15  A   B N7    
317 C C5    . A   B 4  ? 0.0849 0.1102 0.1279 -0.0049 -0.0037 -0.0094 15  A   B C5    
318 C C6    . A   B 4  ? 0.0668 0.1296 0.1299 -0.0062 0.0000  -0.0066 15  A   B C6    
319 N N6    . A   B 4  ? 0.0837 0.1129 0.1315 -0.0040 0.0001  -0.0116 15  A   B N6    
320 N N1    . A   B 4  ? 0.0863 0.1331 0.1173 -0.0076 0.0085  -0.0077 15  A   B N1    
321 C C2    . A   B 4  ? 0.0843 0.1442 0.1313 -0.0102 0.0097  -0.0089 15  A   B C2    
322 N N3    . A   B 4  ? 0.0994 0.1455 0.1292 -0.0088 0.0049  -0.0110 15  A   B N3    
323 C C4    . A   B 4  ? 0.0875 0.1268 0.1307 -0.0149 0.0093  -0.0082 15  A   B C4    
324 P P     . A   B 5  ? 0.1029 0.1041 0.1119 -0.0109 0.0133  -0.0034 16  A   B P     
325 O OP1   . A   B 5  ? 0.0939 0.1257 0.1492 -0.0060 0.0235  0.0037  16  A   B OP1   
326 O OP2   . A   B 5  ? 0.1128 0.1143 0.1185 -0.0133 0.0075  -0.0074 16  A   B OP2   
327 O "O5'" . A   B 5  ? 0.1119 0.1057 0.1027 -0.0058 0.0195  0.0011  16  A   B "O5'" 
328 C "C5'" . A   B 5  ? 0.1429 0.1029 0.1091 0.0043  0.0310  0.0040  16  A   B "C5'" 
329 C "C4'" . A   B 5  ? 0.1296 0.1066 0.0889 0.0039  0.0228  -0.0014 16  A   B "C4'" 
330 O "O4'" . A   B 5  ? 0.1251 0.0928 0.0934 0.0065  0.0118  0.0014  16  A   B "O4'" 
331 C "C3'" . A   B 5  ? 0.1242 0.0904 0.0850 -0.0051 0.0135  -0.0111 16  A   B "C3'" 
332 O "O3'" . A   B 5  ? 0.1432 0.0943 0.0895 0.0022  0.0295  0.0024  16  A   B "O3'" 
333 C "C2'" . A   B 5  ? 0.1297 0.0895 0.0869 0.0023  0.0135  0.0067  16  A   B "C2'" 
334 O "O2'" . A   B 5  ? 0.1422 0.1073 0.1091 0.0038  0.0188  0.0123  16  A   B "O2'" 
335 C "C1'" . A   B 5  ? 0.1291 0.0887 0.0888 0.0082  0.0086  -0.0021 16  A   B "C1'" 
336 N N9    . A   B 5  ? 0.1088 0.0971 0.0877 0.0109  0.0093  0.0071  16  A   B N9    
337 C C8    . A   B 5  ? 0.1101 0.1224 0.0837 0.0233  0.0214  0.0170  16  A   B C8    
338 N N7    . A   B 5  ? 0.0972 0.0922 0.0845 0.0109  0.0048  0.0039  16  A   B N7    
339 C C5    . A   B 5  ? 0.0946 0.1092 0.0983 0.0181  0.0082  -0.0058 16  A   B C5    
340 C C6    . A   B 5  ? 0.0928 0.0814 0.0938 0.0087  0.0097  -0.0007 16  A   B C6    
341 N N6    . A   B 5  ? 0.0990 0.0827 0.1164 0.0011  0.0164  -0.0102 16  A   B N6    
342 N N1    . A   B 5  ? 0.0982 0.1054 0.0969 0.0175  -0.0024 0.0001  16  A   B N1    
343 C C2    . A   B 5  ? 0.1059 0.1201 0.1100 0.0226  0.0038  -0.0014 16  A   B C2    
344 N N3    . A   B 5  ? 0.1016 0.0967 0.1036 0.0143  -0.0078 -0.0039 16  A   B N3    
345 C C4    . A   B 5  ? 0.1032 0.0965 0.0890 0.0115  0.0188  0.0162  16  A   B C4    
346 P P     . DA  B 6  ? 0.1456 0.0974 0.0953 0.0047  0.0326  -0.0009 17  DA  B P     
347 O OP1   . DA  B 6  ? 0.1611 0.1152 0.1242 0.0079  0.0595  0.0010  17  DA  B OP1   
348 O OP2   . DA  B 6  ? 0.1332 0.1198 0.1114 0.0106  0.0234  -0.0021 17  DA  B OP2   
349 O "O5'" . DA  B 6  ? 0.1769 0.0879 0.0869 0.0146  0.0291  0.0019  17  DA  B "O5'" 
350 C "C5'" . DA  B 6  ? 0.1938 0.1069 0.0809 0.0222  0.0401  -0.0048 17  DA  B "C5'" 
351 C "C4'" . DA  B 6  ? 0.1628 0.0813 0.0967 0.0113  0.0282  0.0048  17  DA  B "C4'" 
352 O "O4'" . DA  B 6  ? 0.1536 0.0940 0.0919 0.0288  0.0106  0.0082  17  DA  B "O4'" 
353 C "C3'" . DA  B 6  ? 0.1302 0.0916 0.0871 0.0046  0.0200  0.0022  17  DA  B "C3'" 
354 O "O3'" . DA  B 6  ? 0.1261 0.0913 0.0829 0.0051  0.0172  0.0079  17  DA  B "O3'" 
355 C "C2'" . DA  B 6  ? 0.1096 0.1034 0.0975 0.0056  0.0145  0.0012  17  DA  B "C2'" 
356 C "C1'" . DA  B 6  ? 0.1310 0.1032 0.0979 0.0256  0.0051  0.0061  17  DA  B "C1'" 
357 N N9    . DA  B 6  ? 0.1124 0.1147 0.0906 0.0198  0.0069  -0.0029 17  DA  B N9    
358 C C8    . DA  B 6  ? 0.1292 0.1018 0.0909 0.0382  0.0114  0.0117  17  DA  B C8    
359 N N7    . DA  B 6  ? 0.1155 0.1023 0.0885 0.0194  0.0151  0.0048  17  DA  B N7    
360 C C5    . DA  B 6  ? 0.1034 0.1216 0.0876 0.0294  0.0204  0.0180  17  DA  B C5    
361 C C6    . DA  B 6  ? 0.0982 0.1000 0.0951 0.0145  0.0192  0.0087  17  DA  B C6    
362 N N6    . DA  B 6  ? 0.1099 0.1150 0.0993 0.0260  0.0096  0.0084  17  DA  B N6    
363 N N1    . DA  B 6  ? 0.0936 0.1117 0.0930 0.0193  0.0186  0.0145  17  DA  B N1    
364 C C2    . DA  B 6  ? 0.0852 0.1115 0.0965 0.0164  0.0207  0.0141  17  DA  B C2    
365 N N3    . DA  B 6  ? 0.1006 0.1151 0.0888 0.0162  0.0204  0.0099  17  DA  B N3    
366 C C4    . DA  B 6  ? 0.0977 0.0943 0.0880 0.0095  0.0131  0.0121  17  DA  B C4    
367 P P     . A   B 7  ? 0.1007 0.1231 0.0834 0.0014  0.0079  0.0056  18  A   B P     
368 O OP1   . A   B 7  ? 0.1226 0.1207 0.0793 0.0086  0.0098  -0.0014 18  A   B OP1   
369 O OP2   . A   B 7  ? 0.1036 0.1569 0.1056 -0.0156 0.0170  -0.0010 18  A   B OP2   
370 O "O5'" . A   B 7  ? 0.0993 0.1142 0.0899 0.0140  0.0093  0.0182  18  A   B "O5'" 
371 C "C5'" . A   B 7  ? 0.0915 0.1091 0.0990 0.0033  -0.0057 -0.0022 18  A   B "C5'" 
372 C "C4'" . A   B 7  ? 0.1000 0.1104 0.1206 0.0144  0.0197  0.0251  18  A   B "C4'" 
373 O "O4'" . A   B 7  ? 0.0912 0.1235 0.1147 0.0233  0.0179  0.0300  18  A   B "O4'" 
374 C "C3'" . A   B 7  ? 0.0895 0.1032 0.1029 0.0119  0.0000  0.0175  18  A   B "C3'" 
375 O "O3'" . A   B 7  ? 0.0919 0.1032 0.1078 0.0073  -0.0040 -0.0011 18  A   B "O3'" 
376 C "C2'" . A   B 7  ? 0.0946 0.1090 0.1157 0.0132  0.0113  0.0282  18  A   B "C2'" 
377 O "O2'" . A   B 7  ? 0.1076 0.1115 0.1479 0.0084  0.0183  0.0327  18  A   B "O2'" 
378 C "C1'" . A   B 7  ? 0.0960 0.1109 0.0994 0.0151  -0.0083 0.0063  18  A   B "C1'" 
379 N N9    . A   B 7  ? 0.1035 0.1240 0.0948 0.0310  0.0150  0.0315  18  A   B N9    
380 C C8    . A   B 7  ? 0.0896 0.1139 0.1062 0.0182  -0.0061 0.0021  18  A   B C8    
381 N N7    . A   B 7  ? 0.1074 0.1123 0.0909 0.0244  0.0228  0.0214  18  A   B N7    
382 C C5    . A   B 7  ? 0.1109 0.1317 0.0879 0.0376  0.0132  0.0119  18  A   B C5    
383 C C6    . A   B 7  ? 0.1210 0.1130 0.0852 0.0287  0.0243  0.0017  18  A   B C6    
384 N N6    . A   B 7  ? 0.1257 0.1372 0.0866 0.0443  0.0083  0.0046  18  A   B N6    
385 N N1    . A   B 7  ? 0.1278 0.1074 0.0857 0.0299  0.0218  0.0099  18  A   B N1    
386 C C2    . A   B 7  ? 0.1238 0.1165 0.1192 0.0168  0.0238  -0.0117 18  A   B C2    
387 N N3    . A   B 7  ? 0.1279 0.1144 0.1018 0.0231  0.0218  0.0129  18  A   B N3    
388 C C4    . A   B 7  ? 0.0974 0.1292 0.1099 0.0224  0.0092  0.0053  18  A   B C4    
389 P P     . A   B 8  ? 0.0914 0.0971 0.1012 0.0077  -0.0038 -0.0019 19  A   B P     
390 O OP1   . A   B 8  ? 0.1021 0.1148 0.1210 0.0075  -0.0056 -0.0225 19  A   B OP1   
391 O OP2   . A   B 8  ? 0.0852 0.1144 0.0961 0.0064  0.0012  -0.0103 19  A   B OP2   
392 O "O5'" . A   B 8  ? 0.0868 0.0976 0.1227 0.0100  -0.0135 0.0081  19  A   B "O5'" 
393 C "C5'" . A   B 8  ? 0.1002 0.1049 0.1346 0.0070  -0.0008 0.0098  19  A   B "C5'" 
394 C "C4'" . A   B 8  ? 0.1038 0.1009 0.1104 0.0103  -0.0070 0.0118  19  A   B "C4'" 
395 O "O4'" . A   B 8  ? 0.0920 0.1003 0.1275 0.0084  -0.0034 0.0106  19  A   B "O4'" 
396 C "C3'" . A   B 8  ? 0.0993 0.0878 0.1121 0.0103  -0.0186 0.0150  19  A   B "C3'" 
397 O "O3'" . A   B 8  ? 0.0927 0.0931 0.1302 0.0041  -0.0107 0.0050  19  A   B "O3'" 
398 C "C2'" . A   B 8  ? 0.1015 0.1104 0.1154 0.0042  -0.0034 0.0169  19  A   B "C2'" 
399 O "O2'" . A   B 8  ? 0.1184 0.0951 0.1484 0.0001  0.0044  0.0270  19  A   B "O2'" 
400 C "C1'" . A   B 8  ? 0.0976 0.1065 0.1357 0.0037  -0.0015 0.0066  19  A   B "C1'" 
401 N N9    . A   B 8  ? 0.0913 0.0967 0.1044 0.0054  -0.0008 0.0064  19  A   B N9    
402 C C8    . A   B 8  ? 0.0909 0.0958 0.1053 0.0005  0.0068  0.0061  19  A   B C8    
403 N N7    . A   B 8  ? 0.1037 0.1041 0.0826 0.0109  0.0070  0.0090  19  A   B N7    
404 C C5    . A   B 8  ? 0.0979 0.0988 0.0846 0.0090  0.0137  0.0133  19  A   B C5    
405 C C6    . A   B 8  ? 0.0978 0.0986 0.0882 0.0083  0.0099  0.0118  19  A   B C6    
406 N N6    . A   B 8  ? 0.0985 0.1042 0.0993 0.0073  0.0040  0.0002  19  A   B N6    
407 N N1    . A   B 8  ? 0.0992 0.1051 0.0935 0.0041  0.0044  0.0010  19  A   B N1    
408 C C2    . A   B 8  ? 0.1286 0.0971 0.1027 0.0133  0.0038  -0.0080 19  A   B C2    
409 N N3    . A   B 8  ? 0.1178 0.1102 0.1039 0.0122  0.0130  0.0022  19  A   B N3    
410 C C4    . A   B 8  ? 0.1044 0.1052 0.0809 0.0135  -0.0014 0.0042  19  A   B C4    
411 P P     . A   B 9  ? 0.0990 0.0915 0.1349 0.0069  -0.0030 0.0115  20  A   B P     
412 O OP1   . A   B 9  ? 0.1263 0.0948 0.1556 0.0163  0.0018  0.0089  20  A   B OP1   
413 O OP2   . A   B 9  ? 0.1069 0.1097 0.1318 0.0067  0.0030  0.0006  20  A   B OP2   
414 O "O5'" . A   B 9  ? 0.0917 0.1138 0.1400 0.0137  -0.0078 0.0264  20  A   B "O5'" 
415 C "C5'" . A   B 9  ? 0.1053 0.1142 0.1402 0.0122  -0.0012 0.0361  20  A   B "C5'" 
416 C "C4'" . A   B 9  ? 0.0904 0.1145 0.1275 0.0051  -0.0044 0.0231  20  A   B "C4'" 
417 O "O4'" . A   B 9  ? 0.0868 0.1297 0.1337 0.0176  0.0058  0.0298  20  A   B "O4'" 
418 C "C3'" . A   B 9  ? 0.0983 0.1094 0.1444 0.0112  -0.0135 0.0164  20  A   B "C3'" 
419 O "O3'" . A   B 9  ? 0.0899 0.1198 0.1352 0.0135  -0.0024 0.0248  20  A   B "O3'" 
420 C "C2'" . A   B 9  ? 0.1097 0.1254 0.1066 0.0073  -0.0024 0.0079  20  A   B "C2'" 
421 O "O2'" . A   B 9  ? 0.1313 0.1504 0.1174 0.0344  -0.0002 0.0284  20  A   B "O2'" 
422 C "C1'" . A   B 9  ? 0.0949 0.1237 0.1287 0.0101  0.0090  0.0141  20  A   B "C1'" 
423 N N9    . A   B 9  ? 0.0930 0.1190 0.1043 0.0183  0.0123  0.0336  20  A   B N9    
424 C C8    . A   B 9  ? 0.0906 0.1143 0.1160 0.0260  -0.0024 0.0249  20  A   B C8    
425 N N7    . A   B 9  ? 0.0868 0.1029 0.1042 0.0116  -0.0053 0.0100  20  A   B N7    
426 C C5    . A   B 9  ? 0.0930 0.1176 0.0883 0.0148  0.0015  0.0039  20  A   B C5    
427 C C6    . A   B 9  ? 0.0839 0.1040 0.1154 -0.0023 0.0028  -0.0063 20  A   B C6    
428 N N6    . A   B 9  ? 0.1057 0.1008 0.0997 0.0099  -0.0015 0.0081  20  A   B N6    
429 N N1    . A   B 9  ? 0.1126 0.1001 0.1041 0.0110  -0.0024 -0.0018 20  A   B N1    
430 C C2    . A   B 9  ? 0.1171 0.1247 0.1117 0.0168  -0.0030 -0.0039 20  A   B C2    
431 N N3    . A   B 9  ? 0.1191 0.1210 0.0911 0.0170  0.0035  0.0160  20  A   B N3    
432 C C4    . A   B 9  ? 0.0987 0.1154 0.1084 0.0159  0.0102  0.0195  20  A   B C4    
433 P P     . A   B 10 ? 0.0983 0.1104 0.1385 0.0100  -0.0024 0.0121  21  A   B P     
434 O OP1   . A   B 10 ? 0.1167 0.1049 0.1831 0.0109  0.0102  0.0063  21  A   B OP1   
435 O OP2   . A   B 10 ? 0.1156 0.1235 0.1441 0.0036  -0.0002 -0.0079 21  A   B OP2   
436 O "O5'" . A   B 10 ? 0.0898 0.1254 0.1379 0.0079  -0.0030 0.0119  21  A   B "O5'" 
437 C "C5'" . A   B 10 ? 0.1102 0.1278 0.1346 0.0116  -0.0246 0.0046  21  A   B "C5'" 
438 C "C4'" . A   B 10 ? 0.1118 0.1387 0.1336 0.0106  -0.0020 -0.0001 21  A   B "C4'" 
439 O "O4'" . A   B 10 ? 0.0874 0.1333 0.1143 0.0036  -0.0044 0.0160  21  A   B "O4'" 
440 C "C3'" . A   B 10 ? 0.0991 0.1126 0.1223 0.0094  -0.0133 0.0201  21  A   B "C3'" 
441 O "O3'" . A   B 10 ? 0.1007 0.1322 0.1287 0.0175  -0.0219 -0.0011 21  A   B "O3'" 
442 C "C2'" . A   B 10 ? 0.1032 0.1355 0.1069 0.0107  -0.0159 -0.0022 21  A   B "C2'" 
443 O "O2'" . A   B 10 ? 0.1190 0.1448 0.1009 0.0104  -0.0066 0.0106  21  A   B "O2'" 
444 C "C1'" . A   B 10 ? 0.0911 0.1313 0.1040 0.0049  -0.0151 0.0036  21  A   B "C1'" 
445 N N9    . A   B 10 ? 0.0958 0.1240 0.0955 0.0037  -0.0011 0.0101  21  A   B N9    
446 C C8    . A   B 10 ? 0.0957 0.1412 0.0959 0.0135  -0.0010 0.0218  21  A   B C8    
447 N N7    . A   B 10 ? 0.0914 0.1070 0.0988 -0.0005 -0.0171 0.0005  21  A   B N7    
448 C C5    . A   B 10 ? 0.1021 0.1166 0.0796 0.0084  -0.0026 0.0016  21  A   B C5    
449 C C6    . A   B 10 ? 0.1094 0.1154 0.0778 0.0138  -0.0146 -0.0128 21  A   B C6    
450 N N6    . A   B 10 ? 0.1083 0.1159 0.1038 0.0064  0.0009  0.0017  21  A   B N6    
451 N N1    . A   B 10 ? 0.0992 0.1155 0.1131 0.0026  -0.0103 -0.0042 21  A   B N1    
452 C C2    . A   B 10 ? 0.1050 0.1148 0.1019 0.0115  -0.0172 0.0059  21  A   B C2    
453 N N3    . A   B 10 ? 0.1037 0.1165 0.1022 0.0122  -0.0118 0.0089  21  A   B N3    
454 C C4    . A   B 10 ? 0.0853 0.1167 0.1074 -0.0018 -0.0029 -0.0013 21  A   B C4    
455 P P     . A   B 11 ? 0.1010 0.1153 0.1349 0.0000  -0.0014 -0.0137 22  A   B P     
456 O OP1   . A   B 11 ? 0.1029 0.1349 0.1676 0.0207  -0.0204 -0.0091 22  A   B OP1   
457 O OP2   . A   B 11 ? 0.1215 0.1159 0.1331 -0.0124 0.0064  -0.0140 22  A   B OP2   
458 O "O5'" . A   B 11 ? 0.1108 0.1088 0.1348 0.0021  -0.0038 -0.0214 22  A   B "O5'" 
459 C "C5'" . A   B 11 ? 0.0952 0.0977 0.1646 -0.0143 -0.0006 -0.0248 22  A   B "C5'" 
460 C "C4'" . A   B 11 ? 0.1037 0.1100 0.1705 -0.0002 0.0012  -0.0281 22  A   B "C4'" 
461 O "O4'" . A   B 11 ? 0.1098 0.1169 0.1389 -0.0023 0.0102  -0.0295 22  A   B "O4'" 
462 C "C3'" . A   B 11 ? 0.0919 0.1251 0.1730 -0.0012 0.0104  -0.0369 22  A   B "C3'" 
463 O "O3'" . A   B 11 ? 0.0872 0.1246 0.1872 0.0009  0.0040  -0.0361 22  A   B "O3'" 
464 C "C2'" . A   B 11 ? 0.0901 0.1108 0.1482 -0.0159 0.0155  -0.0347 22  A   B "C2'" 
465 O "O2'" . A   B 11 ? 0.1128 0.1421 0.1587 -0.0013 0.0076  -0.0464 22  A   B "O2'" 
466 C "C1'" . A   B 11 ? 0.1128 0.1092 0.1473 -0.0021 0.0088  -0.0289 22  A   B "C1'" 
467 N N9    . A   B 11 ? 0.1022 0.1176 0.1619 -0.0027 0.0011  -0.0267 22  A   B N9    
468 C C8    . A   B 11 ? 0.0946 0.1301 0.1678 -0.0077 0.0058  -0.0295 22  A   B C8    
469 N N7    . A   B 11 ? 0.1030 0.1108 0.1333 -0.0048 0.0042  -0.0219 22  A   B N7    
470 C C5    . A   B 11 ? 0.1133 0.1150 0.1420 0.0046  0.0028  -0.0155 22  A   B C5    
471 C C6    . A   B 11 ? 0.1090 0.1171 0.1519 0.0006  -0.0045 -0.0011 22  A   B C6    
472 N N6    . A   B 11 ? 0.1139 0.1459 0.1635 0.0061  -0.0096 -0.0239 22  A   B N6    
473 N N1    . A   B 11 ? 0.1531 0.1364 0.1613 0.0182  -0.0001 -0.0170 22  A   B N1    
474 C C2    . A   B 11 ? 0.1404 0.1315 0.1563 0.0150  0.0024  0.0094  22  A   B C2    
475 N N3    . A   B 11 ? 0.1409 0.1187 0.1658 0.0120  0.0017  -0.0038 22  A   B N3    
476 C C4    . A   B 11 ? 0.1101 0.1113 0.1525 -0.0007 -0.0065 -0.0256 22  A   B C4    
477 N N     . NH4 C .  ? 0.1507 0.0795 0.1062 -0.0164 0.0021  0.0053  101 NH4 A N     
482 N N     . NH4 D .  ? 0.1719 0.1067 0.1308 0.0278  -0.0324 0.0117  102 NH4 A N     
487 N N     . NH4 E .  ? 0.1277 0.1146 0.1159 -0.0270 -0.0108 0.0389  103 NH4 A N     
492 N N     . NH4 F .  ? 0.2203 0.1425 0.2022 0.0771  0.1166  0.0721  104 NH4 A N     
497 N N     . NH4 G .  ? 0.1073 0.1570 0.1016 0.0076  -0.0113 0.0213  105 NH4 A N     
502 N N     . NH4 H .  ? 0.1201 0.1105 0.1297 -0.0015 -0.0107 0.0127  106 NH4 A N     
507 N N     . NH4 I .  ? 0.1622 0.1413 0.0935 0.0567  0.0093  0.0241  107 NH4 A N     
512 N N     . NH4 J .  ? 0.1059 0.1021 0.0846 0.0151  0.0018  0.0023  108 NH4 A N     
517 N N     . NH4 K .  ? 0.0985 0.0897 0.1069 -0.0080 0.0151  -0.0029 109 NH4 A N     
522 N N     . NH4 L .  ? 0.1053 0.1467 0.1466 0.0367  0.0179  0.0109  110 NH4 A N     
527 N N     . NH4 M .  ? 0.1020 0.1293 0.1958 0.0036  0.0025  -0.0189 111 NH4 A N     
537 N N     . NH4 O .  ? 0.0969 0.0931 0.1333 0.0194  0.0023  -0.0147 101 NH4 B N     
542 N N     . NH4 P .  ? 0.1513 0.1086 0.1424 -0.0076 0.0276  0.0136  102 NH4 B N     
547 N N     . NH4 Q .  ? 0.0949 0.1245 0.0877 -0.0002 0.0058  0.0035  103 NH4 B N     
552 N N     . NH4 R .  ? 0.1372 0.1287 0.1211 0.0361  -0.0282 -0.0116 104 NH4 B N     
557 N N     . NH4 S .  ? 0.1469 0.1334 0.1511 0.0002  0.0146  -0.0039 105 NH4 B N     
562 N N     . NH4 T .  ? 0.1342 0.1170 0.1478 0.0182  -0.0094 -0.0187 106 NH4 B N     
568 O O     . HOH U .  ? 0.5017 0.2008 0.1792 -0.0354 -0.1241 0.0122  202 HOH A O     
570 O O     . HOH U .  ? 0.4174 0.1742 0.2058 -0.0577 0.1377  -0.0511 204 HOH A O     
571 O O     . HOH U .  ? 0.1524 0.1530 0.1760 -0.0132 -0.0035 0.0107  205 HOH A O     
574 O O     . HOH U .  ? 0.2971 0.2071 0.4266 -0.0330 0.1619  -0.0946 208 HOH A O     
576 O O     . HOH U .  ? 0.1693 0.3238 0.1538 -0.0480 0.0063  -0.0169 210 HOH A O     
577 O O     . HOH U .  ? 0.2902 0.3032 0.4077 0.1007  0.1454  0.1872  211 HOH A O     
578 O O     . HOH U .  ? 0.1802 0.4351 0.1589 -0.0217 0.0237  0.0869  212 HOH A O     
581 O O     . HOH U .  ? 0.2698 0.2394 0.1849 -0.0045 -0.0047 0.0227  215 HOH A O     
584 O O     . HOH U .  ? 0.1325 0.2640 0.1705 -0.0039 -0.0166 0.0462  218 HOH A O     
586 O O     . HOH U .  ? 0.2213 0.2432 0.3570 -0.0279 0.0706  -0.0066 220 HOH A O     
588 O O     . HOH U .  ? 0.2712 0.5197 0.2121 0.1391  -0.0731 -0.0114 222 HOH A O     
589 O O     . HOH U .  ? 0.4222 0.3158 0.1167 -0.0480 0.0148  0.0082  223 HOH A O     
593 O O     . HOH U .  ? 0.3778 0.3328 0.2263 -0.1553 -0.0996 -0.0114 227 HOH A O     
594 O O     . HOH U .  ? 0.2143 0.1565 0.1846 0.0261  -0.0319 0.0567  228 HOH A O     
595 O O     . HOH U .  ? 0.3148 0.4692 0.5451 0.0766  -0.1299 -0.2609 229 HOH A O     
597 O O     . HOH U .  ? 0.4344 0.1914 0.1954 0.0106  -0.0122 0.0480  231 HOH A O     
598 O O     . HOH U .  ? 0.1849 0.1646 0.1663 0.0134  -0.0237 0.0194  232 HOH A O     
602 O O     . HOH U .  ? 0.2809 0.4225 0.3368 -0.1635 -0.0264 0.0676  236 HOH A O     
603 O O     . HOH U .  ? 0.2650 0.1538 0.4742 -0.0127 0.0253  0.0945  237 HOH A O     
604 O O     . HOH U .  ? 0.8238 0.8183 0.7465 -0.0094 -0.0323 -0.0023 238 HOH A O     
606 O O     . HOH V .  ? 0.2545 0.4681 0.1953 -0.1119 -0.0587 0.1279  202 HOH B O     
607 O O     . HOH V .  ? 0.4603 0.1561 0.2184 -0.0479 -0.0605 0.0576  203 HOH B O     
608 O O     . HOH V .  ? 0.2181 0.3596 0.3062 -0.1152 -0.1067 0.1799  204 HOH B O     
609 O O     . HOH V .  ? 0.4605 0.2825 0.2000 -0.1886 -0.1076 0.0558  205 HOH B O     
612 O O     . HOH V .  ? 0.5812 0.2310 0.2585 -0.0421 0.1794  -0.0467 208 HOH B O     
614 O O     . HOH V .  ? 0.5469 0.2711 0.2779 -0.0071 0.0188  0.0609  210 HOH B O     
615 O O     . HOH V .  ? 0.4120 0.2923 0.3829 -0.1251 -0.1566 0.1168  211 HOH B O     
617 O O     . HOH V .  ? 0.2854 0.2512 0.2453 0.1347  0.1334  0.1177  213 HOH B O     
619 O O     . HOH V .  ? 0.6024 0.3159 0.1769 -0.0334 0.0707  0.0380  215 HOH B O     
621 O O     . HOH V .  ? 0.4550 0.2748 0.6065 -0.1364 -0.0850 -0.1031 217 HOH B O     
622 O O     . HOH V .  ? 0.1460 0.1666 0.1585 -0.0175 0.0060  -0.0187 218 HOH B O     
623 O O     . HOH V .  ? 0.1826 0.1709 0.2294 0.0011  0.0429  -0.0035 219 HOH B O     
624 O O     . HOH V .  ? 0.3332 0.3832 0.2701 0.0403  -0.0865 -0.0293 220 HOH B O     
625 O O     . HOH V .  ? 0.2609 0.2858 0.3541 -0.0559 0.0959  -0.1311 221 HOH B O     
628 O O     . HOH V .  ? 0.1761 0.2674 0.2923 -0.0108 -0.0606 0.0207  224 HOH B O     
630 O O     . HOH V .  ? 0.3721 0.2350 0.2539 0.0880  0.1679  0.0737  226 HOH B O     
637 O O     . HOH V .  ? 0.5388 0.3476 0.3107 -0.2102 0.0029  -0.0913 233 HOH B O     
# 
